data_7RBX
#
_entry.id   7RBX
#
_cell.length_a   76.750
_cell.length_b   136.270
_cell.length_c   181.980
_cell.angle_alpha   90.000
_cell.angle_beta   90.000
_cell.angle_gamma   90.000
#
_symmetry.space_group_name_H-M   'P 21 21 21'
#
loop_
_entity.id
_entity.type
_entity.pdbx_description
1 polymer Isocitrase
2 non-polymer 1,2-ETHANEDIOL
3 non-polymer '2-methylidenebutanedioic acid'
4 non-polymer 'MAGNESIUM ION'
5 non-polymer 'SULFATE ION'
6 water water
#
_entity_poly.entity_id   1
_entity_poly.type   'polypeptide(L)'
_entity_poly.pdbx_seq_one_letter_code
;MAHHHHHHMGTLEAQTQGPGSMTDFYSLIPSAPKGRFDGIERAHTAEDVKRLRGSVEIKYSLAEMGANRLWKLIHEEDFV
NALGALSGNQAMQMVRAGLKAIYLSGWQVAADANTASAMYPDQSLYPANAGPELAKRINRTLQRADQIETAEGKGLSVDT
WFAPIVADAEAGFGGPLDAFEIMKAYIEAGAAGVHFEDQLASEKKCGHLGGKVLIPTAAHIRNLNAARLAADVMGTPTLI
VARTDAEAAKLLTSDIDERDQPFVDYEAGRTAEGFYQVKNGIEPCIARAIAYAPYCDLIWMETSKPDLAQARRFAEAVHK
AHPGKLLAYNCSPSFNWKKNLDDATIAKFQRELGAMGYKFQFITLAGFHQLNYGMFELARGYKDRQMAAYSELQQAEFAA
EADGYTATKHQREVGTGYFDAVSLAITGGQSSTTAMKESTETAQFKPAAE
;
_entity_poly.pdbx_strand_id   A,B,C,D
#
loop_
_chem_comp.id
_chem_comp.type
_chem_comp.name
_chem_comp.formula
EDO non-polymer 1,2-ETHANEDIOL 'C2 H6 O2'
ITN non-polymer '2-methylidenebutanedioic acid' 'C5 H6 O4'
MG non-polymer 'MAGNESIUM ION' 'Mg 2'
SO4 non-polymer 'SULFATE ION' 'O4 S -2'
#
# COMPACT_ATOMS: atom_id res chain seq x y z
N ASP A 24 -1.13 -18.31 34.85
CA ASP A 24 0.23 -18.00 34.48
C ASP A 24 0.31 -17.68 32.99
N PHE A 25 1.53 -17.62 32.44
CA PHE A 25 1.65 -17.18 31.05
C PHE A 25 1.35 -18.30 30.07
N TYR A 26 1.59 -19.56 30.44
CA TYR A 26 1.26 -20.65 29.54
C TYR A 26 -0.22 -20.67 29.21
N SER A 27 -1.08 -20.37 30.19
CA SER A 27 -2.51 -20.33 29.92
CA SER A 27 -2.51 -20.33 29.93
C SER A 27 -2.85 -19.25 28.91
N LEU A 28 -2.12 -18.13 28.93
CA LEU A 28 -2.35 -17.03 28.01
C LEU A 28 -1.80 -17.30 26.61
N ILE A 29 -0.87 -18.23 26.50
CA ILE A 29 -0.22 -18.56 25.23
C ILE A 29 -0.42 -20.07 25.03
N PRO A 30 -1.58 -20.49 24.52
CA PRO A 30 -1.92 -21.91 24.59
C PRO A 30 -1.02 -22.80 23.74
N SER A 31 -0.43 -22.28 22.66
CA SER A 31 0.42 -23.13 21.84
C SER A 31 1.84 -23.22 22.36
N ALA A 32 2.19 -22.51 23.44
CA ALA A 32 3.55 -22.55 23.94
C ALA A 32 3.90 -23.96 24.41
N PRO A 33 5.02 -24.53 23.99
CA PRO A 33 5.41 -25.85 24.47
C PRO A 33 5.95 -25.80 25.89
N LYS A 34 5.99 -26.97 26.53
CA LYS A 34 6.51 -27.06 27.89
C LYS A 34 7.95 -26.54 27.93
N GLY A 35 8.24 -25.75 28.96
CA GLY A 35 9.56 -25.17 29.14
C GLY A 35 9.87 -23.97 28.27
N ARG A 36 8.93 -23.55 27.40
CA ARG A 36 9.18 -22.45 26.47
C ARG A 36 9.74 -21.21 27.17
N PHE A 37 9.22 -20.88 28.36
CA PHE A 37 9.62 -19.67 29.04
C PHE A 37 10.53 -19.94 30.24
N ASP A 38 11.21 -21.09 30.27
CA ASP A 38 12.20 -21.32 31.32
C ASP A 38 13.25 -20.22 31.29
N GLY A 39 13.53 -19.65 32.45
CA GLY A 39 14.55 -18.61 32.55
C GLY A 39 14.15 -17.25 32.04
N ILE A 40 12.92 -17.07 31.56
CA ILE A 40 12.48 -15.81 30.97
C ILE A 40 11.78 -14.98 32.04
N GLU A 41 12.20 -13.73 32.19
CA GLU A 41 11.60 -12.79 33.12
C GLU A 41 10.73 -11.81 32.35
N ARG A 42 9.72 -11.27 33.03
CA ARG A 42 8.81 -10.30 32.43
C ARG A 42 8.61 -9.15 33.41
N ALA A 43 8.54 -7.93 32.87
CA ALA A 43 8.25 -6.77 33.71
C ALA A 43 6.78 -6.69 34.09
N HIS A 44 5.90 -7.27 33.27
CA HIS A 44 4.46 -7.24 33.44
C HIS A 44 3.93 -8.55 34.01
N THR A 45 2.65 -8.53 34.39
CA THR A 45 2.00 -9.69 35.00
C THR A 45 1.04 -10.33 34.02
N ALA A 46 0.57 -11.53 34.37
CA ALA A 46 -0.45 -12.18 33.56
C ALA A 46 -1.75 -11.37 33.57
N GLU A 47 -2.05 -10.71 34.69
CA GLU A 47 -3.24 -9.86 34.73
C GLU A 47 -3.11 -8.67 33.78
N ASP A 48 -1.90 -8.12 33.65
CA ASP A 48 -1.68 -7.07 32.65
C ASP A 48 -2.04 -7.58 31.25
N VAL A 49 -1.61 -8.79 30.92
CA VAL A 49 -1.88 -9.33 29.58
C VAL A 49 -3.39 -9.43 29.35
N LYS A 50 -4.13 -9.96 30.31
CA LYS A 50 -5.58 -10.08 30.13
C LYS A 50 -6.23 -8.71 30.03
N ARG A 51 -5.71 -7.73 30.77
CA ARG A 51 -6.30 -6.40 30.71
CA ARG A 51 -6.28 -6.39 30.72
C ARG A 51 -6.08 -5.74 29.35
N LEU A 52 -4.97 -6.06 28.68
CA LEU A 52 -4.52 -5.32 27.51
C LEU A 52 -4.76 -6.05 26.20
N ARG A 53 -5.32 -7.25 26.22
CA ARG A 53 -5.40 -8.03 25.00
C ARG A 53 -6.77 -7.99 24.31
N GLY A 54 -7.73 -7.23 24.84
CA GLY A 54 -9.07 -7.22 24.28
C GLY A 54 -9.91 -8.38 24.78
N SER A 55 -11.15 -8.44 24.31
CA SER A 55 -12.09 -9.39 24.88
C SER A 55 -12.31 -10.63 24.03
N VAL A 56 -11.70 -10.74 22.85
CA VAL A 56 -11.94 -11.88 21.97
C VAL A 56 -10.62 -12.53 21.61
N GLU A 57 -10.68 -13.83 21.36
CA GLU A 57 -9.52 -14.59 20.94
C GLU A 57 -9.40 -14.54 19.42
N ILE A 58 -8.31 -13.94 18.94
CA ILE A 58 -7.97 -13.95 17.51
C ILE A 58 -6.73 -14.81 17.36
N LYS A 59 -6.78 -15.78 16.46
CA LYS A 59 -5.67 -16.69 16.20
C LYS A 59 -4.70 -16.12 15.16
N TYR A 60 -3.42 -16.39 15.37
CA TYR A 60 -2.35 -16.02 14.43
C TYR A 60 -1.60 -17.32 14.09
N SER A 61 -2.18 -18.10 13.17
CA SER A 61 -1.79 -19.49 12.98
C SER A 61 -0.36 -19.60 12.49
N LEU A 62 0.01 -18.83 11.46
CA LEU A 62 1.37 -18.93 10.94
C LEU A 62 2.40 -18.47 11.96
N ALA A 63 2.07 -17.47 12.78
CA ALA A 63 2.99 -17.09 13.86
C ALA A 63 3.15 -18.18 14.90
N GLU A 64 2.05 -18.84 15.28
CA GLU A 64 2.13 -19.96 16.21
C GLU A 64 3.00 -21.08 15.66
N MET A 65 2.66 -21.54 14.46
CA MET A 65 3.37 -22.66 13.86
C MET A 65 4.83 -22.32 13.66
N GLY A 66 5.12 -21.10 13.20
CA GLY A 66 6.50 -20.74 12.95
C GLY A 66 7.32 -20.65 14.21
N ALA A 67 6.78 -20.00 15.24
CA ALA A 67 7.53 -19.88 16.49
C ALA A 67 7.77 -21.25 17.12
N ASN A 68 6.77 -22.13 17.09
CA ASN A 68 6.99 -23.45 17.68
C ASN A 68 7.92 -24.30 16.83
N ARG A 69 7.90 -24.14 15.50
CA ARG A 69 8.84 -24.87 14.68
C ARG A 69 10.25 -24.33 14.85
N LEU A 70 10.41 -23.01 14.93
CA LEU A 70 11.73 -22.45 15.18
C LEU A 70 12.28 -22.91 16.54
N TRP A 71 11.42 -22.94 17.56
CA TRP A 71 11.84 -23.43 18.88
C TRP A 71 12.32 -24.87 18.80
N LYS A 72 11.57 -25.71 18.09
CA LYS A 72 12.00 -27.10 17.91
C LYS A 72 13.32 -27.17 17.17
N LEU A 73 13.46 -26.42 16.08
CA LEU A 73 14.66 -26.54 15.26
C LEU A 73 15.93 -26.12 16.00
N ILE A 74 15.91 -24.97 16.69
CA ILE A 74 17.14 -24.51 17.33
C ILE A 74 17.54 -25.39 18.51
N HIS A 75 16.64 -26.25 18.99
CA HIS A 75 16.99 -27.19 20.04
C HIS A 75 17.28 -28.59 19.52
N GLU A 76 16.83 -28.92 18.32
CA GLU A 76 17.03 -30.26 17.77
C GLU A 76 18.21 -30.37 16.81
N GLU A 77 18.48 -29.34 16.02
CA GLU A 77 19.56 -29.35 15.05
C GLU A 77 20.89 -29.00 15.71
N ASP A 78 21.99 -29.36 15.04
CA ASP A 78 23.29 -28.91 15.52
C ASP A 78 23.40 -27.40 15.42
N PHE A 79 22.83 -26.81 14.36
CA PHE A 79 22.58 -25.37 14.26
C PHE A 79 21.62 -25.16 13.11
N VAL A 80 20.95 -24.01 13.13
CA VAL A 80 20.01 -23.62 12.08
C VAL A 80 20.65 -22.49 11.29
N ASN A 81 20.91 -22.71 10.00
CA ASN A 81 21.48 -21.63 9.21
C ASN A 81 20.47 -21.13 8.18
N ALA A 82 20.58 -19.83 7.87
CA ALA A 82 19.59 -19.18 7.03
C ALA A 82 20.27 -18.12 6.17
N LEU A 83 19.57 -17.70 5.12
CA LEU A 83 19.99 -16.64 4.21
C LEU A 83 18.92 -15.56 4.20
N GLY A 84 19.34 -14.30 4.04
CA GLY A 84 18.40 -13.19 3.96
C GLY A 84 17.64 -13.17 2.64
N ALA A 85 16.31 -13.24 2.70
CA ALA A 85 15.47 -13.27 1.50
C ALA A 85 14.84 -11.90 1.28
N LEU A 86 14.93 -11.39 0.06
CA LEU A 86 14.28 -10.11 -0.21
C LEU A 86 12.99 -10.26 -1.00
N SER A 87 12.58 -11.48 -1.33
CA SER A 87 11.30 -11.68 -2.01
C SER A 87 10.76 -13.06 -1.66
N GLY A 88 9.47 -13.23 -1.90
CA GLY A 88 8.84 -14.52 -1.66
C GLY A 88 9.44 -15.63 -2.49
N ASN A 89 9.74 -15.36 -3.76
CA ASN A 89 10.38 -16.37 -4.61
C ASN A 89 11.74 -16.78 -4.06
N GLN A 90 12.54 -15.83 -3.59
CA GLN A 90 13.83 -16.20 -3.01
C GLN A 90 13.62 -17.14 -1.83
N ALA A 91 12.65 -16.85 -0.97
CA ALA A 91 12.41 -17.69 0.20
C ALA A 91 11.93 -19.07 -0.22
N MET A 92 11.09 -19.12 -1.25
CA MET A 92 10.58 -20.41 -1.73
C MET A 92 11.73 -21.30 -2.21
N GLN A 93 12.69 -20.73 -2.94
CA GLN A 93 13.79 -21.58 -3.39
C GLN A 93 14.71 -21.99 -2.25
N MET A 94 14.85 -21.14 -1.22
CA MET A 94 15.63 -21.52 -0.04
C MET A 94 15.03 -22.75 0.62
N VAL A 95 13.71 -22.76 0.80
CA VAL A 95 13.02 -23.89 1.39
C VAL A 95 13.10 -25.11 0.47
N ARG A 96 12.93 -24.89 -0.84
CA ARG A 96 12.99 -26.01 -1.77
C ARG A 96 14.35 -26.68 -1.74
N ALA A 97 15.41 -25.89 -1.57
CA ALA A 97 16.77 -26.43 -1.53
C ALA A 97 17.08 -27.12 -0.21
N GLY A 98 16.20 -27.00 0.77
CA GLY A 98 16.33 -27.74 2.02
C GLY A 98 16.73 -26.91 3.21
N LEU A 99 16.83 -25.58 3.08
CA LEU A 99 17.09 -24.78 4.27
C LEU A 99 15.85 -24.80 5.15
N LYS A 100 16.06 -24.71 6.47
CA LYS A 100 14.98 -24.93 7.41
CA LYS A 100 15.01 -24.94 7.44
C LYS A 100 14.42 -23.64 8.01
N ALA A 101 15.02 -22.50 7.71
CA ALA A 101 14.54 -21.21 8.22
C ALA A 101 14.86 -20.16 7.18
N ILE A 102 14.17 -19.01 7.29
CA ILE A 102 14.34 -17.88 6.40
C ILE A 102 14.70 -16.66 7.24
N TYR A 103 15.67 -15.87 6.79
CA TYR A 103 16.03 -14.64 7.49
C TYR A 103 15.48 -13.47 6.69
N LEU A 104 14.93 -12.47 7.40
CA LEU A 104 14.37 -11.27 6.78
C LEU A 104 15.19 -10.09 7.26
N SER A 105 15.92 -9.46 6.35
CA SER A 105 16.91 -8.44 6.65
C SER A 105 16.32 -7.06 6.42
N GLY A 106 16.44 -6.18 7.43
CA GLY A 106 16.02 -4.80 7.26
C GLY A 106 16.92 -4.03 6.31
N TRP A 107 18.20 -4.42 6.23
CA TRP A 107 19.08 -3.83 5.24
C TRP A 107 18.54 -4.08 3.84
N GLN A 108 18.09 -5.30 3.58
CA GLN A 108 17.57 -5.63 2.26
C GLN A 108 16.22 -4.96 2.02
N VAL A 109 15.40 -4.84 3.06
CA VAL A 109 14.15 -4.07 2.96
C VAL A 109 14.47 -2.65 2.52
N ALA A 110 15.47 -2.03 3.16
CA ALA A 110 15.87 -0.67 2.79
C ALA A 110 16.36 -0.62 1.35
N ALA A 111 17.10 -1.65 0.92
CA ALA A 111 17.75 -1.61 -0.38
C ALA A 111 16.75 -1.75 -1.53
N ASP A 112 15.76 -2.63 -1.39
CA ASP A 112 15.02 -3.06 -2.58
C ASP A 112 13.64 -3.63 -2.28
N ALA A 113 13.12 -3.51 -1.06
CA ALA A 113 11.83 -4.12 -0.76
C ALA A 113 11.11 -3.39 0.39
N ASN A 114 10.85 -2.09 0.25
CA ASN A 114 10.16 -1.38 1.33
C ASN A 114 8.93 -0.63 0.80
N THR A 115 8.12 -0.17 1.75
CA THR A 115 6.83 0.47 1.48
C THR A 115 6.94 1.95 1.11
N ALA A 116 8.14 2.53 1.02
CA ALA A 116 8.30 3.83 0.39
C ALA A 116 8.71 3.73 -1.07
N SER A 117 8.88 2.52 -1.59
CA SER A 117 9.29 2.29 -2.97
C SER A 117 10.54 3.11 -3.34
N ALA A 118 11.56 3.01 -2.49
CA ALA A 118 12.81 3.73 -2.68
C ALA A 118 13.98 2.81 -2.34
N MET A 119 15.16 3.18 -2.82
CA MET A 119 16.40 2.51 -2.40
C MET A 119 17.04 3.33 -1.29
N TYR A 120 17.23 2.71 -0.13
CA TYR A 120 17.80 3.40 1.02
C TYR A 120 19.01 2.65 1.56
N PRO A 121 19.96 3.39 2.13
CA PRO A 121 20.94 2.76 3.03
C PRO A 121 20.27 2.35 4.33
N ASP A 122 21.03 1.63 5.15
CA ASP A 122 20.47 0.92 6.30
C ASP A 122 20.49 1.83 7.52
N GLN A 123 19.50 2.73 7.57
CA GLN A 123 19.46 3.77 8.59
C GLN A 123 18.03 4.03 9.10
N SER A 124 17.17 3.00 9.03
CA SER A 124 15.77 3.10 9.46
C SER A 124 15.05 4.23 8.76
N LEU A 125 15.30 4.38 7.45
CA LEU A 125 14.70 5.45 6.67
C LEU A 125 13.34 5.09 6.10
N TYR A 126 13.07 3.80 5.92
CA TYR A 126 11.82 3.37 5.31
C TYR A 126 10.73 3.31 6.38
N PRO A 127 9.45 3.23 5.96
CA PRO A 127 8.37 3.25 6.95
C PRO A 127 8.30 1.95 7.74
N ALA A 128 7.86 2.07 9.01
CA ALA A 128 7.97 0.97 9.97
C ALA A 128 7.19 -0.28 9.59
N ASN A 129 6.25 -0.20 8.64
CA ASN A 129 5.49 -1.38 8.24
C ASN A 129 6.19 -2.23 7.18
N ALA A 130 7.35 -1.80 6.67
CA ALA A 130 7.92 -2.46 5.50
C ALA A 130 8.38 -3.89 5.81
N GLY A 131 9.04 -4.09 6.95
CA GLY A 131 9.49 -5.41 7.34
C GLY A 131 8.37 -6.42 7.44
N PRO A 132 7.34 -6.11 8.25
CA PRO A 132 6.19 -7.01 8.34
C PRO A 132 5.52 -7.25 6.99
N GLU A 133 5.45 -6.25 6.10
CA GLU A 133 4.84 -6.49 4.79
C GLU A 133 5.65 -7.49 3.98
N LEU A 134 6.98 -7.44 4.08
CA LEU A 134 7.80 -8.44 3.40
C LEU A 134 7.58 -9.83 4.01
N ALA A 135 7.43 -9.91 5.33
CA ALA A 135 7.19 -11.21 5.95
C ALA A 135 5.89 -11.81 5.45
N LYS A 136 4.86 -10.97 5.29
CA LYS A 136 3.61 -11.46 4.74
C LYS A 136 3.79 -11.96 3.33
N ARG A 137 4.52 -11.22 2.49
CA ARG A 137 4.79 -11.69 1.13
C ARG A 137 5.45 -13.05 1.14
N ILE A 138 6.44 -13.25 2.01
CA ILE A 138 7.15 -14.52 2.04
C ILE A 138 6.19 -15.65 2.42
N ASN A 139 5.41 -15.44 3.49
CA ASN A 139 4.49 -16.50 3.90
C ASN A 139 3.46 -16.79 2.81
N ARG A 140 3.03 -15.77 2.07
CA ARG A 140 2.05 -16.02 1.01
C ARG A 140 2.64 -16.85 -0.12
N THR A 141 3.89 -16.59 -0.48
CA THR A 141 4.53 -17.41 -1.51
C THR A 141 4.67 -18.85 -1.04
N LEU A 142 5.09 -19.04 0.21
CA LEU A 142 5.22 -20.39 0.75
C LEU A 142 3.87 -21.08 0.80
N GLN A 143 2.81 -20.30 1.12
CA GLN A 143 1.46 -20.83 1.12
C GLN A 143 1.06 -21.34 -0.26
N ARG A 144 1.37 -20.58 -1.30
CA ARG A 144 1.02 -21.06 -2.65
C ARG A 144 1.83 -22.28 -3.03
N ALA A 145 3.12 -22.32 -2.68
CA ALA A 145 3.91 -23.51 -2.98
C ALA A 145 3.31 -24.74 -2.34
N ASP A 146 2.86 -24.61 -1.09
CA ASP A 146 2.20 -25.70 -0.39
C ASP A 146 0.88 -26.08 -1.05
N GLN A 147 0.10 -25.08 -1.49
CA GLN A 147 -1.16 -25.39 -2.15
C GLN A 147 -0.93 -26.17 -3.44
N ILE A 148 0.10 -25.79 -4.19
CA ILE A 148 0.39 -26.45 -5.47
C ILE A 148 0.68 -27.93 -5.23
N GLU A 149 1.58 -28.21 -4.29
CA GLU A 149 1.98 -29.59 -4.07
C GLU A 149 0.85 -30.39 -3.44
N THR A 150 0.09 -29.77 -2.53
CA THR A 150 -1.04 -30.49 -1.94
C THR A 150 -2.06 -30.88 -3.00
N ALA A 151 -2.35 -29.99 -3.95
CA ALA A 151 -3.33 -30.31 -4.97
C ALA A 151 -2.82 -31.37 -5.93
N GLU A 152 -1.50 -31.49 -6.10
CA GLU A 152 -0.96 -32.54 -6.97
C GLU A 152 -1.05 -33.92 -6.33
N GLY A 153 -1.22 -34.00 -5.01
CA GLY A 153 -1.61 -35.25 -4.39
C GLY A 153 -0.51 -36.27 -4.25
N LYS A 154 0.75 -35.87 -4.37
CA LYS A 154 1.87 -36.81 -4.28
C LYS A 154 2.75 -36.54 -3.07
N GLY A 155 2.28 -35.73 -2.14
CA GLY A 155 3.09 -35.33 -0.99
C GLY A 155 3.90 -34.08 -1.28
N LEU A 156 4.49 -33.55 -0.20
CA LEU A 156 5.36 -32.39 -0.32
C LEU A 156 6.77 -32.84 -0.68
N SER A 157 7.52 -31.92 -1.29
CA SER A 157 8.92 -32.16 -1.65
C SER A 157 9.87 -31.61 -0.60
N VAL A 158 9.33 -31.15 0.54
CA VAL A 158 10.07 -30.54 1.63
C VAL A 158 9.40 -31.01 2.92
N ASP A 159 10.11 -30.87 4.04
CA ASP A 159 9.50 -31.20 5.33
C ASP A 159 8.25 -30.35 5.56
N THR A 160 8.36 -29.06 5.29
CA THR A 160 7.21 -28.15 5.32
C THR A 160 7.57 -26.97 4.44
N TRP A 161 6.56 -26.38 3.80
CA TRP A 161 6.83 -25.10 3.13
C TRP A 161 6.94 -23.95 4.12
N PHE A 162 6.37 -24.08 5.31
CA PHE A 162 6.31 -22.97 6.25
C PHE A 162 7.53 -22.98 7.17
N ALA A 163 8.68 -22.75 6.56
CA ALA A 163 9.90 -22.58 7.33
C ALA A 163 9.78 -21.31 8.17
N PRO A 164 10.27 -21.32 9.41
CA PRO A 164 10.14 -20.13 10.26
C PRO A 164 10.92 -18.95 9.72
N ILE A 165 10.35 -17.76 9.85
CA ILE A 165 10.98 -16.50 9.45
C ILE A 165 11.50 -15.80 10.69
N VAL A 166 12.80 -15.51 10.72
CA VAL A 166 13.39 -14.64 11.73
C VAL A 166 13.57 -13.27 11.08
N ALA A 167 12.97 -12.24 11.67
CA ALA A 167 12.83 -10.95 11.01
C ALA A 167 13.42 -9.81 11.82
N ASP A 168 13.84 -8.78 11.08
CA ASP A 168 14.53 -7.60 11.59
C ASP A 168 13.54 -6.52 12.02
N ALA A 169 13.50 -6.17 13.31
CA ALA A 169 12.75 -5.00 13.76
C ALA A 169 13.64 -3.81 14.09
N GLU A 170 14.92 -3.88 13.71
CA GLU A 170 15.87 -2.75 13.81
C GLU A 170 15.91 -2.29 15.26
N ALA A 171 15.74 -1.01 15.55
CA ALA A 171 15.74 -0.53 16.91
C ALA A 171 14.31 -0.26 17.40
N GLY A 172 13.32 -0.86 16.76
CA GLY A 172 11.94 -0.69 17.14
C GLY A 172 11.24 0.49 16.54
N PHE A 173 11.94 1.31 15.74
CA PHE A 173 11.39 2.50 15.09
C PHE A 173 10.87 3.53 16.08
N GLY A 174 11.52 3.62 17.23
CA GLY A 174 11.16 4.64 18.21
C GLY A 174 11.34 4.14 19.62
N GLY A 175 10.31 4.29 20.44
CA GLY A 175 10.38 3.91 21.81
C GLY A 175 9.70 2.58 22.07
N PRO A 176 9.50 2.24 23.34
CA PRO A 176 8.89 0.96 23.66
C PRO A 176 7.54 0.70 22.98
N LEU A 177 6.70 1.72 22.83
CA LEU A 177 5.41 1.48 22.17
C LEU A 177 5.58 1.21 20.69
N ASP A 178 6.61 1.78 20.07
CA ASP A 178 6.92 1.46 18.69
C ASP A 178 7.43 0.04 18.53
N ALA A 179 8.26 -0.42 19.48
CA ALA A 179 8.70 -1.82 19.46
C ALA A 179 7.53 -2.76 19.66
N PHE A 180 6.62 -2.40 20.56
CA PHE A 180 5.37 -3.15 20.77
C PHE A 180 4.58 -3.28 19.46
N GLU A 181 4.46 -2.18 18.71
CA GLU A 181 3.66 -2.24 17.48
C GLU A 181 4.35 -3.05 16.40
N ILE A 182 5.66 -2.91 16.22
CA ILE A 182 6.27 -3.68 15.12
C ILE A 182 6.30 -5.16 15.46
N MET A 183 6.42 -5.51 16.75
CA MET A 183 6.31 -6.92 17.14
C MET A 183 4.93 -7.49 16.77
N LYS A 184 3.86 -6.77 17.13
CA LYS A 184 2.52 -7.23 16.76
C LYS A 184 2.38 -7.36 15.25
N ALA A 185 2.95 -6.41 14.49
CA ALA A 185 2.81 -6.46 13.04
C ALA A 185 3.52 -7.69 12.47
N TYR A 186 4.70 -8.00 12.98
CA TYR A 186 5.40 -9.22 12.52
C TYR A 186 4.62 -10.46 12.88
N ILE A 187 3.97 -10.48 14.05
CA ILE A 187 3.19 -11.65 14.46
C ILE A 187 1.99 -11.83 13.52
N GLU A 188 1.27 -10.75 13.24
CA GLU A 188 0.16 -10.85 12.28
C GLU A 188 0.63 -11.33 10.93
N ALA A 189 1.84 -10.94 10.53
CA ALA A 189 2.39 -11.35 9.25
C ALA A 189 2.90 -12.79 9.25
N GLY A 190 3.02 -13.41 10.42
CA GLY A 190 3.44 -14.78 10.50
C GLY A 190 4.91 -15.00 10.76
N ALA A 191 5.63 -13.99 11.26
CA ALA A 191 7.02 -14.20 11.61
C ALA A 191 7.12 -15.10 12.84
N ALA A 192 8.22 -15.85 12.91
CA ALA A 192 8.48 -16.77 14.01
C ALA A 192 9.38 -16.17 15.09
N GLY A 193 10.26 -15.26 14.70
CA GLY A 193 11.15 -14.60 15.65
C GLY A 193 11.48 -13.22 15.12
N VAL A 194 11.81 -12.30 16.04
CA VAL A 194 12.01 -10.90 15.73
C VAL A 194 13.19 -10.39 16.53
N HIS A 195 14.10 -9.66 15.89
CA HIS A 195 15.26 -9.13 16.61
C HIS A 195 15.21 -7.61 16.76
N PHE A 196 15.71 -7.15 17.91
CA PHE A 196 15.74 -5.74 18.32
C PHE A 196 17.13 -5.42 18.82
N GLU A 197 17.66 -4.24 18.48
CA GLU A 197 19.04 -3.88 18.79
C GLU A 197 19.09 -2.63 19.64
N ASP A 198 20.17 -2.49 20.40
CA ASP A 198 20.34 -1.40 21.36
C ASP A 198 20.95 -0.16 20.73
N GLN A 199 20.46 0.22 19.54
CA GLN A 199 20.84 1.47 18.90
C GLN A 199 19.76 2.53 19.08
N LEU A 200 20.18 3.78 18.95
CA LEU A 200 19.25 4.91 18.91
C LEU A 200 18.53 4.93 17.57
N ALA A 201 17.20 4.86 17.59
CA ALA A 201 16.45 4.69 16.34
C ALA A 201 16.69 5.84 15.36
N SER A 202 16.82 7.05 15.88
CA SER A 202 17.03 8.20 14.98
C SER A 202 18.41 8.24 14.37
N GLU A 203 19.36 7.41 14.85
CA GLU A 203 20.69 7.33 14.26
C GLU A 203 21.03 5.88 13.90
N LYS A 204 20.01 5.05 13.67
CA LYS A 204 20.21 3.62 13.43
C LYS A 204 21.13 3.39 12.23
N LYS A 205 21.94 2.32 12.32
CA LYS A 205 22.90 1.98 11.29
C LYS A 205 22.98 0.47 11.13
N CYS A 206 23.32 0.03 9.92
CA CYS A 206 23.83 -1.32 9.72
C CYS A 206 24.91 -1.63 10.75
N GLY A 207 24.94 -2.86 11.24
CA GLY A 207 25.92 -3.22 12.26
C GLY A 207 27.36 -3.00 11.84
N HIS A 208 27.63 -2.95 10.54
CA HIS A 208 29.00 -2.81 10.07
C HIS A 208 29.26 -1.46 9.42
N LEU A 209 28.46 -0.46 9.78
CA LEU A 209 28.73 0.93 9.44
C LEU A 209 29.24 1.67 10.67
N GLY A 210 29.93 2.79 10.43
CA GLY A 210 30.35 3.66 11.50
C GLY A 210 29.20 4.51 12.03
N GLY A 211 29.52 5.27 13.08
CA GLY A 211 28.58 6.24 13.62
C GLY A 211 27.39 5.66 14.36
N LYS A 212 27.54 4.48 14.96
CA LYS A 212 26.46 3.92 15.75
C LYS A 212 26.40 4.58 17.12
N VAL A 213 25.18 4.69 17.64
CA VAL A 213 24.91 5.28 18.95
C VAL A 213 24.12 4.28 19.76
N LEU A 214 24.63 3.90 20.92
CA LEU A 214 23.91 2.99 21.79
C LEU A 214 22.91 3.73 22.65
N ILE A 215 21.87 3.02 23.07
CA ILE A 215 20.94 3.50 24.09
C ILE A 215 21.33 2.83 25.40
N PRO A 216 20.85 3.31 26.55
CA PRO A 216 21.22 2.68 27.82
C PRO A 216 20.75 1.23 27.89
N THR A 217 21.48 0.43 28.65
CA THR A 217 21.10 -0.97 28.85
C THR A 217 19.64 -1.10 29.29
N ALA A 218 19.22 -0.27 30.26
CA ALA A 218 17.83 -0.30 30.70
C ALA A 218 16.86 0.05 29.57
N ALA A 219 17.25 0.95 28.68
CA ALA A 219 16.33 1.34 27.61
C ALA A 219 16.12 0.20 26.63
N HIS A 220 17.18 -0.58 26.37
CA HIS A 220 16.98 -1.71 25.48
C HIS A 220 16.14 -2.78 26.15
N ILE A 221 16.34 -2.99 27.45
CA ILE A 221 15.53 -3.96 28.17
C ILE A 221 14.05 -3.57 28.11
N ARG A 222 13.74 -2.27 28.16
CA ARG A 222 12.35 -1.85 28.00
C ARG A 222 11.80 -2.23 26.62
N ASN A 223 12.60 -2.08 25.56
CA ASN A 223 12.13 -2.50 24.24
C ASN A 223 11.91 -4.00 24.18
N LEU A 224 12.79 -4.76 24.82
CA LEU A 224 12.65 -6.22 24.81
C LEU A 224 11.40 -6.63 25.57
N ASN A 225 11.13 -5.98 26.70
CA ASN A 225 9.93 -6.26 27.46
C ASN A 225 8.69 -5.82 26.69
N ALA A 226 8.80 -4.72 25.93
CA ALA A 226 7.69 -4.32 25.07
C ALA A 226 7.38 -5.39 24.03
N ALA A 227 8.42 -5.98 23.44
CA ALA A 227 8.21 -7.03 22.46
C ALA A 227 7.59 -8.26 23.10
N ARG A 228 7.98 -8.59 24.33
CA ARG A 228 7.39 -9.76 24.97
C ARG A 228 5.93 -9.51 25.35
N LEU A 229 5.61 -8.31 25.83
CA LEU A 229 4.22 -7.98 26.11
C LEU A 229 3.38 -8.08 24.84
N ALA A 230 3.93 -7.66 23.70
CA ALA A 230 3.20 -7.76 22.45
C ALA A 230 2.91 -9.22 22.10
N ALA A 231 3.93 -10.08 22.21
CA ALA A 231 3.70 -11.50 21.94
C ALA A 231 2.66 -12.08 22.91
N ASP A 232 2.76 -11.71 24.19
CA ASP A 232 1.80 -12.19 25.20
C ASP A 232 0.38 -11.75 24.87
N VAL A 233 0.17 -10.47 24.55
CA VAL A 233 -1.20 -10.04 24.26
C VAL A 233 -1.70 -10.63 22.95
N MET A 234 -0.80 -10.97 22.02
CA MET A 234 -1.23 -11.66 20.80
C MET A 234 -1.44 -13.15 21.05
N GLY A 235 -0.98 -13.67 22.17
CA GLY A 235 -1.14 -15.08 22.48
C GLY A 235 -0.19 -16.01 21.76
N THR A 236 0.97 -15.52 21.32
CA THR A 236 1.90 -16.35 20.53
C THR A 236 3.25 -16.45 21.22
N PRO A 237 3.94 -17.61 21.08
CA PRO A 237 5.24 -17.80 21.72
C PRO A 237 6.39 -17.34 20.84
N THR A 238 6.17 -16.22 20.15
CA THR A 238 7.16 -15.65 19.24
C THR A 238 8.52 -15.47 19.90
N LEU A 239 9.57 -15.81 19.16
CA LEU A 239 10.92 -15.69 19.73
C LEU A 239 11.43 -14.27 19.62
N ILE A 240 12.24 -13.87 20.61
CA ILE A 240 12.83 -12.53 20.67
C ILE A 240 14.34 -12.68 20.66
N VAL A 241 15.00 -11.98 19.74
CA VAL A 241 16.45 -11.96 19.67
C VAL A 241 16.90 -10.58 20.11
N ALA A 242 17.76 -10.52 21.13
CA ALA A 242 18.36 -9.26 21.56
C ALA A 242 19.73 -9.13 20.90
N ARG A 243 19.94 -8.02 20.21
CA ARG A 243 21.19 -7.74 19.54
C ARG A 243 21.90 -6.57 20.23
N THR A 244 23.22 -6.69 20.42
CA THR A 244 23.99 -5.55 20.91
C THR A 244 24.98 -5.09 19.84
N ASP A 245 25.04 -3.77 19.67
CA ASP A 245 25.95 -3.12 18.75
C ASP A 245 27.17 -2.52 19.45
N ALA A 246 27.45 -2.95 20.68
CA ALA A 246 28.50 -2.33 21.49
C ALA A 246 29.91 -2.69 21.06
N GLU A 247 30.10 -3.64 20.13
CA GLU A 247 31.47 -3.97 19.75
C GLU A 247 32.13 -2.80 19.05
N ALA A 248 31.38 -2.09 18.20
CA ALA A 248 31.93 -1.00 17.41
C ALA A 248 31.41 0.38 17.78
N ALA A 249 30.24 0.47 18.43
CA ALA A 249 29.67 1.76 18.75
C ALA A 249 30.54 2.50 19.76
N LYS A 250 30.85 3.77 19.47
CA LYS A 250 31.66 4.60 20.35
C LYS A 250 30.86 5.73 21.01
N LEU A 251 29.55 5.77 20.81
CA LEU A 251 28.69 6.81 21.34
C LEU A 251 27.52 6.19 22.08
N LEU A 252 27.01 6.92 23.08
CA LEU A 252 25.92 6.47 23.94
C LEU A 252 25.03 7.66 24.23
N THR A 253 23.70 7.49 24.13
CA THR A 253 22.83 8.65 24.31
C THR A 253 22.91 9.22 25.71
N SER A 254 23.00 8.36 26.72
CA SER A 254 22.88 8.81 28.11
C SER A 254 23.63 7.84 29.01
N ASP A 255 24.24 8.38 30.07
CA ASP A 255 24.97 7.59 31.04
C ASP A 255 24.13 7.27 32.28
N ILE A 256 22.80 7.36 32.16
CA ILE A 256 21.91 7.25 33.32
C ILE A 256 22.02 5.89 33.99
N ASP A 257 22.35 4.84 33.23
CA ASP A 257 22.35 3.47 33.73
C ASP A 257 23.71 3.14 34.31
N GLU A 258 23.76 2.80 35.61
CA GLU A 258 25.03 2.51 36.25
C GLU A 258 25.76 1.36 35.58
N ARG A 259 25.07 0.49 34.86
CA ARG A 259 25.73 -0.62 34.18
C ARG A 259 26.56 -0.14 32.99
N ASP A 260 26.22 1.02 32.43
CA ASP A 260 26.94 1.56 31.28
C ASP A 260 28.07 2.50 31.68
N GLN A 261 27.96 3.11 32.86
CA GLN A 261 28.94 4.10 33.30
C GLN A 261 30.39 3.62 33.33
N PRO A 262 30.71 2.36 33.66
CA PRO A 262 32.13 1.96 33.60
C PRO A 262 32.77 2.14 32.24
N PHE A 263 31.98 2.20 31.17
CA PHE A 263 32.51 2.29 29.81
C PHE A 263 32.53 3.72 29.29
N VAL A 264 32.02 4.68 30.04
CA VAL A 264 31.95 6.06 29.57
C VAL A 264 33.29 6.74 29.78
N ASP A 265 33.80 7.37 28.71
CA ASP A 265 35.00 8.20 28.78
C ASP A 265 34.59 9.61 29.17
N TYR A 266 34.57 9.87 30.48
CA TYR A 266 34.09 11.16 30.95
C TYR A 266 35.05 12.28 30.59
N GLU A 267 36.36 12.04 30.65
CA GLU A 267 37.31 13.08 30.29
C GLU A 267 37.10 13.57 28.86
N ALA A 268 36.56 12.73 27.98
CA ALA A 268 36.35 13.13 26.59
C ALA A 268 35.21 14.13 26.44
N GLY A 269 34.32 14.22 27.43
CA GLY A 269 33.17 15.10 27.31
C GLY A 269 32.14 14.55 26.32
N ARG A 270 31.03 15.29 26.21
CA ARG A 270 29.97 14.89 25.31
C ARG A 270 30.19 15.51 23.93
N THR A 271 29.59 14.88 22.92
CA THR A 271 29.63 15.43 21.58
C THR A 271 28.69 16.62 21.47
N ALA A 272 28.75 17.30 20.32
CA ALA A 272 27.87 18.45 20.11
C ALA A 272 26.40 18.07 20.20
N GLU A 273 26.05 16.85 19.79
CA GLU A 273 24.69 16.33 19.92
C GLU A 273 24.30 16.00 21.35
N GLY A 274 25.26 15.96 22.28
CA GLY A 274 24.98 15.54 23.64
C GLY A 274 25.28 14.09 23.95
N PHE A 275 25.89 13.36 23.02
CA PHE A 275 26.19 11.94 23.23
C PHE A 275 27.42 11.76 24.10
N TYR A 276 27.38 10.75 24.95
CA TYR A 276 28.57 10.34 25.68
C TYR A 276 29.46 9.47 24.79
N GLN A 277 30.75 9.49 25.05
CA GLN A 277 31.69 8.66 24.31
C GLN A 277 32.06 7.46 25.16
N VAL A 278 32.03 6.27 24.56
CA VAL A 278 32.22 5.04 25.31
C VAL A 278 33.38 4.24 24.75
N LYS A 279 33.95 3.40 25.61
CA LYS A 279 34.92 2.41 25.19
C LYS A 279 34.17 1.20 24.63
N ASN A 280 34.51 0.79 23.41
CA ASN A 280 33.79 -0.26 22.72
C ASN A 280 34.52 -1.59 22.88
N GLY A 281 34.00 -2.64 22.24
CA GLY A 281 34.66 -3.92 22.20
C GLY A 281 33.85 -5.00 22.87
N ILE A 282 34.49 -6.13 23.10
CA ILE A 282 33.74 -7.29 23.59
C ILE A 282 33.26 -7.07 25.02
N GLU A 283 33.97 -6.27 25.82
CA GLU A 283 33.60 -6.13 27.23
CA GLU A 283 33.60 -6.13 27.23
C GLU A 283 32.22 -5.53 27.41
N PRO A 284 31.85 -4.40 26.80
CA PRO A 284 30.46 -3.92 26.95
C PRO A 284 29.44 -4.84 26.30
N CYS A 285 29.82 -5.59 25.26
CA CYS A 285 28.90 -6.57 24.66
C CYS A 285 28.55 -7.68 25.65
N ILE A 286 29.55 -8.19 26.36
CA ILE A 286 29.31 -9.24 27.34
C ILE A 286 28.39 -8.73 28.43
N ALA A 287 28.69 -7.53 28.96
CA ALA A 287 27.88 -6.98 30.04
C ALA A 287 26.45 -6.79 29.59
N ARG A 288 26.26 -6.20 28.41
CA ARG A 288 24.91 -5.98 27.91
C ARG A 288 24.20 -7.31 27.65
N ALA A 289 24.89 -8.24 27.00
CA ALA A 289 24.29 -9.55 26.72
C ALA A 289 23.83 -10.22 28.00
N ILE A 290 24.64 -10.18 29.06
CA ILE A 290 24.25 -10.81 30.32
C ILE A 290 23.05 -10.08 30.92
N ALA A 291 23.01 -8.75 30.80
CA ALA A 291 21.85 -8.01 31.29
C ALA A 291 20.59 -8.29 30.47
N TYR A 292 20.73 -8.48 29.17
CA TYR A 292 19.59 -8.74 28.29
C TYR A 292 19.05 -10.17 28.39
N ALA A 293 19.89 -11.11 28.81
CA ALA A 293 19.56 -12.52 28.69
C ALA A 293 18.21 -12.93 29.26
N PRO A 294 17.77 -12.46 30.44
CA PRO A 294 16.46 -12.89 30.95
C PRO A 294 15.29 -12.42 30.10
N TYR A 295 15.52 -11.47 29.20
CA TYR A 295 14.45 -10.80 28.47
C TYR A 295 14.44 -11.15 27.00
N CYS A 296 15.14 -12.20 26.60
CA CYS A 296 15.13 -12.60 25.21
C CYS A 296 15.32 -14.10 25.13
N ASP A 297 15.17 -14.64 23.92
CA ASP A 297 15.36 -16.06 23.69
C ASP A 297 16.70 -16.40 23.05
N LEU A 298 17.25 -15.48 22.27
CA LEU A 298 18.61 -15.62 21.75
C LEU A 298 19.32 -14.29 21.88
N ILE A 299 20.65 -14.35 21.99
CA ILE A 299 21.50 -13.17 22.10
C ILE A 299 22.44 -13.13 20.91
N TRP A 300 22.67 -11.93 20.39
CA TRP A 300 23.45 -11.69 19.18
C TRP A 300 24.34 -10.48 19.42
N MET A 301 25.64 -10.64 19.16
CA MET A 301 26.59 -9.53 19.19
C MET A 301 27.11 -9.29 17.78
N GLU A 302 26.93 -8.08 17.25
CA GLU A 302 27.55 -7.73 15.98
C GLU A 302 29.07 -7.67 16.15
N THR A 303 29.81 -8.14 15.14
CA THR A 303 31.28 -8.16 15.22
C THR A 303 31.90 -7.54 13.96
N SER A 304 33.13 -7.05 14.13
CA SER A 304 33.83 -6.37 13.03
C SER A 304 34.45 -7.34 12.04
N LYS A 305 34.71 -8.57 12.47
CA LYS A 305 35.39 -9.59 11.68
C LYS A 305 34.80 -10.94 12.02
N PRO A 306 34.79 -11.87 11.09
CA PRO A 306 34.37 -13.23 11.44
C PRO A 306 35.50 -13.91 12.20
N ASP A 307 35.37 -13.99 13.52
CA ASP A 307 36.47 -14.39 14.40
C ASP A 307 35.97 -15.47 15.36
N LEU A 308 36.41 -16.71 15.12
CA LEU A 308 35.96 -17.82 15.95
C LEU A 308 36.42 -17.68 17.40
N ALA A 309 37.65 -17.19 17.60
CA ALA A 309 38.14 -17.01 18.95
C ALA A 309 37.33 -15.96 19.70
N GLN A 310 37.00 -14.85 19.04
CA GLN A 310 36.16 -13.85 19.68
C GLN A 310 34.77 -14.40 19.94
N ALA A 311 34.22 -15.16 18.99
CA ALA A 311 32.92 -15.77 19.19
C ALA A 311 32.95 -16.73 20.37
N ARG A 312 34.05 -17.47 20.53
CA ARG A 312 34.15 -18.37 21.67
C ARG A 312 34.24 -17.59 22.97
N ARG A 313 34.99 -16.48 22.98
CA ARG A 313 35.11 -15.70 24.21
CA ARG A 313 35.11 -15.69 24.20
C ARG A 313 33.75 -15.16 24.65
N PHE A 314 32.96 -14.66 23.69
CA PHE A 314 31.64 -14.13 23.99
C PHE A 314 30.72 -15.22 24.52
N ALA A 315 30.69 -16.36 23.83
CA ALA A 315 29.82 -17.46 24.25
C ALA A 315 30.17 -17.93 25.65
N GLU A 316 31.47 -18.13 25.93
CA GLU A 316 31.91 -18.59 27.24
C GLU A 316 31.54 -17.61 28.34
N ALA A 317 31.66 -16.32 28.06
CA ALA A 317 31.36 -15.32 29.10
C ALA A 317 29.86 -15.26 29.37
N VAL A 318 29.05 -15.30 28.31
CA VAL A 318 27.60 -15.33 28.50
C VAL A 318 27.21 -16.59 29.25
N HIS A 319 27.80 -17.74 28.89
CA HIS A 319 27.37 -19.00 29.48
C HIS A 319 27.84 -19.17 30.91
N LYS A 320 28.84 -18.40 31.36
CA LYS A 320 29.19 -18.42 32.77
C LYS A 320 28.04 -17.91 33.63
N ALA A 321 27.37 -16.85 33.17
CA ALA A 321 26.23 -16.29 33.88
C ALA A 321 24.92 -16.99 33.54
N HIS A 322 24.81 -17.52 32.32
CA HIS A 322 23.55 -18.05 31.80
C HIS A 322 23.86 -19.32 31.03
N PRO A 323 24.09 -20.42 31.74
CA PRO A 323 24.50 -21.65 31.07
C PRO A 323 23.50 -22.06 30.00
N GLY A 324 24.02 -22.49 28.85
CA GLY A 324 23.19 -22.99 27.77
C GLY A 324 22.41 -21.96 27.00
N LYS A 325 22.62 -20.67 27.23
CA LYS A 325 21.84 -19.65 26.55
C LYS A 325 22.05 -19.76 25.03
N LEU A 326 20.94 -19.73 24.28
CA LEU A 326 21.01 -19.80 22.82
CA LEU A 326 21.06 -19.82 22.83
C LEU A 326 21.57 -18.50 22.26
N LEU A 327 22.48 -18.62 21.29
CA LEU A 327 23.09 -17.45 20.67
C LEU A 327 22.84 -17.45 19.17
N ALA A 328 22.95 -16.26 18.58
CA ALA A 328 22.77 -16.05 17.15
C ALA A 328 24.01 -15.36 16.58
N TYR A 329 24.34 -15.65 15.32
CA TYR A 329 25.57 -15.10 14.76
C TYR A 329 25.33 -14.66 13.32
N ASN A 330 25.70 -13.42 13.02
CA ASN A 330 25.55 -12.85 11.67
C ASN A 330 26.83 -13.17 10.89
N CYS A 331 26.70 -14.08 9.92
CA CYS A 331 27.78 -14.37 8.97
C CYS A 331 27.67 -13.35 7.84
N SER A 332 28.27 -12.18 8.06
CA SER A 332 27.88 -11.00 7.30
C SER A 332 28.63 -10.88 5.97
N PRO A 333 27.93 -10.56 4.88
CA PRO A 333 28.64 -10.23 3.64
C PRO A 333 29.40 -8.94 3.71
N SER A 334 29.26 -8.16 4.79
CA SER A 334 30.09 -6.98 4.99
C SER A 334 31.51 -7.35 5.40
N PHE A 335 31.80 -8.64 5.60
CA PHE A 335 33.16 -9.16 5.76
C PHE A 335 33.71 -9.63 4.42
N ASN A 336 35.00 -9.44 4.23
CA ASN A 336 35.73 -10.01 3.09
C ASN A 336 36.26 -11.37 3.52
N TRP A 337 35.55 -12.45 3.13
CA TRP A 337 35.77 -13.74 3.79
C TRP A 337 37.14 -14.33 3.46
N LYS A 338 37.47 -14.47 2.17
CA LYS A 338 38.77 -15.05 1.82
C LYS A 338 39.94 -14.17 2.23
N LYS A 339 39.71 -12.88 2.50
CA LYS A 339 40.78 -12.05 3.04
C LYS A 339 40.99 -12.30 4.53
N ASN A 340 39.90 -12.47 5.28
CA ASN A 340 40.00 -12.70 6.72
C ASN A 340 40.44 -14.11 7.06
N LEU A 341 40.04 -15.11 6.27
CA LEU A 341 40.17 -16.51 6.67
C LEU A 341 40.68 -17.38 5.53
N ASP A 342 41.38 -18.46 5.89
CA ASP A 342 41.77 -19.43 4.88
C ASP A 342 40.59 -20.38 4.58
N ASP A 343 40.77 -21.22 3.56
CA ASP A 343 39.64 -21.99 3.05
C ASP A 343 39.13 -22.99 4.07
N ALA A 344 40.03 -23.67 4.78
CA ALA A 344 39.61 -24.67 5.75
C ALA A 344 38.80 -24.04 6.88
N THR A 345 39.16 -22.81 7.29
CA THR A 345 38.40 -22.14 8.33
C THR A 345 37.04 -21.69 7.79
N ILE A 346 37.01 -21.19 6.56
CA ILE A 346 35.72 -20.84 5.96
C ILE A 346 34.80 -22.05 5.94
N ALA A 347 35.35 -23.22 5.61
CA ALA A 347 34.51 -24.42 5.47
C ALA A 347 33.95 -24.90 6.80
N LYS A 348 34.70 -24.75 7.89
CA LYS A 348 34.27 -25.24 9.18
C LYS A 348 33.56 -24.17 10.02
N PHE A 349 33.49 -22.93 9.53
CA PHE A 349 33.12 -21.79 10.34
C PHE A 349 31.77 -21.99 11.04
N GLN A 350 30.72 -22.31 10.29
CA GLN A 350 29.40 -22.44 10.90
C GLN A 350 29.33 -23.65 11.81
N ARG A 351 29.98 -24.76 11.44
CA ARG A 351 29.99 -25.93 12.30
C ARG A 351 30.63 -25.60 13.64
N GLU A 352 31.73 -24.84 13.61
CA GLU A 352 32.44 -24.49 14.83
C GLU A 352 31.60 -23.55 15.70
N LEU A 353 30.93 -22.59 15.08
CA LEU A 353 30.04 -21.70 15.82
C LEU A 353 28.90 -22.49 16.46
N GLY A 354 28.36 -23.47 15.73
CA GLY A 354 27.26 -24.24 16.28
C GLY A 354 27.64 -24.95 17.57
N ALA A 355 28.85 -25.53 17.61
CA ALA A 355 29.30 -26.23 18.80
C ALA A 355 29.52 -25.30 19.99
N MET A 356 29.73 -24.00 19.73
CA MET A 356 29.84 -23.00 20.79
C MET A 356 28.50 -22.58 21.36
N GLY A 357 27.39 -22.91 20.70
CA GLY A 357 26.09 -22.45 21.14
C GLY A 357 25.41 -21.45 20.22
N TYR A 358 25.98 -21.14 19.06
CA TYR A 358 25.32 -20.25 18.10
C TYR A 358 24.38 -21.12 17.27
N LYS A 359 23.12 -21.19 17.70
CA LYS A 359 22.17 -22.11 17.09
C LYS A 359 21.36 -21.47 15.98
N PHE A 360 21.45 -20.17 15.80
CA PHE A 360 20.85 -19.52 14.63
C PHE A 360 21.92 -18.68 13.98
N GLN A 361 22.25 -19.01 12.74
CA GLN A 361 23.31 -18.35 11.99
C GLN A 361 22.75 -17.91 10.65
N PHE A 362 23.11 -16.71 10.21
CA PHE A 362 22.43 -16.18 9.04
C PHE A 362 23.34 -15.26 8.26
N ILE A 363 23.18 -15.27 6.93
CA ILE A 363 23.88 -14.37 6.03
C ILE A 363 22.89 -13.27 5.68
N THR A 364 23.04 -12.11 6.34
CA THR A 364 22.02 -11.07 6.27
C THR A 364 21.74 -10.64 4.83
N LEU A 365 22.78 -10.35 4.05
CA LEU A 365 22.58 -9.70 2.76
C LEU A 365 22.70 -10.66 1.58
N ALA A 366 22.52 -11.96 1.81
CA ALA A 366 22.75 -12.93 0.75
C ALA A 366 21.82 -12.69 -0.44
N GLY A 367 20.54 -12.40 -0.18
CA GLY A 367 19.60 -12.21 -1.27
C GLY A 367 19.94 -11.02 -2.14
N PHE A 368 20.42 -9.95 -1.52
CA PHE A 368 20.86 -8.77 -2.27
C PHE A 368 22.03 -9.12 -3.18
N HIS A 369 23.05 -9.80 -2.64
CA HIS A 369 24.22 -10.08 -3.46
C HIS A 369 23.91 -11.06 -4.57
N GLN A 370 23.10 -12.10 -4.28
CA GLN A 370 22.74 -13.05 -5.33
CA GLN A 370 22.75 -13.05 -5.33
C GLN A 370 21.95 -12.38 -6.43
N LEU A 371 20.94 -11.59 -6.06
CA LEU A 371 20.09 -10.93 -7.04
C LEU A 371 20.91 -9.99 -7.91
N ASN A 372 21.70 -9.12 -7.28
CA ASN A 372 22.42 -8.10 -8.04
C ASN A 372 23.53 -8.70 -8.89
N TYR A 373 24.31 -9.64 -8.35
CA TYR A 373 25.34 -10.29 -9.16
C TYR A 373 24.71 -11.04 -10.34
N GLY A 374 23.70 -11.86 -10.05
CA GLY A 374 23.12 -12.68 -11.10
C GLY A 374 22.59 -11.85 -12.25
N MET A 375 21.87 -10.76 -11.94
CA MET A 375 21.34 -9.96 -13.04
C MET A 375 22.43 -9.15 -13.72
N PHE A 376 23.45 -8.69 -13.00
CA PHE A 376 24.52 -8.00 -13.70
C PHE A 376 25.16 -8.91 -14.75
N GLU A 377 25.42 -10.17 -14.36
CA GLU A 377 26.12 -11.07 -15.28
C GLU A 377 25.22 -11.48 -16.43
N LEU A 378 23.94 -11.73 -16.16
CA LEU A 378 23.01 -12.04 -17.24
C LEU A 378 22.88 -10.86 -18.20
N ALA A 379 22.74 -9.65 -17.65
CA ALA A 379 22.58 -8.48 -18.51
C ALA A 379 23.84 -8.21 -19.32
N ARG A 380 25.01 -8.44 -18.73
CA ARG A 380 26.24 -8.26 -19.49
C ARG A 380 26.35 -9.28 -20.61
N GLY A 381 26.03 -10.54 -20.32
CA GLY A 381 26.08 -11.55 -21.36
C GLY A 381 25.03 -11.33 -22.44
N TYR A 382 23.86 -10.82 -22.05
CA TYR A 382 22.80 -10.53 -23.00
C TYR A 382 23.20 -9.41 -23.94
N LYS A 383 23.80 -8.35 -23.40
CA LYS A 383 24.29 -7.28 -24.25
C LYS A 383 25.33 -7.79 -25.24
N ASP A 384 26.18 -8.72 -24.79
CA ASP A 384 27.28 -9.19 -25.63
CA ASP A 384 27.28 -9.18 -25.64
C ASP A 384 26.83 -10.25 -26.62
N ARG A 385 25.95 -11.17 -26.21
CA ARG A 385 25.64 -12.32 -27.05
C ARG A 385 24.13 -12.60 -27.17
N GLN A 386 23.27 -11.71 -26.66
CA GLN A 386 21.82 -11.82 -26.82
C GLN A 386 21.28 -13.16 -26.38
N MET A 387 20.57 -13.88 -27.26
CA MET A 387 19.88 -15.09 -26.80
C MET A 387 20.82 -16.21 -26.40
N ALA A 388 22.07 -16.19 -26.88
CA ALA A 388 23.04 -17.17 -26.41
C ALA A 388 23.19 -17.11 -24.89
N ALA A 389 23.23 -15.90 -24.35
CA ALA A 389 23.38 -15.75 -22.91
C ALA A 389 22.17 -16.30 -22.17
N TYR A 390 20.97 -16.09 -22.70
CA TYR A 390 19.79 -16.57 -21.99
C TYR A 390 19.65 -18.09 -22.10
N SER A 391 19.94 -18.65 -23.29
CA SER A 391 19.87 -20.10 -23.42
C SER A 391 20.82 -20.79 -22.46
N GLU A 392 21.97 -20.17 -22.17
CA GLU A 392 22.90 -20.74 -21.20
C GLU A 392 22.26 -20.81 -19.81
N LEU A 393 21.57 -19.75 -19.41
CA LEU A 393 20.84 -19.79 -18.13
C LEU A 393 19.78 -20.88 -18.14
N GLN A 394 19.01 -20.97 -19.23
CA GLN A 394 17.97 -21.99 -19.31
C GLN A 394 18.55 -23.39 -19.25
N GLN A 395 19.70 -23.62 -19.91
CA GLN A 395 20.34 -24.92 -19.86
C GLN A 395 20.89 -25.21 -18.47
N ALA A 396 21.39 -24.19 -17.78
CA ALA A 396 21.80 -24.39 -16.39
C ALA A 396 20.61 -24.75 -15.52
N GLU A 397 19.46 -24.13 -15.80
CA GLU A 397 18.23 -24.49 -15.08
C GLU A 397 17.85 -25.94 -15.31
N PHE A 398 17.83 -26.37 -16.58
CA PHE A 398 17.57 -27.78 -16.89
C PHE A 398 18.50 -28.70 -16.13
N ALA A 399 19.80 -28.36 -16.07
CA ALA A 399 20.76 -29.23 -15.41
C ALA A 399 20.53 -29.29 -13.91
N ALA A 400 19.95 -28.24 -13.32
CA ALA A 400 19.71 -28.22 -11.89
C ALA A 400 18.46 -29.01 -11.49
N GLU A 401 17.63 -29.42 -12.46
CA GLU A 401 16.45 -30.20 -12.11
C GLU A 401 16.82 -31.52 -11.45
N ALA A 402 17.97 -32.09 -11.80
CA ALA A 402 18.38 -33.33 -11.14
C ALA A 402 18.66 -33.11 -9.66
N ASP A 403 18.91 -31.87 -9.26
CA ASP A 403 19.16 -31.53 -7.86
C ASP A 403 17.93 -30.96 -7.16
N GLY A 404 16.77 -30.98 -7.81
CA GLY A 404 15.54 -30.54 -7.19
C GLY A 404 14.97 -29.24 -7.69
N TYR A 405 15.64 -28.56 -8.61
CA TYR A 405 15.14 -27.30 -9.15
C TYR A 405 13.92 -27.56 -10.05
N THR A 406 12.90 -26.73 -9.91
CA THR A 406 11.67 -26.92 -10.66
C THR A 406 11.24 -25.70 -11.46
N ALA A 407 11.82 -24.54 -11.20
CA ALA A 407 11.26 -23.30 -11.75
C ALA A 407 11.52 -23.12 -13.24
N THR A 408 12.27 -24.01 -13.89
CA THR A 408 12.32 -23.99 -15.34
C THR A 408 10.91 -24.07 -15.93
N LYS A 409 10.05 -24.88 -15.31
CA LYS A 409 8.62 -24.93 -15.63
C LYS A 409 7.94 -23.84 -14.84
N HIS A 410 8.05 -22.61 -15.34
CA HIS A 410 7.60 -21.46 -14.55
C HIS A 410 6.09 -21.39 -14.41
N GLN A 411 5.33 -21.97 -15.35
CA GLN A 411 3.88 -21.89 -15.22
C GLN A 411 3.40 -22.71 -14.02
N ARG A 412 3.94 -23.93 -13.87
CA ARG A 412 3.60 -24.71 -12.69
C ARG A 412 4.09 -24.02 -11.43
N GLU A 413 5.30 -23.44 -11.48
CA GLU A 413 5.95 -22.92 -10.28
C GLU A 413 5.11 -21.86 -9.60
N VAL A 414 4.42 -21.01 -10.38
CA VAL A 414 3.66 -19.91 -9.81
C VAL A 414 2.20 -20.28 -9.55
N GLY A 415 1.80 -21.50 -9.87
CA GLY A 415 0.48 -21.98 -9.52
C GLY A 415 -0.53 -22.10 -10.63
N THR A 416 -0.09 -22.10 -11.89
CA THR A 416 -1.05 -22.20 -12.99
C THR A 416 -1.85 -23.50 -12.91
N GLY A 417 -1.18 -24.62 -12.58
CA GLY A 417 -1.88 -25.87 -12.46
C GLY A 417 -2.84 -25.90 -11.28
N TYR A 418 -2.45 -25.26 -10.17
CA TYR A 418 -3.33 -25.12 -9.02
C TYR A 418 -4.60 -24.37 -9.40
N PHE A 419 -4.47 -23.22 -10.05
CA PHE A 419 -5.67 -22.47 -10.43
C PHE A 419 -6.45 -23.15 -11.55
N ASP A 420 -5.80 -23.95 -12.39
CA ASP A 420 -6.56 -24.81 -13.29
C ASP A 420 -7.49 -25.73 -12.50
N ALA A 421 -6.97 -26.31 -11.42
CA ALA A 421 -7.77 -27.24 -10.63
C ALA A 421 -8.90 -26.51 -9.89
N VAL A 422 -8.63 -25.29 -9.43
CA VAL A 422 -9.69 -24.48 -8.84
C VAL A 422 -10.81 -24.24 -9.85
N SER A 423 -10.44 -23.82 -11.07
CA SER A 423 -11.43 -23.59 -12.13
CA SER A 423 -11.44 -23.58 -12.10
C SER A 423 -12.24 -24.84 -12.43
N LEU A 424 -11.57 -25.99 -12.51
CA LEU A 424 -12.27 -27.22 -12.83
C LEU A 424 -13.23 -27.63 -11.72
N ALA A 425 -12.85 -27.39 -10.46
CA ALA A 425 -13.77 -27.67 -9.36
C ALA A 425 -14.97 -26.74 -9.40
N ILE A 426 -14.76 -25.48 -9.75
CA ILE A 426 -15.87 -24.51 -9.83
C ILE A 426 -16.85 -24.92 -10.92
N THR A 427 -16.33 -25.38 -12.05
CA THR A 427 -17.14 -25.59 -13.24
C THR A 427 -17.53 -27.06 -13.45
N GLY A 428 -17.29 -27.91 -12.46
CA GLY A 428 -17.61 -29.31 -12.64
C GLY A 428 -16.85 -29.95 -13.80
N GLY A 429 -15.61 -29.53 -14.00
CA GLY A 429 -14.76 -30.08 -15.04
C GLY A 429 -14.95 -29.51 -16.43
N GLN A 430 -15.85 -28.53 -16.61
CA GLN A 430 -16.33 -28.17 -17.94
C GLN A 430 -15.79 -26.85 -18.49
N SER A 431 -14.91 -26.15 -17.78
CA SER A 431 -14.40 -24.87 -18.29
C SER A 431 -13.61 -25.05 -19.58
N SER A 432 -13.89 -24.19 -20.57
CA SER A 432 -13.22 -24.21 -21.86
CA SER A 432 -13.19 -24.24 -21.84
C SER A 432 -11.92 -23.41 -21.86
N THR A 433 -11.55 -22.78 -20.74
CA THR A 433 -10.45 -21.83 -20.72
C THR A 433 -9.33 -22.20 -19.76
N THR A 434 -9.13 -23.50 -19.49
CA THR A 434 -7.99 -23.85 -18.66
C THR A 434 -6.69 -23.61 -19.41
N ALA A 435 -5.60 -23.49 -18.66
CA ALA A 435 -4.35 -22.92 -19.14
C ALA A 435 -3.28 -23.93 -19.50
N MET A 436 -3.11 -25.01 -18.73
CA MET A 436 -1.90 -25.82 -18.89
C MET A 436 -1.95 -26.78 -20.08
N LYS A 437 -3.13 -27.33 -20.40
CA LYS A 437 -3.21 -28.41 -21.39
C LYS A 437 -2.57 -28.02 -22.72
N GLU A 438 -2.87 -26.82 -23.22
CA GLU A 438 -2.37 -26.38 -24.51
C GLU A 438 -1.23 -25.36 -24.36
N SER A 439 -0.56 -25.34 -23.21
CA SER A 439 0.53 -24.43 -22.97
C SER A 439 1.80 -24.90 -23.71
N THR A 440 2.72 -23.97 -23.93
CA THR A 440 4.02 -24.35 -24.46
C THR A 440 4.86 -25.07 -23.41
N GLU A 441 4.58 -24.82 -22.13
CA GLU A 441 5.25 -25.57 -21.08
C GLU A 441 4.95 -27.06 -21.21
N THR A 442 3.68 -27.41 -21.38
CA THR A 442 3.33 -28.81 -21.57
C THR A 442 3.92 -29.37 -22.85
N ALA A 443 4.00 -28.55 -23.91
CA ALA A 443 4.44 -29.04 -25.21
C ALA A 443 5.96 -29.12 -25.32
N GLN A 444 6.70 -28.22 -24.67
CA GLN A 444 8.13 -28.10 -24.95
C GLN A 444 9.04 -28.47 -23.78
N PHE A 445 8.48 -28.75 -22.60
CA PHE A 445 9.28 -29.05 -21.41
C PHE A 445 8.98 -30.46 -20.90
N LYS A 446 8.60 -31.36 -21.79
CA LYS A 446 8.21 -32.71 -21.40
C LYS A 446 9.41 -33.50 -20.90
N PRO A 447 9.27 -34.25 -19.79
CA PRO A 447 10.32 -35.15 -19.28
C PRO A 447 10.44 -36.43 -20.09
N THR B 23 -5.25 24.37 -33.12
CA THR B 23 -4.41 23.53 -32.26
C THR B 23 -4.42 22.08 -32.75
N ASP B 24 -3.24 21.45 -32.72
CA ASP B 24 -3.09 20.05 -33.09
C ASP B 24 -2.56 19.28 -31.88
N PHE B 25 -2.25 18.01 -32.08
CA PHE B 25 -1.78 17.21 -30.95
C PHE B 25 -0.33 17.53 -30.57
N TYR B 26 0.45 18.12 -31.46
CA TYR B 26 1.81 18.48 -31.06
C TYR B 26 1.83 19.61 -30.05
N SER B 27 0.86 20.53 -30.13
CA SER B 27 0.82 21.60 -29.13
C SER B 27 0.32 21.11 -27.79
N LEU B 28 -0.49 20.03 -27.80
CA LEU B 28 -0.95 19.44 -26.55
C LEU B 28 0.12 18.58 -25.88
N ILE B 29 1.10 18.12 -26.63
CA ILE B 29 2.15 17.25 -26.12
C ILE B 29 3.47 17.96 -26.42
N PRO B 30 3.88 18.91 -25.57
CA PRO B 30 4.98 19.82 -25.93
C PRO B 30 6.30 19.13 -26.22
N SER B 31 6.57 18.00 -25.57
CA SER B 31 7.84 17.32 -25.76
C SER B 31 7.84 16.34 -26.93
N ALA B 32 6.71 16.17 -27.60
CA ALA B 32 6.67 15.26 -28.74
C ALA B 32 7.64 15.73 -29.82
N PRO B 33 8.54 14.87 -30.29
CA PRO B 33 9.44 15.27 -31.39
C PRO B 33 8.73 15.30 -32.73
N LYS B 34 9.37 15.99 -33.68
CA LYS B 34 8.78 16.10 -35.01
C LYS B 34 8.56 14.72 -35.60
N GLY B 35 7.38 14.52 -36.19
CA GLY B 35 7.03 13.26 -36.81
C GLY B 35 6.57 12.19 -35.85
N ARG B 36 6.55 12.47 -34.54
CA ARG B 36 6.19 11.47 -33.54
C ARG B 36 4.87 10.78 -33.89
N PHE B 37 3.92 11.51 -34.46
CA PHE B 37 2.59 10.98 -34.70
C PHE B 37 2.29 10.75 -36.18
N ASP B 38 3.33 10.67 -37.03
CA ASP B 38 3.12 10.34 -38.43
C ASP B 38 2.41 9.00 -38.54
N GLY B 39 1.32 8.97 -39.30
CA GLY B 39 0.56 7.74 -39.52
C GLY B 39 -0.31 7.31 -38.36
N ILE B 40 -0.34 8.06 -37.27
CA ILE B 40 -1.16 7.73 -36.11
C ILE B 40 -2.54 8.38 -36.27
N GLU B 41 -3.58 7.58 -36.14
CA GLU B 41 -4.95 8.04 -36.17
C GLU B 41 -5.53 8.04 -34.78
N ARG B 42 -6.49 8.92 -34.53
CA ARG B 42 -7.13 9.05 -33.23
C ARG B 42 -8.64 9.15 -33.42
N ALA B 43 -9.39 8.48 -32.54
CA ALA B 43 -10.84 8.58 -32.60
C ALA B 43 -11.34 9.90 -32.02
N HIS B 44 -10.57 10.53 -31.16
CA HIS B 44 -10.95 11.77 -30.49
C HIS B 44 -10.25 12.96 -31.15
N THR B 45 -10.66 14.16 -30.76
CA THR B 45 -10.11 15.39 -31.30
C THR B 45 -9.18 16.05 -30.30
N ALA B 46 -8.42 17.04 -30.79
CA ALA B 46 -7.62 17.86 -29.89
C ALA B 46 -8.50 18.61 -28.90
N GLU B 47 -9.70 19.04 -29.33
CA GLU B 47 -10.59 19.76 -28.42
C GLU B 47 -11.14 18.84 -27.34
N ASP B 48 -11.38 17.56 -27.66
CA ASP B 48 -11.71 16.59 -26.63
C ASP B 48 -10.64 16.56 -25.56
N VAL B 49 -9.37 16.59 -25.97
CA VAL B 49 -8.28 16.49 -25.00
C VAL B 49 -8.28 17.70 -24.07
N LYS B 50 -8.49 18.90 -24.62
CA LYS B 50 -8.54 20.09 -23.77
C LYS B 50 -9.72 20.02 -22.79
N ARG B 51 -10.85 19.48 -23.25
CA ARG B 51 -12.03 19.39 -22.39
CA ARG B 51 -12.04 19.38 -22.39
C ARG B 51 -11.82 18.41 -21.24
N LEU B 52 -11.01 17.37 -21.45
CA LEU B 52 -10.91 16.27 -20.50
C LEU B 52 -9.65 16.28 -19.66
N ARG B 53 -8.77 17.26 -19.81
CA ARG B 53 -7.48 17.18 -19.14
C ARG B 53 -7.40 18.02 -17.86
N GLY B 54 -8.49 18.66 -17.45
CA GLY B 54 -8.42 19.57 -16.33
C GLY B 54 -7.85 20.92 -16.75
N SER B 55 -7.78 21.83 -15.77
CA SER B 55 -7.43 23.22 -16.05
C SER B 55 -5.99 23.59 -15.73
N VAL B 56 -5.19 22.68 -15.16
CA VAL B 56 -3.83 23.03 -14.75
C VAL B 56 -2.83 22.08 -15.42
N GLU B 57 -1.64 22.61 -15.69
CA GLU B 57 -0.58 21.81 -16.30
C GLU B 57 0.17 21.08 -15.20
N ILE B 58 0.16 19.76 -15.24
CA ILE B 58 1.00 18.93 -14.38
C ILE B 58 2.01 18.21 -15.26
N LYS B 59 3.28 18.31 -14.89
CA LYS B 59 4.36 17.72 -15.68
C LYS B 59 4.64 16.30 -15.20
N TYR B 60 4.93 15.42 -16.14
CA TYR B 60 5.32 14.03 -15.86
C TYR B 60 6.70 13.83 -16.47
N SER B 61 7.72 14.30 -15.76
CA SER B 61 9.05 14.48 -16.34
C SER B 61 9.64 13.16 -16.79
N LEU B 62 9.62 12.15 -15.91
CA LEU B 62 10.24 10.87 -16.26
C LEU B 62 9.54 10.22 -17.45
N ALA B 63 8.22 10.35 -17.51
CA ALA B 63 7.46 9.83 -18.65
C ALA B 63 7.83 10.52 -19.96
N GLU B 64 8.00 11.85 -19.92
CA GLU B 64 8.46 12.56 -21.11
C GLU B 64 9.83 12.10 -21.52
N MET B 65 10.79 12.10 -20.58
CA MET B 65 12.15 11.74 -20.90
C MET B 65 12.22 10.33 -21.45
N GLY B 66 11.55 9.39 -20.79
CA GLY B 66 11.64 7.99 -21.20
C GLY B 66 11.03 7.77 -22.56
N ALA B 67 9.84 8.33 -22.80
CA ALA B 67 9.18 8.15 -24.08
C ALA B 67 10.02 8.68 -25.23
N ASN B 68 10.63 9.86 -25.04
CA ASN B 68 11.42 10.43 -26.12
C ASN B 68 12.74 9.70 -26.30
N ARG B 69 13.31 9.19 -25.21
CA ARG B 69 14.53 8.39 -25.37
C ARG B 69 14.23 7.07 -26.06
N LEU B 70 13.12 6.42 -25.69
CA LEU B 70 12.73 5.19 -26.35
C LEU B 70 12.48 5.42 -27.84
N TRP B 71 11.80 6.52 -28.17
CA TRP B 71 11.52 6.84 -29.56
C TRP B 71 12.83 7.00 -30.35
N LYS B 72 13.83 7.67 -29.77
CA LYS B 72 15.09 7.83 -30.47
C LYS B 72 15.80 6.49 -30.64
N LEU B 73 15.81 5.68 -29.58
CA LEU B 73 16.55 4.43 -29.61
C LEU B 73 16.01 3.48 -30.66
N ILE B 74 14.68 3.28 -30.69
CA ILE B 74 14.12 2.31 -31.61
C ILE B 74 14.27 2.73 -33.07
N HIS B 75 14.49 4.02 -33.34
CA HIS B 75 14.77 4.46 -34.71
C HIS B 75 16.24 4.46 -35.07
N GLU B 76 17.14 4.54 -34.10
CA GLU B 76 18.56 4.67 -34.40
C GLU B 76 19.35 3.39 -34.22
N GLU B 77 18.97 2.54 -33.26
CA GLU B 77 19.64 1.27 -33.05
C GLU B 77 19.17 0.23 -34.05
N ASP B 78 20.07 -0.70 -34.40
CA ASP B 78 19.64 -1.85 -35.18
C ASP B 78 18.48 -2.57 -34.51
N PHE B 79 18.51 -2.63 -33.18
CA PHE B 79 17.39 -3.06 -32.37
C PHE B 79 17.70 -2.71 -30.92
N VAL B 80 16.65 -2.69 -30.11
CA VAL B 80 16.73 -2.39 -28.68
C VAL B 80 16.28 -3.65 -27.96
N ASN B 81 17.19 -4.30 -27.23
CA ASN B 81 16.79 -5.51 -26.51
C ASN B 81 16.72 -5.21 -25.02
N ALA B 82 15.84 -5.94 -24.34
CA ALA B 82 15.61 -5.70 -22.91
C ALA B 82 15.35 -7.03 -22.21
N LEU B 83 15.43 -6.98 -20.90
CA LEU B 83 15.12 -8.07 -19.99
C LEU B 83 14.02 -7.64 -19.04
N GLY B 84 13.15 -8.58 -18.67
CA GLY B 84 12.08 -8.28 -17.72
C GLY B 84 12.63 -8.14 -16.31
N ALA B 85 12.39 -6.99 -15.68
CA ALA B 85 12.92 -6.71 -14.34
C ALA B 85 11.79 -6.84 -13.31
N LEU B 86 12.03 -7.60 -12.25
CA LEU B 86 11.04 -7.70 -11.19
C LEU B 86 11.37 -6.86 -9.96
N SER B 87 12.47 -6.11 -9.97
CA SER B 87 12.76 -5.21 -8.86
C SER B 87 13.63 -4.08 -9.35
N GLY B 88 13.67 -3.00 -8.55
CA GLY B 88 14.52 -1.87 -8.88
C GLY B 88 15.99 -2.23 -8.97
N ASN B 89 16.47 -3.09 -8.07
CA ASN B 89 17.87 -3.52 -8.12
C ASN B 89 18.17 -4.26 -9.42
N GLN B 90 17.28 -5.15 -9.86
CA GLN B 90 17.50 -5.84 -11.13
C GLN B 90 17.62 -4.84 -12.27
N ALA B 91 16.71 -3.87 -12.32
CA ALA B 91 16.77 -2.86 -13.36
C ALA B 91 18.07 -2.07 -13.31
N MET B 92 18.51 -1.72 -12.10
CA MET B 92 19.75 -0.96 -11.94
C MET B 92 20.93 -1.71 -12.55
N GLN B 93 21.02 -3.03 -12.30
CA GLN B 93 22.14 -3.77 -12.86
C GLN B 93 22.01 -3.93 -14.36
N MET B 94 20.80 -4.01 -14.88
CA MET B 94 20.62 -4.04 -16.33
C MET B 94 21.20 -2.79 -16.96
N VAL B 95 20.90 -1.63 -16.38
CA VAL B 95 21.42 -0.39 -16.92
C VAL B 95 22.93 -0.32 -16.74
N ARG B 96 23.42 -0.73 -15.57
CA ARG B 96 24.85 -0.69 -15.31
C ARG B 96 25.62 -1.56 -16.31
N ALA B 97 25.03 -2.70 -16.71
CA ALA B 97 25.71 -3.59 -17.64
C ALA B 97 25.69 -3.07 -19.06
N GLY B 98 24.94 -1.99 -19.33
CA GLY B 98 24.91 -1.38 -20.64
C GLY B 98 23.63 -1.60 -21.43
N LEU B 99 22.62 -2.27 -20.88
CA LEU B 99 21.37 -2.36 -21.61
C LEU B 99 20.70 -0.99 -21.64
N LYS B 100 19.96 -0.74 -22.72
CA LYS B 100 19.46 0.60 -23.00
C LYS B 100 17.98 0.76 -22.70
N ALA B 101 17.30 -0.31 -22.28
CA ALA B 101 15.88 -0.25 -21.98
C ALA B 101 15.57 -1.33 -20.96
N ILE B 102 14.45 -1.16 -20.28
CA ILE B 102 13.98 -2.05 -19.23
C ILE B 102 12.60 -2.56 -19.62
N TYR B 103 12.38 -3.86 -19.47
CA TYR B 103 11.04 -4.42 -19.69
C TYR B 103 10.39 -4.73 -18.34
N LEU B 104 9.10 -4.43 -18.23
CA LEU B 104 8.31 -4.69 -17.04
C LEU B 104 7.22 -5.69 -17.40
N SER B 105 7.35 -6.90 -16.87
CA SER B 105 6.49 -8.02 -17.22
C SER B 105 5.35 -8.17 -16.23
N GLY B 106 4.12 -8.22 -16.74
CA GLY B 106 2.99 -8.51 -15.89
C GLY B 106 3.02 -9.91 -15.33
N TRP B 107 3.59 -10.86 -16.08
CA TRP B 107 3.78 -12.22 -15.56
C TRP B 107 4.65 -12.19 -14.30
N GLN B 108 5.74 -11.42 -14.33
CA GLN B 108 6.62 -11.33 -13.16
C GLN B 108 5.96 -10.56 -12.01
N VAL B 109 5.15 -9.53 -12.33
CA VAL B 109 4.34 -8.86 -11.29
C VAL B 109 3.46 -9.88 -10.59
N ALA B 110 2.79 -10.73 -11.37
CA ALA B 110 1.93 -11.76 -10.80
C ALA B 110 2.73 -12.73 -9.95
N ALA B 111 3.92 -13.12 -10.41
CA ALA B 111 4.69 -14.17 -9.72
C ALA B 111 5.24 -13.70 -8.38
N ASP B 112 5.71 -12.45 -8.29
CA ASP B 112 6.58 -12.10 -7.17
C ASP B 112 6.62 -10.61 -6.85
N ALA B 113 5.76 -9.79 -7.46
CA ALA B 113 5.90 -8.36 -7.21
C ALA B 113 4.58 -7.60 -7.42
N ASN B 114 3.52 -7.98 -6.71
CA ASN B 114 2.23 -7.31 -6.91
C ASN B 114 1.67 -6.78 -5.59
N THR B 115 0.62 -5.97 -5.71
CA THR B 115 0.05 -5.28 -4.58
C THR B 115 -0.94 -6.12 -3.79
N ALA B 116 -1.15 -7.39 -4.15
CA ALA B 116 -1.87 -8.31 -3.27
C ALA B 116 -0.92 -9.15 -2.43
N SER B 117 0.39 -8.96 -2.59
CA SER B 117 1.39 -9.71 -1.82
C SER B 117 1.13 -11.21 -1.89
N ALA B 118 0.92 -11.69 -3.12
CA ALA B 118 0.64 -13.10 -3.35
C ALA B 118 1.42 -13.56 -4.58
N MET B 119 1.60 -14.87 -4.71
CA MET B 119 2.14 -15.44 -5.94
C MET B 119 0.97 -15.89 -6.81
N TYR B 120 0.90 -15.38 -8.02
CA TYR B 120 -0.17 -15.71 -8.94
C TYR B 120 0.34 -16.23 -10.26
N PRO B 121 -0.41 -17.11 -10.92
CA PRO B 121 -0.20 -17.35 -12.35
C PRO B 121 -0.62 -16.12 -13.14
N ASP B 122 -0.30 -16.14 -14.44
CA ASP B 122 -0.40 -14.95 -15.27
C ASP B 122 -1.81 -14.87 -15.86
N GLN B 123 -2.77 -14.42 -15.04
CA GLN B 123 -4.18 -14.41 -15.41
C GLN B 123 -4.90 -13.13 -14.97
N SER B 124 -4.19 -12.01 -14.85
CA SER B 124 -4.74 -10.73 -14.39
C SER B 124 -5.46 -10.88 -13.05
N LEU B 125 -4.89 -11.68 -12.15
CA LEU B 125 -5.50 -11.91 -10.85
C LEU B 125 -5.14 -10.84 -9.82
N TYR B 126 -4.01 -10.16 -10.01
CA TYR B 126 -3.54 -9.18 -9.06
C TYR B 126 -4.22 -7.83 -9.29
N PRO B 127 -4.16 -6.92 -8.32
CA PRO B 127 -4.86 -5.63 -8.47
C PRO B 127 -4.20 -4.75 -9.53
N ALA B 128 -5.02 -3.93 -10.19
CA ALA B 128 -4.61 -3.24 -11.41
C ALA B 128 -3.53 -2.18 -11.20
N ASN B 129 -3.25 -1.79 -9.96
CA ASN B 129 -2.21 -0.79 -9.68
C ASN B 129 -0.82 -1.41 -9.59
N ALA B 130 -0.70 -2.72 -9.67
CA ALA B 130 0.56 -3.38 -9.32
C ALA B 130 1.68 -3.07 -10.32
N GLY B 131 1.39 -3.11 -11.62
CA GLY B 131 2.36 -2.80 -12.64
C GLY B 131 2.93 -1.39 -12.50
N PRO B 132 2.05 -0.39 -12.48
CA PRO B 132 2.55 0.98 -12.27
C PRO B 132 3.33 1.14 -10.96
N GLU B 133 2.92 0.48 -9.88
CA GLU B 133 3.71 0.56 -8.66
C GLU B 133 5.12 0.00 -8.85
N LEU B 134 5.24 -1.07 -9.64
CA LEU B 134 6.59 -1.60 -9.90
C LEU B 134 7.38 -0.65 -10.78
N ALA B 135 6.72 0.00 -11.75
CA ALA B 135 7.43 0.97 -12.57
C ALA B 135 7.98 2.09 -11.73
N LYS B 136 7.19 2.55 -10.75
CA LYS B 136 7.66 3.59 -9.85
C LYS B 136 8.86 3.11 -9.04
N ARG B 137 8.81 1.88 -8.51
CA ARG B 137 9.98 1.34 -7.80
C ARG B 137 11.23 1.37 -8.67
N ILE B 138 11.08 0.92 -9.92
CA ILE B 138 12.24 0.86 -10.82
C ILE B 138 12.82 2.25 -11.01
N ASN B 139 11.98 3.22 -11.35
CA ASN B 139 12.48 4.58 -11.58
C ASN B 139 13.10 5.17 -10.31
N ARG B 140 12.57 4.82 -9.14
CA ARG B 140 13.14 5.31 -7.89
C ARG B 140 14.53 4.76 -7.64
N THR B 141 14.74 3.47 -7.95
CA THR B 141 16.08 2.91 -7.79
C THR B 141 17.06 3.57 -8.76
N LEU B 142 16.65 3.74 -10.02
CA LEU B 142 17.50 4.41 -11.00
C LEU B 142 17.81 5.84 -10.56
N GLN B 143 16.82 6.51 -9.98
CA GLN B 143 17.01 7.88 -9.50
C GLN B 143 18.11 7.94 -8.44
N ARG B 144 18.07 7.02 -7.48
CA ARG B 144 19.12 6.98 -6.46
C ARG B 144 20.47 6.63 -7.07
N ALA B 145 20.51 5.69 -8.01
CA ALA B 145 21.77 5.39 -8.68
C ALA B 145 22.37 6.64 -9.29
N ASP B 146 21.52 7.47 -9.90
CA ASP B 146 21.98 8.70 -10.52
C ASP B 146 22.40 9.73 -9.46
N GLN B 147 21.66 9.81 -8.36
CA GLN B 147 22.03 10.71 -7.27
C GLN B 147 23.40 10.36 -6.70
N ILE B 148 23.65 9.06 -6.48
CA ILE B 148 24.94 8.62 -5.94
C ILE B 148 26.08 9.07 -6.84
N GLU B 149 25.98 8.78 -8.13
CA GLU B 149 27.08 9.11 -9.04
C GLU B 149 27.21 10.61 -9.22
N THR B 150 26.10 11.34 -9.24
CA THR B 150 26.18 12.79 -9.36
C THR B 150 26.90 13.40 -8.16
N ALA B 151 26.58 12.92 -6.95
CA ALA B 151 27.22 13.49 -5.76
C ALA B 151 28.71 13.15 -5.71
N GLU B 152 29.11 12.01 -6.30
CA GLU B 152 30.52 11.66 -6.32
C GLU B 152 31.32 12.54 -7.28
N GLY B 153 30.66 13.19 -8.23
CA GLY B 153 31.29 14.28 -8.97
C GLY B 153 32.25 13.87 -10.06
N LYS B 154 32.24 12.60 -10.48
CA LYS B 154 33.15 12.13 -11.52
C LYS B 154 32.41 11.71 -12.78
N GLY B 155 31.17 12.13 -12.96
CA GLY B 155 30.39 11.76 -14.12
C GLY B 155 29.67 10.43 -13.93
N LEU B 156 28.82 10.12 -14.90
CA LEU B 156 28.04 8.89 -14.87
C LEU B 156 28.81 7.74 -15.50
N SER B 157 28.56 6.52 -15.00
CA SER B 157 29.17 5.33 -15.59
C SER B 157 28.30 4.72 -16.67
N VAL B 158 27.18 5.36 -16.98
CA VAL B 158 26.21 4.90 -17.96
C VAL B 158 25.84 6.09 -18.82
N ASP B 159 25.25 5.81 -19.98
CA ASP B 159 24.74 6.88 -20.83
C ASP B 159 23.70 7.69 -20.09
N THR B 160 22.77 7.01 -19.43
CA THR B 160 21.82 7.61 -18.52
C THR B 160 21.35 6.50 -17.60
N TRP B 161 21.01 6.86 -16.36
CA TRP B 161 20.40 5.88 -15.49
C TRP B 161 18.94 5.67 -15.82
N PHE B 162 18.31 6.64 -16.46
CA PHE B 162 16.87 6.56 -16.74
C PHE B 162 16.62 5.90 -18.09
N ALA B 163 17.02 4.63 -18.17
CA ALA B 163 16.67 3.84 -19.33
C ALA B 163 15.15 3.75 -19.45
N PRO B 164 14.60 3.87 -20.65
CA PRO B 164 13.13 3.81 -20.79
C PRO B 164 12.57 2.46 -20.36
N ILE B 165 11.40 2.50 -19.73
CA ILE B 165 10.69 1.31 -19.27
C ILE B 165 9.53 1.04 -20.22
N VAL B 166 9.48 -0.16 -20.79
CA VAL B 166 8.32 -0.62 -21.56
C VAL B 166 7.54 -1.56 -20.65
N ALA B 167 6.28 -1.25 -20.40
CA ALA B 167 5.56 -1.91 -19.31
C ALA B 167 4.27 -2.57 -19.78
N ASP B 168 3.87 -3.58 -19.03
CA ASP B 168 2.76 -4.48 -19.36
C ASP B 168 1.46 -3.96 -18.74
N ALA B 169 0.49 -3.60 -19.59
CA ALA B 169 -0.86 -3.28 -19.09
C ALA B 169 -1.86 -4.40 -19.37
N GLU B 170 -1.38 -5.59 -19.73
CA GLU B 170 -2.21 -6.78 -19.90
C GLU B 170 -3.37 -6.48 -20.86
N ALA B 171 -4.60 -6.78 -20.50
CA ALA B 171 -5.75 -6.48 -21.35
C ALA B 171 -6.50 -5.26 -20.85
N GLY B 172 -5.83 -4.38 -20.10
CA GLY B 172 -6.45 -3.16 -19.63
C GLY B 172 -7.23 -3.30 -18.34
N PHE B 173 -7.33 -4.51 -17.78
CA PHE B 173 -8.02 -4.79 -16.52
C PHE B 173 -9.51 -4.41 -16.58
N GLY B 174 -10.09 -4.54 -17.76
CA GLY B 174 -11.52 -4.36 -17.92
C GLY B 174 -11.88 -3.80 -19.28
N GLY B 175 -12.61 -2.70 -19.29
CA GLY B 175 -13.00 -2.08 -20.54
C GLY B 175 -12.12 -0.89 -20.89
N PRO B 176 -12.55 -0.12 -21.88
CA PRO B 176 -11.75 1.05 -22.30
C PRO B 176 -11.42 2.02 -21.17
N LEU B 177 -12.36 2.26 -20.23
CA LEU B 177 -12.04 3.15 -19.12
C LEU B 177 -10.97 2.58 -18.21
N ASP B 178 -10.93 1.25 -18.06
CA ASP B 178 -9.85 0.66 -17.27
C ASP B 178 -8.50 0.79 -17.98
N ALA B 179 -8.48 0.61 -19.31
CA ALA B 179 -7.25 0.84 -20.07
C ALA B 179 -6.78 2.28 -19.94
N PHE B 180 -7.72 3.22 -20.00
CA PHE B 180 -7.45 4.63 -19.78
C PHE B 180 -6.76 4.85 -18.44
N GLU B 181 -7.31 4.27 -17.37
CA GLU B 181 -6.74 4.48 -16.04
C GLU B 181 -5.35 3.84 -15.90
N ILE B 182 -5.15 2.62 -16.41
CA ILE B 182 -3.83 2.03 -16.18
C ILE B 182 -2.78 2.75 -17.02
N MET B 183 -3.17 3.30 -18.17
CA MET B 183 -2.22 4.06 -18.96
C MET B 183 -1.76 5.30 -18.20
N LYS B 184 -2.71 6.03 -17.61
CA LYS B 184 -2.36 7.21 -16.82
C LYS B 184 -1.46 6.83 -15.65
N ALA B 185 -1.77 5.72 -14.98
CA ALA B 185 -0.98 5.34 -13.82
C ALA B 185 0.46 5.02 -14.22
N TYR B 186 0.66 4.39 -15.38
CA TYR B 186 2.00 4.13 -15.87
C TYR B 186 2.72 5.42 -16.24
N ILE B 187 2.00 6.39 -16.80
CA ILE B 187 2.62 7.68 -17.11
C ILE B 187 3.08 8.38 -15.84
N GLU B 188 2.22 8.41 -14.82
CA GLU B 188 2.63 8.99 -13.54
C GLU B 188 3.85 8.30 -12.95
N ALA B 189 3.96 6.98 -13.16
CA ALA B 189 5.10 6.23 -12.65
C ALA B 189 6.35 6.43 -13.48
N GLY B 190 6.24 7.05 -14.65
CA GLY B 190 7.40 7.30 -15.49
C GLY B 190 7.71 6.25 -16.52
N ALA B 191 6.76 5.38 -16.86
CA ALA B 191 6.97 4.42 -17.93
C ALA B 191 7.07 5.15 -19.28
N ALA B 192 7.82 4.55 -20.20
CA ALA B 192 8.04 5.13 -21.52
C ALA B 192 7.10 4.58 -22.58
N GLY B 193 6.69 3.33 -22.42
CA GLY B 193 5.80 2.67 -23.36
C GLY B 193 5.00 1.63 -22.62
N VAL B 194 3.80 1.35 -23.12
CA VAL B 194 2.84 0.49 -22.43
C VAL B 194 2.21 -0.41 -23.49
N HIS B 195 2.04 -1.70 -23.19
CA HIS B 195 1.44 -2.60 -24.17
C HIS B 195 0.11 -3.17 -23.70
N PHE B 196 -0.81 -3.31 -24.66
CA PHE B 196 -2.18 -3.76 -24.47
C PHE B 196 -2.47 -4.87 -25.47
N GLU B 197 -3.17 -5.91 -25.02
CA GLU B 197 -3.42 -7.09 -25.85
C GLU B 197 -4.91 -7.33 -26.04
N ASP B 198 -5.24 -8.04 -27.12
CA ASP B 198 -6.63 -8.25 -27.51
C ASP B 198 -7.24 -9.49 -26.88
N GLN B 199 -6.98 -9.71 -25.60
CA GLN B 199 -7.59 -10.78 -24.83
C GLN B 199 -8.74 -10.25 -23.99
N LEU B 200 -9.63 -11.17 -23.61
CA LEU B 200 -10.68 -10.89 -22.64
C LEU B 200 -10.09 -10.78 -21.24
N ALA B 201 -10.29 -9.64 -20.58
CA ALA B 201 -9.63 -9.41 -19.29
C ALA B 201 -10.04 -10.46 -18.26
N SER B 202 -11.30 -10.86 -18.25
CA SER B 202 -11.75 -11.83 -17.25
C SER B 202 -11.20 -13.23 -17.48
N GLU B 203 -10.59 -13.51 -18.65
CA GLU B 203 -9.97 -14.80 -18.94
C GLU B 203 -8.53 -14.66 -19.41
N LYS B 204 -7.88 -13.54 -19.06
CA LYS B 204 -6.53 -13.25 -19.54
C LYS B 204 -5.54 -14.36 -19.19
N LYS B 205 -4.61 -14.62 -20.11
CA LYS B 205 -3.57 -15.63 -19.94
C LYS B 205 -2.22 -15.09 -20.41
N CYS B 206 -1.15 -15.65 -19.85
CA CYS B 206 0.16 -15.57 -20.49
C CYS B 206 0.03 -15.97 -21.96
N GLY B 207 0.78 -15.29 -22.83
CA GLY B 207 0.71 -15.59 -24.26
C GLY B 207 0.96 -17.04 -24.61
N HIS B 208 1.66 -17.78 -23.75
CA HIS B 208 2.04 -19.15 -24.06
C HIS B 208 1.30 -20.17 -23.20
N LEU B 209 0.17 -19.75 -22.63
CA LEU B 209 -0.79 -20.66 -22.01
C LEU B 209 -1.94 -20.92 -22.97
N GLY B 210 -2.61 -22.06 -22.78
CA GLY B 210 -3.83 -22.31 -23.49
C GLY B 210 -4.99 -21.55 -22.88
N GLY B 211 -6.15 -21.66 -23.54
CA GLY B 211 -7.37 -21.09 -23.01
C GLY B 211 -7.50 -19.59 -23.18
N LYS B 212 -6.80 -19.01 -24.15
CA LYS B 212 -6.93 -17.58 -24.38
C LYS B 212 -8.22 -17.30 -25.15
N VAL B 213 -8.84 -16.17 -24.84
CA VAL B 213 -10.06 -15.73 -25.48
C VAL B 213 -9.80 -14.34 -26.03
N LEU B 214 -9.98 -14.17 -27.34
CA LEU B 214 -9.81 -12.88 -27.98
C LEU B 214 -11.07 -12.05 -27.83
N ILE B 215 -10.91 -10.73 -27.93
CA ILE B 215 -12.04 -9.81 -28.04
C ILE B 215 -12.14 -9.35 -29.48
N PRO B 216 -13.25 -8.76 -29.91
CA PRO B 216 -13.36 -8.33 -31.30
C PRO B 216 -12.29 -7.32 -31.66
N THR B 217 -11.92 -7.31 -32.94
CA THR B 217 -10.93 -6.34 -33.42
C THR B 217 -11.30 -4.91 -33.01
N ALA B 218 -12.58 -4.54 -33.19
CA ALA B 218 -13.02 -3.20 -32.84
C ALA B 218 -12.88 -2.94 -31.34
N ALA B 219 -13.09 -3.97 -30.52
CA ALA B 219 -13.01 -3.77 -29.07
C ALA B 219 -11.58 -3.46 -28.65
N HIS B 220 -10.61 -4.10 -29.30
CA HIS B 220 -9.22 -3.78 -28.93
C HIS B 220 -8.81 -2.42 -29.46
N ILE B 221 -9.34 -2.01 -30.61
CA ILE B 221 -9.04 -0.67 -31.09
C ILE B 221 -9.59 0.38 -30.12
N ARG B 222 -10.72 0.10 -29.48
CA ARG B 222 -11.22 1.01 -28.44
C ARG B 222 -10.25 1.08 -27.26
N ASN B 223 -9.66 -0.05 -26.87
CA ASN B 223 -8.68 -0.01 -25.79
C ASN B 223 -7.46 0.80 -26.18
N LEU B 224 -7.02 0.65 -27.43
CA LEU B 224 -5.84 1.40 -27.87
C LEU B 224 -6.14 2.89 -27.95
N ASN B 225 -7.34 3.24 -28.44
CA ASN B 225 -7.74 4.65 -28.46
C ASN B 225 -7.84 5.20 -27.04
N ALA B 226 -8.31 4.38 -26.09
CA ALA B 226 -8.36 4.83 -24.70
C ALA B 226 -6.97 5.11 -24.18
N ALA B 227 -6.00 4.25 -24.53
CA ALA B 227 -4.62 4.48 -24.11
C ALA B 227 -4.06 5.75 -24.74
N ARG B 228 -4.36 6.00 -26.01
CA ARG B 228 -3.85 7.21 -26.64
C ARG B 228 -4.49 8.45 -26.02
N LEU B 229 -5.79 8.40 -25.74
CA LEU B 229 -6.42 9.56 -25.09
C LEU B 229 -5.82 9.82 -23.71
N ALA B 230 -5.51 8.75 -22.97
CA ALA B 230 -4.87 8.93 -21.68
C ALA B 230 -3.54 9.66 -21.84
N ALA B 231 -2.70 9.22 -22.80
CA ALA B 231 -1.42 9.88 -23.01
C ALA B 231 -1.62 11.33 -23.44
N ASP B 232 -2.60 11.56 -24.32
CA ASP B 232 -2.88 12.91 -24.76
C ASP B 232 -3.31 13.80 -23.60
N VAL B 233 -4.19 13.31 -22.71
CA VAL B 233 -4.62 14.19 -21.63
C VAL B 233 -3.55 14.33 -20.56
N MET B 234 -2.64 13.36 -20.43
CA MET B 234 -1.48 13.55 -19.56
C MET B 234 -0.44 14.45 -20.19
N GLY B 235 -0.51 14.67 -21.51
CA GLY B 235 0.42 15.52 -22.21
C GLY B 235 1.75 14.88 -22.52
N THR B 236 1.82 13.55 -22.63
CA THR B 236 3.09 12.85 -22.83
C THR B 236 3.06 12.03 -24.13
N PRO B 237 4.21 11.94 -24.85
CA PRO B 237 4.24 11.15 -26.09
C PRO B 237 4.51 9.67 -25.84
N THR B 238 3.89 9.14 -24.79
CA THR B 238 4.09 7.74 -24.39
C THR B 238 3.84 6.78 -25.56
N LEU B 239 4.70 5.78 -25.69
CA LEU B 239 4.53 4.80 -26.75
C LEU B 239 3.47 3.78 -26.39
N ILE B 240 2.76 3.30 -27.41
CA ILE B 240 1.73 2.29 -27.25
C ILE B 240 2.10 1.08 -28.12
N VAL B 241 2.13 -0.10 -27.51
CA VAL B 241 2.38 -1.34 -28.22
C VAL B 241 1.07 -2.11 -28.25
N ALA B 242 0.60 -2.46 -29.45
CA ALA B 242 -0.58 -3.30 -29.60
C ALA B 242 -0.12 -4.74 -29.77
N ARG B 243 -0.60 -5.62 -28.91
CA ARG B 243 -0.27 -7.03 -28.95
C ARG B 243 -1.48 -7.84 -29.41
N THR B 244 -1.26 -8.84 -30.28
CA THR B 244 -2.32 -9.76 -30.63
C THR B 244 -1.97 -11.17 -30.18
N ASP B 245 -2.94 -11.84 -29.58
CA ASP B 245 -2.81 -13.22 -29.11
C ASP B 245 -3.48 -14.22 -30.06
N ALA B 246 -3.74 -13.83 -31.31
CA ALA B 246 -4.52 -14.69 -32.19
C ALA B 246 -3.73 -15.86 -32.77
N GLU B 247 -2.40 -15.93 -32.58
CA GLU B 247 -1.64 -17.05 -33.13
C GLU B 247 -2.07 -18.36 -32.49
N ALA B 248 -2.36 -18.34 -31.19
CA ALA B 248 -2.73 -19.54 -30.44
C ALA B 248 -4.16 -19.53 -29.93
N ALA B 249 -4.78 -18.36 -29.74
CA ALA B 249 -6.13 -18.32 -29.19
C ALA B 249 -7.13 -18.99 -30.11
N LYS B 250 -7.96 -19.87 -29.54
CA LYS B 250 -8.98 -20.59 -30.29
C LYS B 250 -10.40 -20.13 -29.97
N LEU B 251 -10.55 -19.10 -29.14
CA LEU B 251 -11.85 -18.64 -28.69
C LEU B 251 -11.95 -17.14 -28.91
N LEU B 252 -13.18 -16.68 -29.10
CA LEU B 252 -13.48 -15.28 -29.36
C LEU B 252 -14.81 -14.93 -28.68
N THR B 253 -14.86 -13.78 -28.01
CA THR B 253 -16.06 -13.43 -27.22
C THR B 253 -17.28 -13.23 -28.11
N SER B 254 -17.11 -12.61 -29.27
CA SER B 254 -18.24 -12.22 -30.12
C SER B 254 -17.77 -12.11 -31.56
N ASP B 255 -18.61 -12.57 -32.49
CA ASP B 255 -18.35 -12.43 -33.92
C ASP B 255 -18.95 -11.15 -34.51
N ILE B 256 -19.23 -10.14 -33.68
CA ILE B 256 -19.93 -8.95 -34.14
C ILE B 256 -19.14 -8.19 -35.20
N ASP B 257 -17.81 -8.27 -35.16
CA ASP B 257 -16.93 -7.51 -36.06
C ASP B 257 -16.71 -8.33 -37.34
N GLU B 258 -17.12 -7.76 -38.48
CA GLU B 258 -16.97 -8.43 -39.77
C GLU B 258 -15.53 -8.79 -40.09
N ARG B 259 -14.56 -8.08 -39.50
CA ARG B 259 -13.16 -8.42 -39.73
C ARG B 259 -12.78 -9.73 -39.07
N ASP B 260 -13.49 -10.15 -38.02
CA ASP B 260 -13.19 -11.40 -37.36
C ASP B 260 -13.99 -12.58 -37.90
N GLN B 261 -15.14 -12.33 -38.52
CA GLN B 261 -15.99 -13.40 -39.01
C GLN B 261 -15.31 -14.39 -39.95
N PRO B 262 -14.39 -14.01 -40.85
CA PRO B 262 -13.77 -15.03 -41.73
C PRO B 262 -12.99 -16.10 -40.99
N PHE B 263 -12.65 -15.87 -39.72
CA PHE B 263 -11.89 -16.84 -38.95
C PHE B 263 -12.75 -17.63 -37.98
N VAL B 264 -14.05 -17.35 -37.92
CA VAL B 264 -14.94 -18.05 -37.01
C VAL B 264 -15.31 -19.41 -37.59
N ASP B 265 -15.18 -20.45 -36.77
CA ASP B 265 -15.61 -21.80 -37.12
C ASP B 265 -17.09 -21.91 -36.73
N TYR B 266 -17.97 -21.50 -37.65
CA TYR B 266 -19.39 -21.56 -37.36
C TYR B 266 -19.90 -22.99 -37.33
N GLU B 267 -19.23 -23.92 -38.02
CA GLU B 267 -19.60 -25.32 -37.92
C GLU B 267 -19.51 -25.82 -36.50
N ALA B 268 -18.53 -25.32 -35.72
CA ALA B 268 -18.29 -25.83 -34.38
C ALA B 268 -19.34 -25.37 -33.38
N GLY B 269 -20.00 -24.24 -33.62
CA GLY B 269 -20.94 -23.72 -32.65
C GLY B 269 -20.25 -23.08 -31.47
N ARG B 270 -21.03 -22.47 -30.58
CA ARG B 270 -20.44 -21.77 -29.45
C ARG B 270 -20.16 -22.72 -28.30
N THR B 271 -19.25 -22.32 -27.42
CA THR B 271 -18.95 -23.06 -26.21
C THR B 271 -20.04 -22.85 -25.17
N ALA B 272 -19.95 -23.61 -24.09
CA ALA B 272 -20.94 -23.50 -23.02
C ALA B 272 -20.98 -22.09 -22.44
N GLU B 273 -19.85 -21.37 -22.46
CA GLU B 273 -19.80 -20.00 -21.98
C GLU B 273 -20.30 -18.99 -23.00
N GLY B 274 -20.57 -19.41 -24.22
CA GLY B 274 -21.02 -18.50 -25.25
C GLY B 274 -19.93 -17.99 -26.18
N PHE B 275 -18.71 -18.47 -26.03
CA PHE B 275 -17.61 -18.04 -26.90
C PHE B 275 -17.71 -18.67 -28.29
N TYR B 276 -17.24 -17.92 -29.28
CA TYR B 276 -17.08 -18.44 -30.62
C TYR B 276 -15.73 -19.12 -30.76
N GLN B 277 -15.68 -20.16 -31.58
CA GLN B 277 -14.43 -20.84 -31.84
C GLN B 277 -13.84 -20.31 -33.13
N VAL B 278 -12.52 -20.10 -33.16
CA VAL B 278 -11.88 -19.45 -34.28
C VAL B 278 -10.69 -20.28 -34.77
N LYS B 279 -10.38 -20.12 -36.05
CA LYS B 279 -9.19 -20.69 -36.65
C LYS B 279 -8.00 -19.79 -36.31
N ASN B 280 -7.06 -20.31 -35.51
CA ASN B 280 -5.95 -19.51 -35.05
C ASN B 280 -4.79 -19.56 -36.05
N GLY B 281 -3.78 -18.75 -35.81
CA GLY B 281 -2.57 -18.82 -36.60
C GLY B 281 -2.15 -17.46 -37.09
N ILE B 282 -1.20 -17.44 -38.02
CA ILE B 282 -0.62 -16.17 -38.44
C ILE B 282 -1.62 -15.32 -39.23
N GLU B 283 -2.59 -15.94 -39.91
CA GLU B 283 -3.51 -15.16 -40.73
C GLU B 283 -4.35 -14.17 -39.92
N PRO B 284 -5.06 -14.58 -38.85
CA PRO B 284 -5.76 -13.57 -38.06
C PRO B 284 -4.83 -12.62 -37.31
N CYS B 285 -3.58 -13.03 -37.02
CA CYS B 285 -2.62 -12.08 -36.47
C CYS B 285 -2.31 -10.97 -37.46
N ILE B 286 -2.11 -11.34 -38.73
CA ILE B 286 -1.81 -10.34 -39.75
C ILE B 286 -2.98 -9.37 -39.91
N ALA B 287 -4.20 -9.89 -40.01
CA ALA B 287 -5.36 -9.03 -40.18
C ALA B 287 -5.53 -8.09 -39.01
N ARG B 288 -5.44 -8.61 -37.77
CA ARG B 288 -5.60 -7.76 -36.60
C ARG B 288 -4.47 -6.74 -36.51
N ALA B 289 -3.22 -7.16 -36.78
CA ALA B 289 -2.10 -6.22 -36.74
C ALA B 289 -2.32 -5.07 -37.71
N ILE B 290 -2.74 -5.38 -38.93
CA ILE B 290 -2.96 -4.33 -39.93
C ILE B 290 -4.12 -3.42 -39.49
N ALA B 291 -5.13 -3.97 -38.83
CA ALA B 291 -6.22 -3.14 -38.32
C ALA B 291 -5.78 -2.29 -37.14
N TYR B 292 -4.89 -2.81 -36.29
CA TYR B 292 -4.41 -2.06 -35.13
C TYR B 292 -3.38 -1.00 -35.48
N ALA B 293 -2.67 -1.16 -36.60
CA ALA B 293 -1.48 -0.35 -36.89
C ALA B 293 -1.68 1.16 -36.75
N PRO B 294 -2.77 1.79 -37.24
CA PRO B 294 -2.88 3.25 -37.10
C PRO B 294 -3.08 3.72 -35.68
N TYR B 295 -3.29 2.79 -34.73
CA TYR B 295 -3.67 3.14 -33.37
C TYR B 295 -2.61 2.72 -32.36
N CYS B 296 -1.39 2.47 -32.82
CA CYS B 296 -0.31 2.10 -31.93
C CYS B 296 1.02 2.51 -32.56
N ASP B 297 2.07 2.43 -31.75
CA ASP B 297 3.41 2.76 -32.23
C ASP B 297 4.23 1.53 -32.56
N LEU B 298 4.02 0.41 -31.89
CA LEU B 298 4.62 -0.85 -32.28
C LEU B 298 3.57 -1.94 -32.24
N ILE B 299 3.80 -2.98 -33.05
CA ILE B 299 2.91 -4.13 -33.13
CA ILE B 299 2.92 -4.14 -33.17
C ILE B 299 3.67 -5.37 -32.70
N TRP B 300 3.00 -6.23 -31.94
CA TRP B 300 3.58 -7.44 -31.37
C TRP B 300 2.62 -8.60 -31.59
N MET B 301 3.12 -9.70 -32.15
CA MET B 301 2.36 -10.93 -32.27
C MET B 301 3.02 -11.99 -31.38
N GLU B 302 2.26 -12.53 -30.43
CA GLU B 302 2.78 -13.66 -29.65
C GLU B 302 2.88 -14.89 -30.55
N THR B 303 3.93 -15.70 -30.33
CA THR B 303 4.17 -16.86 -31.18
C THR B 303 4.40 -18.10 -30.32
N SER B 304 4.14 -19.28 -30.91
CA SER B 304 4.29 -20.51 -30.15
C SER B 304 5.72 -21.03 -30.13
N LYS B 305 6.54 -20.62 -31.10
CA LYS B 305 7.92 -21.05 -31.19
C LYS B 305 8.77 -19.87 -31.65
N PRO B 306 10.06 -19.86 -31.30
CA PRO B 306 10.94 -18.82 -31.86
C PRO B 306 11.30 -19.16 -33.30
N ASP B 307 10.52 -18.65 -34.25
CA ASP B 307 10.59 -19.03 -35.65
C ASP B 307 10.91 -17.80 -36.47
N LEU B 308 12.15 -17.72 -36.98
CA LEU B 308 12.55 -16.57 -37.79
C LEU B 308 11.78 -16.49 -39.10
N ALA B 309 11.51 -17.64 -39.73
CA ALA B 309 10.71 -17.63 -40.96
C ALA B 309 9.30 -17.09 -40.68
N GLN B 310 8.71 -17.46 -39.53
CA GLN B 310 7.38 -16.95 -39.23
C GLN B 310 7.44 -15.45 -38.93
N ALA B 311 8.46 -15.02 -38.19
CA ALA B 311 8.63 -13.61 -37.89
C ALA B 311 8.81 -12.80 -39.17
N ARG B 312 9.53 -13.34 -40.15
CA ARG B 312 9.70 -12.63 -41.42
C ARG B 312 8.38 -12.52 -42.17
N ARG B 313 7.60 -13.60 -42.20
CA ARG B 313 6.32 -13.56 -42.90
C ARG B 313 5.37 -12.53 -42.28
N PHE B 314 5.35 -12.46 -40.95
CA PHE B 314 4.48 -11.48 -40.27
C PHE B 314 4.91 -10.06 -40.60
N ALA B 315 6.21 -9.78 -40.47
CA ALA B 315 6.73 -8.45 -40.79
C ALA B 315 6.43 -8.07 -42.24
N GLU B 316 6.72 -8.98 -43.18
CA GLU B 316 6.46 -8.67 -44.59
C GLU B 316 4.99 -8.38 -44.83
N ALA B 317 4.09 -9.16 -44.21
CA ALA B 317 2.67 -8.92 -44.44
C ALA B 317 2.23 -7.58 -43.86
N VAL B 318 2.70 -7.26 -42.65
CA VAL B 318 2.36 -5.98 -42.03
C VAL B 318 2.93 -4.83 -42.85
N HIS B 319 4.17 -4.98 -43.33
CA HIS B 319 4.81 -3.88 -44.05
C HIS B 319 4.26 -3.69 -45.45
N LYS B 320 3.55 -4.68 -46.00
CA LYS B 320 2.81 -4.44 -47.23
C LYS B 320 1.76 -3.35 -47.05
N ALA B 321 1.02 -3.43 -45.94
CA ALA B 321 -0.03 -2.45 -45.65
C ALA B 321 0.49 -1.20 -44.97
N HIS B 322 1.53 -1.32 -44.14
CA HIS B 322 2.08 -0.20 -43.40
C HIS B 322 3.60 -0.25 -43.48
N PRO B 323 4.19 0.34 -44.51
CA PRO B 323 5.64 0.29 -44.65
C PRO B 323 6.34 0.95 -43.47
N GLY B 324 7.42 0.31 -43.02
CA GLY B 324 8.23 0.86 -41.95
C GLY B 324 7.66 0.75 -40.57
N LYS B 325 6.53 0.05 -40.40
CA LYS B 325 5.91 -0.08 -39.09
C LYS B 325 6.87 -0.77 -38.11
N LEU B 326 7.07 -0.15 -36.96
CA LEU B 326 7.96 -0.73 -35.96
C LEU B 326 7.30 -1.93 -35.30
N LEU B 327 8.09 -2.98 -35.06
CA LEU B 327 7.57 -4.22 -34.51
C LEU B 327 8.32 -4.59 -33.23
N ALA B 328 7.65 -5.39 -32.39
CA ALA B 328 8.22 -5.89 -31.16
C ALA B 328 8.12 -7.41 -31.13
N TYR B 329 9.06 -8.05 -30.44
CA TYR B 329 9.13 -9.51 -30.45
C TYR B 329 9.50 -10.03 -29.07
N ASN B 330 8.73 -10.99 -28.59
CA ASN B 330 8.94 -11.59 -27.28
C ASN B 330 9.86 -12.80 -27.42
N CYS B 331 11.11 -12.67 -26.95
CA CYS B 331 12.03 -13.81 -26.89
C CYS B 331 11.76 -14.53 -25.57
N SER B 332 10.76 -15.40 -25.61
CA SER B 332 10.12 -15.85 -24.38
C SER B 332 10.87 -17.00 -23.74
N PRO B 333 11.10 -16.96 -22.42
CA PRO B 333 11.55 -18.16 -21.70
C PRO B 333 10.54 -19.31 -21.71
N SER B 334 9.32 -19.07 -22.18
CA SER B 334 8.35 -20.15 -22.35
C SER B 334 8.67 -21.04 -23.53
N PHE B 335 9.68 -20.68 -24.34
CA PHE B 335 10.24 -21.57 -25.35
C PHE B 335 11.39 -22.36 -24.77
N ASN B 336 11.52 -23.61 -25.21
CA ASN B 336 12.71 -24.40 -24.93
C ASN B 336 13.67 -24.10 -26.06
N TRP B 337 14.67 -23.24 -25.81
CA TRP B 337 15.43 -22.66 -26.92
C TRP B 337 16.30 -23.70 -27.61
N LYS B 338 17.09 -24.46 -26.85
CA LYS B 338 17.92 -25.47 -27.51
C LYS B 338 17.11 -26.61 -28.12
N LYS B 339 15.85 -26.81 -27.68
CA LYS B 339 15.03 -27.83 -28.33
C LYS B 339 14.60 -27.38 -29.72
N ASN B 340 14.33 -26.08 -29.89
CA ASN B 340 13.85 -25.58 -31.17
C ASN B 340 14.99 -25.29 -32.14
N LEU B 341 16.11 -24.76 -31.65
CA LEU B 341 17.12 -24.12 -32.49
C LEU B 341 18.51 -24.62 -32.16
N ASP B 342 19.38 -24.63 -33.17
CA ASP B 342 20.80 -24.91 -32.95
C ASP B 342 21.53 -23.65 -32.48
N ASP B 343 22.80 -23.82 -32.09
CA ASP B 343 23.53 -22.73 -31.45
C ASP B 343 23.68 -21.54 -32.41
N ALA B 344 23.93 -21.81 -33.69
CA ALA B 344 24.15 -20.72 -34.64
C ALA B 344 22.91 -19.85 -34.78
N THR B 345 21.74 -20.47 -34.81
CA THR B 345 20.50 -19.72 -34.97
C THR B 345 20.16 -18.94 -33.70
N ILE B 346 20.36 -19.55 -32.53
CA ILE B 346 20.19 -18.82 -31.27
C ILE B 346 21.10 -17.59 -31.25
N ALA B 347 22.36 -17.76 -31.67
CA ALA B 347 23.33 -16.67 -31.58
C ALA B 347 22.98 -15.50 -32.48
N LYS B 348 22.34 -15.73 -33.61
CA LYS B 348 22.00 -14.67 -34.54
C LYS B 348 20.55 -14.20 -34.42
N PHE B 349 19.78 -14.79 -33.50
CA PHE B 349 18.33 -14.65 -33.50
C PHE B 349 17.91 -13.18 -33.45
N GLN B 350 18.38 -12.45 -32.45
CA GLN B 350 17.94 -11.06 -32.27
C GLN B 350 18.46 -10.16 -33.39
N ARG B 351 19.69 -10.38 -33.86
CA ARG B 351 20.21 -9.56 -34.94
CA ARG B 351 20.22 -9.57 -34.95
C ARG B 351 19.40 -9.74 -36.22
N GLU B 352 18.95 -10.98 -36.49
CA GLU B 352 18.16 -11.24 -37.69
C GLU B 352 16.76 -10.65 -37.57
N LEU B 353 16.16 -10.76 -36.39
CA LEU B 353 14.88 -10.10 -36.14
C LEU B 353 14.99 -8.58 -36.32
N GLY B 354 16.06 -7.98 -35.81
CA GLY B 354 16.23 -6.54 -35.94
C GLY B 354 16.22 -6.08 -37.39
N ALA B 355 16.87 -6.86 -38.26
CA ALA B 355 16.90 -6.53 -39.68
C ALA B 355 15.53 -6.65 -40.33
N MET B 356 14.62 -7.43 -39.75
CA MET B 356 13.26 -7.53 -40.28
C MET B 356 12.38 -6.38 -39.84
N GLY B 357 12.82 -5.58 -38.87
CA GLY B 357 12.02 -4.49 -38.35
C GLY B 357 11.57 -4.66 -36.91
N TYR B 358 11.99 -5.72 -36.22
CA TYR B 358 11.66 -5.91 -34.81
C TYR B 358 12.63 -5.07 -34.00
N LYS B 359 12.25 -3.82 -33.76
CA LYS B 359 13.13 -2.86 -33.12
C LYS B 359 13.09 -2.90 -31.59
N PHE B 360 12.10 -3.55 -31.00
CA PHE B 360 12.10 -3.79 -29.55
C PHE B 360 11.95 -5.27 -29.30
N GLN B 361 12.96 -5.87 -28.67
CA GLN B 361 12.96 -7.30 -28.39
C GLN B 361 13.23 -7.48 -26.91
N PHE B 362 12.53 -8.44 -26.28
CA PHE B 362 12.58 -8.53 -24.83
C PHE B 362 12.38 -9.97 -24.36
N ILE B 363 13.12 -10.33 -23.32
CA ILE B 363 12.93 -11.62 -22.65
C ILE B 363 12.03 -11.34 -21.45
N THR B 364 10.76 -11.69 -21.58
CA THR B 364 9.74 -11.32 -20.59
C THR B 364 10.10 -11.80 -19.19
N LEU B 365 10.46 -13.08 -19.04
CA LEU B 365 10.55 -13.67 -17.71
C LEU B 365 11.99 -13.81 -17.24
N ALA B 366 12.92 -13.03 -17.80
CA ALA B 366 14.33 -13.20 -17.47
C ALA B 366 14.60 -12.96 -15.99
N GLY B 367 13.98 -11.93 -15.40
CA GLY B 367 14.24 -11.63 -14.00
C GLY B 367 13.78 -12.73 -13.07
N PHE B 368 12.65 -13.36 -13.38
CA PHE B 368 12.17 -14.49 -12.59
C PHE B 368 13.16 -15.65 -12.65
N HIS B 369 13.61 -16.01 -13.85
CA HIS B 369 14.47 -17.18 -13.95
C HIS B 369 15.83 -16.93 -13.32
N GLN B 370 16.39 -15.73 -13.53
CA GLN B 370 17.68 -15.44 -12.89
CA GLN B 370 17.68 -15.41 -12.89
C GLN B 370 17.56 -15.44 -11.37
N LEU B 371 16.49 -14.83 -10.84
CA LEU B 371 16.34 -14.77 -9.39
C LEU B 371 16.14 -16.15 -8.80
N ASN B 372 15.26 -16.95 -9.40
CA ASN B 372 14.95 -18.23 -8.80
C ASN B 372 16.07 -19.23 -8.98
N TYR B 373 16.70 -19.27 -10.16
CA TYR B 373 17.83 -20.19 -10.34
C TYR B 373 18.98 -19.81 -9.42
N GLY B 374 19.32 -18.51 -9.36
CA GLY B 374 20.45 -18.10 -8.55
C GLY B 374 20.29 -18.41 -7.08
N MET B 375 19.10 -18.17 -6.53
CA MET B 375 18.90 -18.43 -5.11
C MET B 375 18.78 -19.92 -4.83
N PHE B 376 18.16 -20.69 -5.72
CA PHE B 376 18.13 -22.14 -5.51
C PHE B 376 19.55 -22.68 -5.41
N GLU B 377 20.44 -22.27 -6.31
CA GLU B 377 21.79 -22.83 -6.33
C GLU B 377 22.61 -22.34 -5.14
N LEU B 378 22.45 -21.07 -4.76
CA LEU B 378 23.14 -20.57 -3.56
C LEU B 378 22.66 -21.30 -2.32
N ALA B 379 21.34 -21.44 -2.19
CA ALA B 379 20.78 -22.11 -1.01
C ALA B 379 21.22 -23.56 -0.94
N ARG B 380 21.26 -24.25 -2.09
CA ARG B 380 21.70 -25.65 -2.10
C ARG B 380 23.16 -25.76 -1.68
N GLY B 381 24.02 -24.89 -2.21
CA GLY B 381 25.42 -24.92 -1.80
C GLY B 381 25.59 -24.56 -0.34
N TYR B 382 24.85 -23.56 0.13
CA TYR B 382 24.90 -23.16 1.53
C TYR B 382 24.50 -24.30 2.44
N LYS B 383 23.44 -25.03 2.08
CA LYS B 383 23.06 -26.18 2.88
C LYS B 383 24.18 -27.21 2.95
N ASP B 384 24.85 -27.46 1.83
CA ASP B 384 25.84 -28.53 1.81
CA ASP B 384 25.84 -28.52 1.77
C ASP B 384 27.18 -28.09 2.37
N ARG B 385 27.57 -26.84 2.18
CA ARG B 385 28.92 -26.39 2.49
C ARG B 385 28.98 -25.07 3.24
N GLN B 386 27.83 -24.50 3.63
CA GLN B 386 27.76 -23.30 4.46
C GLN B 386 28.59 -22.16 3.88
N MET B 387 29.53 -21.60 4.66
CA MET B 387 30.15 -20.35 4.20
C MET B 387 31.02 -20.53 2.98
N ALA B 388 31.46 -21.76 2.67
CA ALA B 388 32.22 -21.95 1.45
C ALA B 388 31.40 -21.55 0.24
N ALA B 389 30.10 -21.87 0.25
CA ALA B 389 29.25 -21.50 -0.86
C ALA B 389 29.07 -20.00 -0.96
N TYR B 390 28.95 -19.31 0.17
CA TYR B 390 28.78 -17.86 0.09
C TYR B 390 30.07 -17.20 -0.37
N SER B 391 31.22 -17.66 0.13
CA SER B 391 32.49 -17.07 -0.28
C SER B 391 32.72 -17.23 -1.77
N GLU B 392 32.26 -18.34 -2.35
CA GLU B 392 32.34 -18.52 -3.80
C GLU B 392 31.57 -17.42 -4.53
N LEU B 393 30.38 -17.07 -4.03
CA LEU B 393 29.62 -15.97 -4.61
C LEU B 393 30.38 -14.66 -4.47
N GLN B 394 30.89 -14.38 -3.26
CA GLN B 394 31.61 -13.14 -3.03
C GLN B 394 32.84 -13.04 -3.93
N GLN B 395 33.57 -14.15 -4.12
CA GLN B 395 34.73 -14.11 -4.99
C GLN B 395 34.33 -13.87 -6.44
N ALA B 396 33.19 -14.44 -6.86
CA ALA B 396 32.70 -14.17 -8.21
C ALA B 396 32.34 -12.70 -8.38
N GLU B 397 31.78 -12.08 -7.35
CA GLU B 397 31.50 -10.65 -7.38
C GLU B 397 32.78 -9.84 -7.55
N PHE B 398 33.81 -10.14 -6.75
CA PHE B 398 35.07 -9.44 -6.90
C PHE B 398 35.61 -9.60 -8.32
N ALA B 399 35.46 -10.79 -8.89
CA ALA B 399 35.97 -11.05 -10.23
C ALA B 399 35.23 -10.20 -11.27
N ALA B 400 33.96 -9.93 -11.04
CA ALA B 400 33.14 -9.18 -11.99
C ALA B 400 33.43 -7.70 -11.96
N GLU B 401 34.17 -7.20 -10.96
CA GLU B 401 34.40 -5.77 -10.89
C GLU B 401 35.22 -5.26 -12.08
N ALA B 402 36.07 -6.12 -12.65
CA ALA B 402 36.83 -5.70 -13.82
C ALA B 402 35.92 -5.47 -15.03
N ASP B 403 34.68 -5.97 -14.98
CA ASP B 403 33.71 -5.79 -16.05
C ASP B 403 32.66 -4.74 -15.72
N GLY B 404 32.80 -4.05 -14.59
CA GLY B 404 31.90 -2.97 -14.21
C GLY B 404 31.00 -3.24 -13.03
N TYR B 405 31.01 -4.45 -12.46
CA TYR B 405 30.18 -4.74 -11.30
C TYR B 405 30.66 -3.95 -10.09
N THR B 406 29.71 -3.38 -9.35
CA THR B 406 30.05 -2.57 -8.19
C THR B 406 29.40 -3.02 -6.90
N ALA B 407 28.40 -3.92 -6.95
CA ALA B 407 27.57 -4.15 -5.77
C ALA B 407 28.25 -4.96 -4.68
N THR B 408 29.47 -5.48 -4.92
CA THR B 408 30.22 -6.07 -3.81
C THR B 408 30.33 -5.09 -2.65
N LYS B 409 30.59 -3.82 -2.98
CA LYS B 409 30.54 -2.72 -2.00
C LYS B 409 29.09 -2.29 -1.84
N HIS B 410 28.35 -3.08 -1.07
CA HIS B 410 26.90 -2.88 -1.01
C HIS B 410 26.51 -1.59 -0.30
N GLN B 411 27.34 -1.08 0.61
CA GLN B 411 26.95 0.15 1.31
C GLN B 411 26.91 1.33 0.35
N ARG B 412 27.93 1.47 -0.50
CA ARG B 412 27.91 2.52 -1.52
C ARG B 412 26.73 2.30 -2.48
N GLU B 413 26.51 1.05 -2.89
CA GLU B 413 25.55 0.74 -3.96
C GLU B 413 24.17 1.29 -3.64
N VAL B 414 23.75 1.20 -2.37
CA VAL B 414 22.40 1.58 -1.99
C VAL B 414 22.30 3.03 -1.55
N GLY B 415 23.41 3.77 -1.53
CA GLY B 415 23.39 5.18 -1.26
C GLY B 415 23.90 5.64 0.10
N THR B 416 24.67 4.82 0.81
CA THR B 416 25.17 5.25 2.12
C THR B 416 26.06 6.47 1.98
N GLY B 417 26.93 6.51 0.96
CA GLY B 417 27.79 7.66 0.76
C GLY B 417 27.01 8.90 0.36
N TYR B 418 25.95 8.73 -0.42
CA TYR B 418 25.08 9.84 -0.78
C TYR B 418 24.45 10.45 0.47
N PHE B 419 23.88 9.61 1.35
CA PHE B 419 23.21 10.16 2.52
C PHE B 419 24.20 10.68 3.55
N ASP B 420 25.43 10.13 3.59
CA ASP B 420 26.50 10.78 4.35
C ASP B 420 26.69 12.22 3.88
N ALA B 421 26.65 12.43 2.56
CA ALA B 421 26.86 13.77 2.04
C ALA B 421 25.68 14.68 2.37
N VAL B 422 24.47 14.12 2.35
CA VAL B 422 23.30 14.89 2.77
C VAL B 422 23.44 15.33 4.22
N SER B 423 23.83 14.40 5.10
CA SER B 423 24.00 14.74 6.51
CA SER B 423 23.99 14.75 6.51
C SER B 423 25.05 15.82 6.70
N LEU B 424 26.15 15.75 5.94
CA LEU B 424 27.19 16.76 6.11
C LEU B 424 26.74 18.13 5.63
N ALA B 425 25.90 18.18 4.59
CA ALA B 425 25.38 19.46 4.14
C ALA B 425 24.41 20.05 5.16
N ILE B 426 23.58 19.19 5.78
CA ILE B 426 22.64 19.64 6.81
C ILE B 426 23.40 20.22 8.00
N THR B 427 24.44 19.53 8.46
CA THR B 427 25.13 19.89 9.69
C THR B 427 26.35 20.76 9.46
N GLY B 428 26.50 21.33 8.26
CA GLY B 428 27.69 22.13 7.99
C GLY B 428 29.00 21.40 8.18
N GLY B 429 28.97 20.07 8.12
CA GLY B 429 30.16 19.25 8.26
C GLY B 429 30.41 18.68 9.64
N GLN B 430 29.52 18.91 10.60
CA GLN B 430 29.81 18.64 12.00
C GLN B 430 29.13 17.40 12.56
N SER B 431 28.52 16.56 11.72
CA SER B 431 27.82 15.39 12.22
C SER B 431 28.80 14.36 12.80
N SER B 432 28.52 13.89 14.02
CA SER B 432 29.31 12.85 14.66
C SER B 432 28.94 11.44 14.23
N THR B 433 27.92 11.27 13.39
CA THR B 433 27.35 9.94 13.17
C THR B 433 27.31 9.55 11.70
N THR B 434 28.27 9.99 10.88
CA THR B 434 28.28 9.49 9.52
C THR B 434 28.75 8.03 9.49
N ALA B 435 28.48 7.37 8.37
CA ALA B 435 28.45 5.91 8.31
C ALA B 435 29.65 5.28 7.60
N MET B 436 30.16 5.89 6.53
CA MET B 436 31.14 5.18 5.69
C MET B 436 32.53 5.17 6.29
N LYS B 437 32.93 6.22 7.02
CA LYS B 437 34.33 6.38 7.41
C LYS B 437 34.83 5.18 8.22
N GLU B 438 34.07 4.76 9.23
CA GLU B 438 34.45 3.66 10.09
C GLU B 438 33.76 2.35 9.73
N SER B 439 33.30 2.21 8.49
CA SER B 439 32.59 1.01 8.07
C SER B 439 33.57 -0.11 7.73
N THR B 440 33.08 -1.35 7.86
CA THR B 440 33.91 -2.48 7.42
C THR B 440 34.10 -2.46 5.92
N GLU B 441 33.17 -1.84 5.18
CA GLU B 441 33.32 -1.72 3.73
C GLU B 441 34.58 -0.95 3.40
N THR B 442 34.78 0.19 4.05
CA THR B 442 35.99 0.98 3.83
C THR B 442 37.24 0.23 4.27
N ALA B 443 37.13 -0.57 5.34
CA ALA B 443 38.32 -1.20 5.91
C ALA B 443 38.69 -2.50 5.19
N GLN B 444 37.71 -3.20 4.61
CA GLN B 444 37.92 -4.54 4.08
C GLN B 444 37.71 -4.66 2.58
N PHE B 445 37.20 -3.62 1.91
CA PHE B 445 36.86 -3.66 0.48
C PHE B 445 37.57 -2.49 -0.22
N LYS B 446 38.88 -2.58 -0.34
CA LYS B 446 39.66 -1.49 -0.95
C LYS B 446 39.81 -1.69 -2.46
N THR C 23 -16.95 -36.50 2.35
CA THR C 23 -18.35 -36.35 2.00
C THR C 23 -18.98 -35.09 2.62
N ASP C 24 -18.53 -34.73 3.81
CA ASP C 24 -19.21 -33.75 4.66
C ASP C 24 -18.49 -32.40 4.63
N PHE C 25 -19.26 -31.32 4.47
CA PHE C 25 -18.69 -29.98 4.50
C PHE C 25 -18.62 -29.40 5.89
N TYR C 26 -19.40 -29.91 6.84
CA TYR C 26 -19.34 -29.36 8.19
C TYR C 26 -18.02 -29.66 8.87
N SER C 27 -17.40 -30.82 8.60
CA SER C 27 -16.10 -31.08 9.19
C SER C 27 -15.02 -30.18 8.61
N LEU C 28 -15.21 -29.66 7.40
CA LEU C 28 -14.26 -28.76 6.77
C LEU C 28 -14.38 -27.33 7.26
N ILE C 29 -15.51 -26.99 7.88
CA ILE C 29 -15.81 -25.63 8.32
C ILE C 29 -16.18 -25.75 9.79
N PRO C 30 -15.20 -25.89 10.68
CA PRO C 30 -15.49 -26.35 12.05
C PRO C 30 -16.39 -25.42 12.83
N SER C 31 -16.41 -24.12 12.53
CA SER C 31 -17.26 -23.19 13.26
C SER C 31 -18.67 -23.10 12.71
N ALA C 32 -18.97 -23.80 11.64
CA ALA C 32 -20.31 -23.67 11.04
C ALA C 32 -21.35 -24.23 11.99
N PRO C 33 -22.41 -23.49 12.30
CA PRO C 33 -23.45 -24.03 13.17
C PRO C 33 -24.30 -25.06 12.44
N LYS C 34 -24.96 -25.91 13.22
CA LYS C 34 -25.85 -26.92 12.66
C LYS C 34 -26.89 -26.25 11.77
N GLY C 35 -27.13 -26.86 10.60
CA GLY C 35 -28.08 -26.34 9.65
C GLY C 35 -27.59 -25.19 8.81
N ARG C 36 -26.33 -24.77 8.96
CA ARG C 36 -25.83 -23.59 8.27
C ARG C 36 -26.00 -23.72 6.76
N PHE C 37 -25.84 -24.93 6.25
CA PHE C 37 -25.84 -25.15 4.80
C PHE C 37 -27.09 -25.86 4.32
N ASP C 38 -28.16 -25.87 5.11
CA ASP C 38 -29.43 -26.40 4.64
C ASP C 38 -29.85 -25.71 3.35
N GLY C 39 -30.24 -26.51 2.35
CA GLY C 39 -30.69 -25.99 1.09
C GLY C 39 -29.59 -25.48 0.18
N ILE C 40 -28.33 -25.55 0.60
CA ILE C 40 -27.22 -25.01 -0.18
C ILE C 40 -26.62 -26.10 -1.04
N GLU C 41 -26.51 -25.85 -2.34
CA GLU C 41 -25.86 -26.76 -3.28
C GLU C 41 -24.48 -26.26 -3.64
N ARG C 42 -23.61 -27.19 -4.03
CA ARG C 42 -22.24 -26.86 -4.40
C ARG C 42 -21.87 -27.59 -5.67
N ALA C 43 -21.14 -26.91 -6.56
CA ALA C 43 -20.66 -27.57 -7.77
C ALA C 43 -19.54 -28.55 -7.47
N HIS C 44 -18.80 -28.31 -6.40
CA HIS C 44 -17.60 -29.06 -6.05
C HIS C 44 -17.89 -30.03 -4.90
N THR C 45 -16.92 -30.89 -4.61
CA THR C 45 -17.06 -31.92 -3.59
C THR C 45 -16.21 -31.56 -2.37
N ALA C 46 -16.46 -32.28 -1.27
CA ALA C 46 -15.64 -32.10 -0.08
C ALA C 46 -14.19 -32.50 -0.35
N GLU C 47 -13.99 -33.53 -1.18
CA GLU C 47 -12.64 -33.93 -1.55
C GLU C 47 -11.94 -32.84 -2.35
N ASP C 48 -12.68 -32.11 -3.19
CA ASP C 48 -12.12 -30.94 -3.88
C ASP C 48 -11.57 -29.93 -2.87
N VAL C 49 -12.34 -29.65 -1.82
CA VAL C 49 -11.91 -28.68 -0.83
C VAL C 49 -10.60 -29.14 -0.18
N LYS C 50 -10.55 -30.40 0.23
CA LYS C 50 -9.33 -30.89 0.85
C LYS C 50 -8.15 -30.81 -0.10
N ARG C 51 -8.39 -31.10 -1.37
CA ARG C 51 -7.29 -31.08 -2.34
C ARG C 51 -6.76 -29.66 -2.57
N LEU C 52 -7.62 -28.65 -2.46
CA LEU C 52 -7.30 -27.30 -2.87
C LEU C 52 -6.96 -26.36 -1.72
N ARG C 53 -6.96 -26.82 -0.49
CA ARG C 53 -6.87 -25.90 0.63
C ARG C 53 -5.49 -25.87 1.30
N GLY C 54 -4.48 -26.53 0.72
CA GLY C 54 -3.19 -26.62 1.37
C GLY C 54 -3.17 -27.64 2.49
N SER C 55 -2.02 -27.75 3.14
CA SER C 55 -1.80 -28.82 4.10
C SER C 55 -1.82 -28.37 5.56
N VAL C 56 -2.06 -27.09 5.83
CA VAL C 56 -2.00 -26.57 7.20
C VAL C 56 -3.28 -25.81 7.51
N GLU C 57 -3.69 -25.86 8.77
CA GLU C 57 -4.89 -25.16 9.20
C GLU C 57 -4.52 -23.74 9.61
N ILE C 58 -5.05 -22.77 8.89
CA ILE C 58 -4.92 -21.36 9.22
C ILE C 58 -6.29 -20.87 9.63
N LYS C 59 -6.38 -20.23 10.79
CA LYS C 59 -7.65 -19.75 11.31
C LYS C 59 -7.88 -18.30 10.91
N TYR C 60 -9.15 -17.96 10.66
CA TYR C 60 -9.60 -16.62 10.31
C TYR C 60 -10.68 -16.23 11.32
N SER C 61 -10.22 -15.80 12.50
CA SER C 61 -11.10 -15.72 13.67
C SER C 61 -12.20 -14.68 13.47
N LEU C 62 -11.84 -13.49 12.98
CA LEU C 62 -12.87 -12.45 12.81
C LEU C 62 -13.90 -12.86 11.77
N ALA C 63 -13.45 -13.55 10.71
CA ALA C 63 -14.38 -14.06 9.70
C ALA C 63 -15.34 -15.08 10.29
N GLU C 64 -14.83 -16.02 11.09
CA GLU C 64 -15.70 -16.99 11.76
C GLU C 64 -16.70 -16.30 12.66
N MET C 65 -16.21 -15.44 13.56
CA MET C 65 -17.10 -14.83 14.53
C MET C 65 -18.14 -13.95 13.85
N GLY C 66 -17.72 -13.20 12.84
CA GLY C 66 -18.64 -12.32 12.15
C GLY C 66 -19.70 -13.08 11.38
N ALA C 67 -19.29 -14.12 10.64
CA ALA C 67 -20.25 -14.91 9.89
C ALA C 67 -21.26 -15.56 10.82
N ASN C 68 -20.79 -16.13 11.93
CA ASN C 68 -21.72 -16.80 12.83
C ASN C 68 -22.61 -15.80 13.56
N ARG C 69 -22.09 -14.61 13.89
CA ARG C 69 -22.96 -13.63 14.52
C ARG C 69 -24.00 -13.11 13.54
N LEU C 70 -23.60 -12.90 12.29
CA LEU C 70 -24.55 -12.44 11.28
C LEU C 70 -25.62 -13.48 11.01
N TRP C 71 -25.22 -14.76 10.98
CA TRP C 71 -26.19 -15.84 10.82
C TRP C 71 -27.20 -15.83 11.96
N LYS C 72 -26.73 -15.60 13.18
CA LYS C 72 -27.63 -15.51 14.32
C LYS C 72 -28.55 -14.31 14.18
N LEU C 73 -27.99 -13.14 13.87
CA LEU C 73 -28.79 -11.92 13.83
C LEU C 73 -29.92 -12.00 12.81
N ILE C 74 -29.63 -12.50 11.60
CA ILE C 74 -30.67 -12.48 10.58
C ILE C 74 -31.76 -13.50 10.81
N HIS C 75 -31.57 -14.44 11.74
CA HIS C 75 -32.64 -15.36 12.12
C HIS C 75 -33.35 -14.97 13.40
N GLU C 76 -32.83 -14.00 14.16
CA GLU C 76 -33.46 -13.62 15.42
C GLU C 76 -34.03 -12.21 15.41
N GLU C 77 -33.39 -11.28 14.73
CA GLU C 77 -33.93 -9.93 14.67
C GLU C 77 -35.12 -9.89 13.72
N ASP C 78 -36.01 -8.92 13.93
CA ASP C 78 -37.05 -8.68 12.94
C ASP C 78 -36.43 -8.44 11.58
N PHE C 79 -35.33 -7.69 11.57
CA PHE C 79 -34.47 -7.46 10.42
C PHE C 79 -33.21 -6.79 10.94
N VAL C 80 -32.14 -6.91 10.18
CA VAL C 80 -30.86 -6.30 10.51
C VAL C 80 -30.65 -5.13 9.56
N ASN C 81 -30.55 -3.91 10.09
CA ASN C 81 -30.31 -2.77 9.23
C ASN C 81 -28.91 -2.21 9.43
N ALA C 82 -28.34 -1.67 8.36
CA ALA C 82 -26.96 -1.21 8.38
C ALA C 82 -26.82 0.01 7.50
N LEU C 83 -25.68 0.69 7.67
CA LEU C 83 -25.30 1.88 6.92
C LEU C 83 -23.93 1.62 6.30
N GLY C 84 -23.68 2.21 5.13
CA GLY C 84 -22.39 2.02 4.49
C GLY C 84 -21.31 2.86 5.15
N ALA C 85 -20.26 2.23 5.67
CA ALA C 85 -19.17 2.92 6.36
C ALA C 85 -17.98 3.09 5.43
N LEU C 86 -17.46 4.32 5.32
CA LEU C 86 -16.27 4.52 4.50
C LEU C 86 -14.99 4.66 5.30
N SER C 87 -15.05 4.56 6.63
CA SER C 87 -13.85 4.58 7.44
C SER C 87 -14.11 3.77 8.70
N GLY C 88 -13.02 3.38 9.38
CA GLY C 88 -13.16 2.69 10.65
C GLY C 88 -13.86 3.53 11.71
N ASN C 89 -13.56 4.83 11.77
CA ASN C 89 -14.23 5.71 12.73
C ASN C 89 -15.75 5.73 12.50
N GLN C 90 -16.18 5.80 11.23
CA GLN C 90 -17.62 5.76 10.97
C GLN C 90 -18.22 4.46 11.49
N ALA C 91 -17.56 3.33 11.19
CA ALA C 91 -18.07 2.05 11.65
C ALA C 91 -18.13 2.00 13.17
N MET C 92 -17.12 2.57 13.84
CA MET C 92 -17.08 2.55 15.29
C MET C 92 -18.28 3.29 15.88
N GLN C 93 -18.66 4.43 15.30
CA GLN C 93 -19.82 5.15 15.83
C GLN C 93 -21.13 4.45 15.52
N MET C 94 -21.20 3.74 14.38
CA MET C 94 -22.39 2.94 14.09
C MET C 94 -22.61 1.89 15.16
N VAL C 95 -21.54 1.22 15.56
CA VAL C 95 -21.64 0.18 16.58
C VAL C 95 -21.94 0.80 17.93
N ARG C 96 -21.27 1.91 18.25
CA ARG C 96 -21.52 2.58 19.52
C ARG C 96 -22.98 3.02 19.63
N ALA C 97 -23.57 3.45 18.51
CA ALA C 97 -24.96 3.90 18.55
C ALA C 97 -25.94 2.74 18.63
N GLY C 98 -25.45 1.50 18.52
CA GLY C 98 -26.26 0.33 18.72
C GLY C 98 -26.69 -0.41 17.47
N LEU C 99 -26.17 -0.03 16.30
CA LEU C 99 -26.43 -0.83 15.12
C LEU C 99 -25.68 -2.14 15.22
N LYS C 100 -26.23 -3.19 14.63
CA LYS C 100 -25.75 -4.54 14.87
C LYS C 100 -24.91 -5.10 13.72
N ALA C 101 -24.79 -4.37 12.61
CA ALA C 101 -23.98 -4.80 11.48
C ALA C 101 -23.48 -3.56 10.76
N ILE C 102 -22.47 -3.76 9.93
CA ILE C 102 -21.82 -2.71 9.16
C ILE C 102 -21.88 -3.11 7.70
N TYR C 103 -22.22 -2.17 6.83
CA TYR C 103 -22.21 -2.42 5.39
C TYR C 103 -20.97 -1.75 4.79
N LEU C 104 -20.30 -2.43 3.86
CA LEU C 104 -19.13 -1.89 3.18
C LEU C 104 -19.46 -1.75 1.70
N SER C 105 -19.54 -0.51 1.23
CA SER C 105 -20.02 -0.18 -0.10
C SER C 105 -18.85 0.00 -1.06
N GLY C 106 -18.89 -0.69 -2.20
CA GLY C 106 -17.89 -0.48 -3.22
C GLY C 106 -18.02 0.88 -3.88
N TRP C 107 -19.24 1.44 -3.91
CA TRP C 107 -19.40 2.79 -4.42
C TRP C 107 -18.59 3.77 -3.56
N GLN C 108 -18.64 3.60 -2.24
CA GLN C 108 -17.90 4.50 -1.34
C GLN C 108 -16.40 4.26 -1.43
N VAL C 109 -15.99 2.99 -1.61
CA VAL C 109 -14.60 2.66 -1.87
C VAL C 109 -14.10 3.45 -3.07
N ALA C 110 -14.89 3.42 -4.16
CA ALA C 110 -14.54 4.15 -5.37
C ALA C 110 -14.44 5.64 -5.11
N ALA C 111 -15.38 6.19 -4.31
CA ALA C 111 -15.47 7.65 -4.16
C ALA C 111 -14.34 8.22 -3.33
N ASP C 112 -13.92 7.53 -2.27
CA ASP C 112 -13.10 8.20 -1.25
C ASP C 112 -12.25 7.24 -0.41
N ALA C 113 -12.16 5.98 -0.79
CA ALA C 113 -11.41 5.06 0.07
C ALA C 113 -10.86 3.84 -0.68
N ASN C 114 -10.06 4.07 -1.72
CA ASN C 114 -9.54 2.94 -2.48
C ASN C 114 -8.02 3.00 -2.58
N THR C 115 -7.44 1.90 -3.05
CA THR C 115 -6.00 1.71 -3.08
C THR C 115 -5.33 2.35 -4.29
N ALA C 116 -6.08 3.06 -5.13
CA ALA C 116 -5.47 3.93 -6.15
C ALA C 116 -5.41 5.38 -5.71
N SER C 117 -5.93 5.69 -4.52
CA SER C 117 -5.90 7.06 -3.99
C SER C 117 -6.47 8.03 -5.01
N ALA C 118 -7.60 7.66 -5.58
CA ALA C 118 -8.29 8.50 -6.55
C ALA C 118 -9.77 8.53 -6.20
N MET C 119 -10.47 9.54 -6.70
CA MET C 119 -11.93 9.57 -6.65
C MET C 119 -12.47 9.02 -7.96
N TYR C 120 -13.30 7.98 -7.86
CA TYR C 120 -13.83 7.32 -9.03
C TYR C 120 -15.34 7.23 -8.97
N PRO C 121 -16.00 7.24 -10.13
CA PRO C 121 -17.39 6.76 -10.21
C PRO C 121 -17.42 5.25 -10.02
N ASP C 122 -18.64 4.72 -9.87
CA ASP C 122 -18.83 3.35 -9.40
C ASP C 122 -18.88 2.42 -10.59
N GLN C 123 -17.68 2.10 -11.13
CA GLN C 123 -17.56 1.37 -12.38
C GLN C 123 -16.39 0.38 -12.35
N SER C 124 -16.08 -0.15 -11.16
CA SER C 124 -14.99 -1.11 -10.95
C SER C 124 -13.65 -0.59 -11.47
N LEU C 125 -13.39 0.70 -11.26
CA LEU C 125 -12.16 1.31 -11.77
C LEU C 125 -10.99 1.14 -10.81
N TYR C 126 -11.25 0.98 -9.52
CA TYR C 126 -10.20 0.92 -8.53
C TYR C 126 -9.63 -0.50 -8.47
N PRO C 127 -8.49 -0.69 -7.79
CA PRO C 127 -7.89 -2.03 -7.77
C PRO C 127 -8.65 -2.97 -6.85
N ALA C 128 -8.66 -4.26 -7.24
CA ALA C 128 -9.52 -5.26 -6.63
C ALA C 128 -9.24 -5.50 -5.15
N ASN C 129 -8.11 -5.05 -4.62
CA ASN C 129 -7.83 -5.24 -3.19
C ASN C 129 -8.44 -4.16 -2.30
N ALA C 130 -9.11 -3.15 -2.87
CA ALA C 130 -9.47 -1.97 -2.10
C ALA C 130 -10.57 -2.27 -1.07
N GLY C 131 -11.60 -3.02 -1.46
CA GLY C 131 -12.66 -3.38 -0.55
C GLY C 131 -12.18 -4.17 0.66
N PRO C 132 -11.45 -5.26 0.43
CA PRO C 132 -10.89 -5.99 1.57
C PRO C 132 -9.98 -5.12 2.44
N GLU C 133 -9.20 -4.21 1.85
CA GLU C 133 -8.36 -3.34 2.67
C GLU C 133 -9.21 -2.46 3.57
N LEU C 134 -10.35 -1.98 3.08
CA LEU C 134 -11.24 -1.20 3.93
C LEU C 134 -11.86 -2.09 5.01
N ALA C 135 -12.19 -3.35 4.69
CA ALA C 135 -12.74 -4.23 5.70
C ALA C 135 -11.74 -4.43 6.83
N LYS C 136 -10.46 -4.55 6.48
CA LYS C 136 -9.42 -4.70 7.50
C LYS C 136 -9.34 -3.46 8.37
N ARG C 137 -9.38 -2.26 7.76
CA ARG C 137 -9.37 -1.03 8.53
C ARG C 137 -10.52 -0.99 9.53
N ILE C 138 -11.72 -1.35 9.08
CA ILE C 138 -12.89 -1.30 9.95
C ILE C 138 -12.71 -2.26 11.12
N ASN C 139 -12.32 -3.50 10.84
CA ASN C 139 -12.13 -4.44 11.95
C ASN C 139 -11.04 -3.97 12.91
N ARG C 140 -10.00 -3.32 12.39
CA ARG C 140 -8.92 -2.85 13.26
C ARG C 140 -9.41 -1.74 14.17
N THR C 141 -10.24 -0.83 13.66
CA THR C 141 -10.77 0.22 14.54
C THR C 141 -11.65 -0.39 15.61
N LEU C 142 -12.50 -1.36 15.23
CA LEU C 142 -13.35 -2.01 16.21
C LEU C 142 -12.52 -2.75 17.26
N GLN C 143 -11.43 -3.38 16.82
CA GLN C 143 -10.54 -4.06 17.75
C GLN C 143 -9.95 -3.08 18.76
N ARG C 144 -9.52 -1.91 18.30
CA ARG C 144 -9.00 -0.93 19.25
C ARG C 144 -10.09 -0.46 20.21
N ALA C 145 -11.29 -0.23 19.70
CA ALA C 145 -12.38 0.19 20.59
C ALA C 145 -12.61 -0.84 21.68
N ASP C 146 -12.58 -2.12 21.32
CA ASP C 146 -12.73 -3.20 22.29
C ASP C 146 -11.55 -3.26 23.27
N GLN C 147 -10.33 -3.04 22.77
CA GLN C 147 -9.17 -3.01 23.66
C GLN C 147 -9.28 -1.90 24.70
N ILE C 148 -9.76 -0.73 24.28
CA ILE C 148 -9.89 0.41 25.18
C ILE C 148 -10.83 0.06 26.33
N GLU C 149 -12.03 -0.42 26.00
CA GLU C 149 -13.01 -0.70 27.04
C GLU C 149 -12.61 -1.90 27.88
N THR C 150 -11.99 -2.91 27.27
CA THR C 150 -11.51 -4.03 28.05
C THR C 150 -10.46 -3.59 29.07
N ALA C 151 -9.53 -2.72 28.66
CA ALA C 151 -8.51 -2.26 29.59
C ALA C 151 -9.09 -1.38 30.70
N GLU C 152 -10.20 -0.69 30.42
CA GLU C 152 -10.80 0.13 31.47
C GLU C 152 -11.51 -0.70 32.52
N GLY C 153 -11.82 -1.96 32.22
CA GLY C 153 -12.27 -2.91 33.23
C GLY C 153 -13.70 -2.76 33.69
N LYS C 154 -14.52 -1.96 33.01
CA LYS C 154 -15.91 -1.77 33.39
C LYS C 154 -16.89 -2.50 32.48
N GLY C 155 -16.41 -3.42 31.65
CA GLY C 155 -17.25 -4.08 30.67
C GLY C 155 -17.42 -3.23 29.42
N LEU C 156 -18.10 -3.81 28.43
CA LEU C 156 -18.29 -3.11 27.17
C LEU C 156 -19.57 -2.27 27.22
N SER C 157 -19.60 -1.22 26.40
CA SER C 157 -20.77 -0.37 26.26
C SER C 157 -21.65 -0.80 25.10
N VAL C 158 -21.35 -1.93 24.47
CA VAL C 158 -22.08 -2.47 23.33
C VAL C 158 -22.17 -3.98 23.52
N ASP C 159 -23.08 -4.61 22.77
CA ASP C 159 -23.16 -6.08 22.82
C ASP C 159 -21.84 -6.70 22.37
N THR C 160 -21.24 -6.15 21.33
CA THR C 160 -19.90 -6.52 20.89
C THR C 160 -19.41 -5.38 20.02
N TRP C 161 -18.10 -5.15 20.05
CA TRP C 161 -17.53 -4.23 19.07
C TRP C 161 -17.42 -4.85 17.69
N PHE C 162 -17.39 -6.18 17.59
CA PHE C 162 -17.15 -6.83 16.30
C PHE C 162 -18.49 -7.11 15.63
N ALA C 163 -19.16 -6.02 15.25
CA ALA C 163 -20.38 -6.17 14.46
C ALA C 163 -20.03 -6.77 13.12
N PRO C 164 -20.83 -7.71 12.60
CA PRO C 164 -20.51 -8.33 11.31
C PRO C 164 -20.49 -7.32 10.18
N ILE C 165 -19.51 -7.46 9.29
CA ILE C 165 -19.38 -6.63 8.10
C ILE C 165 -19.92 -7.40 6.90
N VAL C 166 -20.86 -6.80 6.17
CA VAL C 166 -21.31 -7.30 4.87
C VAL C 166 -20.69 -6.42 3.80
N ALA C 167 -19.91 -7.03 2.90
CA ALA C 167 -19.03 -6.27 2.03
C ALA C 167 -19.26 -6.54 0.55
N ASP C 168 -18.92 -5.53 -0.26
CA ASP C 168 -19.21 -5.48 -1.69
C ASP C 168 -18.06 -6.08 -2.49
N ALA C 169 -18.31 -7.20 -3.18
CA ALA C 169 -17.32 -7.72 -4.12
C ALA C 169 -17.65 -7.40 -5.57
N GLU C 170 -18.61 -6.50 -5.82
CA GLU C 170 -18.97 -6.00 -7.15
C GLU C 170 -19.27 -7.19 -8.06
N ALA C 171 -18.71 -7.26 -9.27
CA ALA C 171 -18.87 -8.38 -10.17
C ALA C 171 -17.70 -9.35 -10.10
N GLY C 172 -16.98 -9.38 -8.97
CA GLY C 172 -15.84 -10.26 -8.81
C GLY C 172 -14.55 -9.79 -9.46
N PHE C 173 -14.56 -8.65 -10.14
CA PHE C 173 -13.37 -8.09 -10.78
C PHE C 173 -12.79 -9.00 -11.85
N GLY C 174 -13.66 -9.73 -12.56
CA GLY C 174 -13.22 -10.55 -13.67
C GLY C 174 -14.03 -11.81 -13.80
N GLY C 175 -13.36 -12.96 -13.86
CA GLY C 175 -14.02 -14.22 -13.99
C GLY C 175 -14.17 -14.93 -12.66
N PRO C 176 -14.57 -16.20 -12.71
CA PRO C 176 -14.74 -16.96 -11.46
C PRO C 176 -13.48 -16.99 -10.58
N LEU C 177 -12.29 -17.05 -11.18
CA LEU C 177 -11.08 -17.04 -10.35
C LEU C 177 -10.86 -15.71 -9.66
N ASP C 178 -11.29 -14.62 -10.30
CA ASP C 178 -11.21 -13.32 -9.63
C ASP C 178 -12.21 -13.24 -8.49
N ALA C 179 -13.41 -13.81 -8.66
CA ALA C 179 -14.37 -13.86 -7.57
C ALA C 179 -13.85 -14.72 -6.42
N PHE C 180 -13.22 -15.86 -6.74
CA PHE C 180 -12.56 -16.70 -5.76
C PHE C 180 -11.55 -15.90 -4.94
N GLU C 181 -10.72 -15.10 -5.62
CA GLU C 181 -9.67 -14.37 -4.92
C GLU C 181 -10.25 -13.27 -4.03
N ILE C 182 -11.24 -12.52 -4.53
CA ILE C 182 -11.73 -11.41 -3.70
C ILE C 182 -12.48 -11.96 -2.49
N MET C 183 -13.14 -13.11 -2.64
CA MET C 183 -13.78 -13.77 -1.50
C MET C 183 -12.75 -14.11 -0.43
N LYS C 184 -11.64 -14.76 -0.82
CA LYS C 184 -10.61 -15.08 0.15
C LYS C 184 -10.05 -13.84 0.83
N ALA C 185 -9.85 -12.77 0.06
CA ALA C 185 -9.31 -11.52 0.64
C ALA C 185 -10.26 -10.94 1.67
N TYR C 186 -11.57 -10.95 1.40
CA TYR C 186 -12.53 -10.48 2.40
C TYR C 186 -12.54 -11.35 3.64
N ILE C 187 -12.35 -12.67 3.47
CA ILE C 187 -12.32 -13.55 4.62
C ILE C 187 -11.08 -13.28 5.48
N GLU C 188 -9.92 -13.11 4.85
CA GLU C 188 -8.75 -12.74 5.62
C GLU C 188 -8.94 -11.43 6.36
N ALA C 189 -9.69 -10.49 5.76
CA ALA C 189 -9.89 -9.20 6.38
C ALA C 189 -10.95 -9.24 7.48
N GLY C 190 -11.66 -10.35 7.60
CA GLY C 190 -12.65 -10.52 8.66
C GLY C 190 -14.07 -10.12 8.30
N ALA C 191 -14.40 -10.04 7.00
CA ALA C 191 -15.79 -9.82 6.61
C ALA C 191 -16.65 -11.02 6.96
N ALA C 192 -17.92 -10.74 7.28
CA ALA C 192 -18.90 -11.76 7.64
C ALA C 192 -19.71 -12.26 6.45
N GLY C 193 -19.90 -11.41 5.45
CA GLY C 193 -20.67 -11.76 4.28
C GLY C 193 -20.20 -10.91 3.14
N VAL C 194 -20.38 -11.42 1.92
CA VAL C 194 -19.85 -10.80 0.71
C VAL C 194 -20.89 -10.92 -0.38
N HIS C 195 -21.09 -9.84 -1.15
CA HIS C 195 -22.10 -9.90 -2.22
C HIS C 195 -21.48 -9.77 -3.61
N PHE C 196 -22.06 -10.51 -4.55
CA PHE C 196 -21.62 -10.62 -5.95
C PHE C 196 -22.82 -10.41 -6.86
N GLU C 197 -22.64 -9.66 -7.94
CA GLU C 197 -23.75 -9.29 -8.83
C GLU C 197 -23.51 -9.81 -10.25
N ASP C 198 -24.62 -9.97 -10.98
CA ASP C 198 -24.57 -10.59 -12.31
C ASP C 198 -24.31 -9.58 -13.43
N GLN C 199 -23.39 -8.64 -13.22
CA GLN C 199 -22.97 -7.69 -14.23
C GLN C 199 -21.66 -8.12 -14.88
N LEU C 200 -21.43 -7.61 -16.08
CA LEU C 200 -20.15 -7.79 -16.77
C LEU C 200 -19.10 -6.91 -16.10
N ALA C 201 -18.01 -7.51 -15.62
CA ALA C 201 -17.06 -6.74 -14.82
C ALA C 201 -16.48 -5.56 -15.60
N SER C 202 -16.23 -5.75 -16.90
CA SER C 202 -15.62 -4.68 -17.69
C SER C 202 -16.57 -3.52 -17.96
N GLU C 203 -17.87 -3.67 -17.68
CA GLU C 203 -18.84 -2.59 -17.85
C GLU C 203 -19.64 -2.34 -16.58
N LYS C 204 -19.10 -2.74 -15.42
CA LYS C 204 -19.82 -2.68 -14.15
C LYS C 204 -20.30 -1.27 -13.83
N LYS C 205 -21.51 -1.20 -13.25
CA LYS C 205 -22.12 0.07 -12.83
C LYS C 205 -22.71 -0.04 -11.44
N CYS C 206 -22.78 1.09 -10.75
CA CYS C 206 -23.75 1.27 -9.66
C CYS C 206 -25.12 0.78 -10.13
N GLY C 207 -25.86 0.15 -9.22
CA GLY C 207 -27.16 -0.39 -9.58
C GLY C 207 -28.12 0.64 -10.12
N HIS C 208 -27.91 1.92 -9.83
CA HIS C 208 -28.83 2.97 -10.23
C HIS C 208 -28.24 3.90 -11.28
N LEU C 209 -27.26 3.41 -12.04
CA LEU C 209 -26.80 4.04 -13.27
C LEU C 209 -27.36 3.28 -14.47
N GLY C 210 -27.40 3.97 -15.60
CA GLY C 210 -27.71 3.30 -16.85
C GLY C 210 -26.53 2.53 -17.38
N GLY C 211 -26.75 1.86 -18.52
CA GLY C 211 -25.67 1.17 -19.19
C GLY C 211 -25.18 -0.10 -18.52
N LYS C 212 -26.03 -0.76 -17.74
CA LYS C 212 -25.61 -2.02 -17.16
C LYS C 212 -25.71 -3.15 -18.18
N VAL C 213 -24.80 -4.10 -18.07
CA VAL C 213 -24.75 -5.28 -18.94
C VAL C 213 -24.78 -6.50 -18.05
N LEU C 214 -25.75 -7.38 -18.28
CA LEU C 214 -25.84 -8.64 -17.54
C LEU C 214 -24.92 -9.69 -18.16
N ILE C 215 -24.55 -10.66 -17.33
CA ILE C 215 -23.87 -11.87 -17.79
C ILE C 215 -24.91 -12.99 -17.76
N PRO C 216 -24.68 -14.11 -18.43
CA PRO C 216 -25.67 -15.19 -18.40
C PRO C 216 -25.90 -15.70 -16.99
N THR C 217 -27.10 -16.22 -16.77
CA THR C 217 -27.44 -16.83 -15.48
C THR C 217 -26.39 -17.84 -15.04
N ALA C 218 -25.99 -18.73 -15.95
CA ALA C 218 -24.99 -19.74 -15.62
C ALA C 218 -23.66 -19.11 -15.23
N ALA C 219 -23.29 -18.00 -15.87
CA ALA C 219 -22.03 -17.35 -15.55
C ALA C 219 -22.05 -16.80 -14.13
N HIS C 220 -23.19 -16.25 -13.70
CA HIS C 220 -23.21 -15.74 -12.34
C HIS C 220 -23.20 -16.88 -11.32
N ILE C 221 -23.88 -17.98 -11.63
CA ILE C 221 -23.84 -19.14 -10.74
C ILE C 221 -22.41 -19.62 -10.57
N ARG C 222 -21.60 -19.58 -11.64
CA ARG C 222 -20.19 -19.95 -11.50
C ARG C 222 -19.45 -19.01 -10.54
N ASN C 223 -19.75 -17.71 -10.58
CA ASN C 223 -19.13 -16.79 -9.62
C ASN C 223 -19.55 -17.11 -8.20
N LEU C 224 -20.84 -17.42 -8.00
CA LEU C 224 -21.32 -17.75 -6.68
C LEU C 224 -20.66 -19.03 -6.17
N ASN C 225 -20.55 -20.03 -7.03
CA ASN C 225 -19.85 -21.26 -6.67
C ASN C 225 -18.38 -21.02 -6.38
N ALA C 226 -17.73 -20.17 -7.16
CA ALA C 226 -16.35 -19.79 -6.86
C ALA C 226 -16.23 -19.20 -5.46
N ALA C 227 -17.17 -18.32 -5.08
CA ALA C 227 -17.13 -17.71 -3.75
C ALA C 227 -17.34 -18.75 -2.66
N ARG C 228 -18.25 -19.70 -2.88
CA ARG C 228 -18.45 -20.74 -1.86
C ARG C 228 -17.23 -21.65 -1.76
N LEU C 229 -16.62 -22.00 -2.89
CA LEU C 229 -15.38 -22.78 -2.84
C LEU C 229 -14.31 -22.02 -2.07
N ALA C 230 -14.21 -20.70 -2.28
CA ALA C 230 -13.25 -19.90 -1.52
C ALA C 230 -13.49 -20.01 -0.01
N ALA C 231 -14.74 -19.81 0.42
CA ALA C 231 -15.03 -19.94 1.85
C ALA C 231 -14.74 -21.34 2.34
N ASP C 232 -15.10 -22.36 1.56
CA ASP C 232 -14.84 -23.74 1.95
C ASP C 232 -13.34 -23.99 2.15
N VAL C 233 -12.51 -23.52 1.21
CA VAL C 233 -11.08 -23.79 1.38
C VAL C 233 -10.51 -22.97 2.52
N MET C 234 -11.08 -21.81 2.81
CA MET C 234 -10.64 -21.04 3.96
C MET C 234 -11.17 -21.61 5.26
N GLY C 235 -12.15 -22.52 5.18
CA GLY C 235 -12.72 -23.12 6.36
C GLY C 235 -13.68 -22.26 7.14
N THR C 236 -14.31 -21.28 6.49
CA THR C 236 -15.17 -20.32 7.19
C THR C 236 -16.60 -20.37 6.64
N PRO C 237 -17.60 -20.13 7.49
CA PRO C 237 -19.00 -20.17 7.05
C PRO C 237 -19.52 -18.84 6.51
N THR C 238 -18.64 -18.10 5.85
CA THR C 238 -18.93 -16.77 5.33
C THR C 238 -20.22 -16.74 4.51
N LEU C 239 -21.05 -15.72 4.73
CA LEU C 239 -22.31 -15.63 3.99
C LEU C 239 -22.07 -15.08 2.59
N ILE C 240 -22.88 -15.56 1.65
CA ILE C 240 -22.84 -15.12 0.26
C ILE C 240 -24.19 -14.49 -0.08
N VAL C 241 -24.17 -13.28 -0.62
CA VAL C 241 -25.38 -12.59 -1.07
C VAL C 241 -25.31 -12.53 -2.59
N ALA C 242 -26.30 -13.10 -3.26
CA ALA C 242 -26.38 -12.97 -4.71
C ALA C 242 -27.24 -11.77 -5.07
N ARG C 243 -26.72 -10.92 -5.94
CA ARG C 243 -27.43 -9.73 -6.38
C ARG C 243 -27.73 -9.84 -7.87
N THR C 244 -28.96 -9.47 -8.27
CA THR C 244 -29.27 -9.36 -9.69
C THR C 244 -29.54 -7.91 -10.06
N ASP C 245 -28.97 -7.50 -11.19
CA ASP C 245 -29.20 -6.16 -11.74
C ASP C 245 -30.18 -6.16 -12.91
N ALA C 246 -31.03 -7.18 -13.02
CA ALA C 246 -31.89 -7.34 -14.19
C ALA C 246 -33.12 -6.42 -14.18
N GLU C 247 -33.38 -5.68 -13.09
CA GLU C 247 -34.58 -4.85 -13.13
C GLU C 247 -34.42 -3.70 -14.10
N ALA C 248 -33.21 -3.16 -14.24
CA ALA C 248 -32.97 -2.02 -15.13
C ALA C 248 -32.02 -2.33 -16.28
N ALA C 249 -31.20 -3.38 -16.18
CA ALA C 249 -30.26 -3.67 -17.26
C ALA C 249 -31.00 -4.06 -18.54
N LYS C 250 -30.60 -3.44 -19.65
CA LYS C 250 -31.21 -3.71 -20.94
C LYS C 250 -30.27 -4.44 -21.88
N LEU C 251 -29.09 -4.82 -21.41
CA LEU C 251 -28.07 -5.47 -22.23
C LEU C 251 -27.63 -6.77 -21.56
N LEU C 252 -27.16 -7.70 -22.39
CA LEU C 252 -26.73 -9.02 -21.96
C LEU C 252 -25.57 -9.46 -22.84
N THR C 253 -24.51 -10.00 -22.22
CA THR C 253 -23.33 -10.35 -23.01
C THR C 253 -23.62 -11.44 -24.03
N SER C 254 -24.37 -12.46 -23.63
CA SER C 254 -24.57 -13.65 -24.45
C SER C 254 -25.92 -14.27 -24.09
N ASP C 255 -26.61 -14.78 -25.11
CA ASP C 255 -27.87 -15.50 -24.91
C ASP C 255 -27.66 -17.00 -24.77
N ILE C 256 -26.44 -17.46 -24.44
CA ILE C 256 -26.14 -18.88 -24.52
C ILE C 256 -27.01 -19.70 -23.54
N ASP C 257 -27.41 -19.09 -22.43
CA ASP C 257 -28.18 -19.79 -21.40
C ASP C 257 -29.65 -19.73 -21.76
N GLU C 258 -30.26 -20.91 -21.95
CA GLU C 258 -31.68 -20.97 -22.30
CA GLU C 258 -31.68 -21.00 -22.27
C GLU C 258 -32.56 -20.31 -21.25
N ARG C 259 -32.09 -20.16 -20.00
CA ARG C 259 -32.90 -19.49 -19.00
C ARG C 259 -33.04 -18.00 -19.25
N ASP C 260 -32.11 -17.40 -20.00
CA ASP C 260 -32.16 -15.98 -20.31
C ASP C 260 -32.88 -15.68 -21.62
N GLN C 261 -32.90 -16.65 -22.53
CA GLN C 261 -33.47 -16.44 -23.87
C GLN C 261 -34.90 -15.91 -23.86
N PRO C 262 -35.79 -16.30 -22.94
CA PRO C 262 -37.15 -15.73 -22.96
C PRO C 262 -37.19 -14.21 -22.83
N PHE C 263 -36.14 -13.60 -22.29
CA PHE C 263 -36.11 -12.15 -22.07
C PHE C 263 -35.31 -11.42 -23.14
N VAL C 264 -34.70 -12.14 -24.07
CA VAL C 264 -33.92 -11.53 -25.13
C VAL C 264 -34.87 -11.01 -26.21
N ASP C 265 -34.70 -9.73 -26.59
CA ASP C 265 -35.44 -9.12 -27.68
C ASP C 265 -34.69 -9.40 -28.98
N TYR C 266 -34.99 -10.55 -29.60
CA TYR C 266 -34.21 -10.96 -30.77
C TYR C 266 -34.46 -10.06 -31.95
N GLU C 267 -35.67 -9.51 -32.09
CA GLU C 267 -35.94 -8.65 -33.24
CA GLU C 267 -35.97 -8.64 -33.23
C GLU C 267 -35.09 -7.40 -33.22
N ALA C 268 -34.71 -6.91 -32.02
CA ALA C 268 -33.88 -5.72 -31.91
C ALA C 268 -32.43 -5.98 -32.34
N GLY C 269 -31.97 -7.22 -32.30
CA GLY C 269 -30.61 -7.52 -32.72
C GLY C 269 -29.60 -7.15 -31.66
N ARG C 270 -28.33 -7.38 -31.99
CA ARG C 270 -27.25 -7.05 -31.09
C ARG C 270 -26.83 -5.59 -31.27
N THR C 271 -26.25 -5.01 -30.22
CA THR C 271 -25.69 -3.68 -30.32
C THR C 271 -24.38 -3.72 -31.09
N ALA C 272 -23.83 -2.53 -31.37
CA ALA C 272 -22.58 -2.44 -32.10
C ALA C 272 -21.44 -3.19 -31.40
N GLU C 273 -21.47 -3.23 -30.06
CA GLU C 273 -20.49 -3.94 -29.25
C GLU C 273 -20.70 -5.45 -29.23
N GLY C 274 -21.82 -5.94 -29.74
CA GLY C 274 -22.14 -7.35 -29.69
C GLY C 274 -23.04 -7.78 -28.55
N PHE C 275 -23.61 -6.83 -27.77
CA PHE C 275 -24.49 -7.19 -26.68
C PHE C 275 -25.89 -7.54 -27.18
N TYR C 276 -26.50 -8.53 -26.55
CA TYR C 276 -27.92 -8.78 -26.76
C TYR C 276 -28.74 -7.77 -25.97
N GLN C 277 -29.92 -7.46 -26.47
CA GLN C 277 -30.83 -6.51 -25.83
C GLN C 277 -31.96 -7.29 -25.16
N VAL C 278 -32.26 -6.95 -23.91
CA VAL C 278 -33.17 -7.76 -23.11
C VAL C 278 -34.31 -6.91 -22.58
N LYS C 279 -35.42 -7.57 -22.28
CA LYS C 279 -36.56 -6.94 -21.62
C LYS C 279 -36.31 -6.94 -20.12
N ASN C 280 -36.07 -5.76 -19.55
CA ASN C 280 -35.75 -5.68 -18.14
C ASN C 280 -37.02 -5.71 -17.29
N GLY C 281 -36.85 -5.80 -15.98
CA GLY C 281 -37.96 -5.68 -15.06
C GLY C 281 -37.96 -6.79 -14.03
N ILE C 282 -39.08 -6.92 -13.33
CA ILE C 282 -39.11 -7.86 -12.20
C ILE C 282 -39.07 -9.30 -12.67
N GLU C 283 -39.57 -9.61 -13.88
CA GLU C 283 -39.64 -11.00 -14.31
C GLU C 283 -38.27 -11.63 -14.46
N PRO C 284 -37.29 -11.02 -15.14
CA PRO C 284 -35.97 -11.65 -15.18
C PRO C 284 -35.30 -11.66 -13.83
N CYS C 285 -35.62 -10.70 -12.94
CA CYS C 285 -35.05 -10.75 -11.59
C CYS C 285 -35.55 -11.99 -10.85
N ILE C 286 -36.85 -12.27 -10.96
CA ILE C 286 -37.43 -13.43 -10.29
C ILE C 286 -36.80 -14.71 -10.81
N ALA C 287 -36.69 -14.84 -12.14
CA ALA C 287 -36.13 -16.05 -12.72
C ALA C 287 -34.68 -16.23 -12.29
N ARG C 288 -33.88 -15.16 -12.38
CA ARG C 288 -32.48 -15.27 -11.97
C ARG C 288 -32.36 -15.57 -10.49
N ALA C 289 -33.14 -14.87 -9.66
CA ALA C 289 -33.10 -15.11 -8.22
C ALA C 289 -33.40 -16.56 -7.90
N ILE C 290 -34.42 -17.13 -8.55
CA ILE C 290 -34.77 -18.52 -8.28
C ILE C 290 -33.64 -19.45 -8.70
N ALA C 291 -32.98 -19.14 -9.83
CA ALA C 291 -31.84 -19.94 -10.26
C ALA C 291 -30.65 -19.80 -9.33
N TYR C 292 -30.44 -18.60 -8.76
CA TYR C 292 -29.30 -18.35 -7.88
C TYR C 292 -29.49 -18.93 -6.48
N ALA C 293 -30.74 -19.13 -6.06
CA ALA C 293 -31.04 -19.40 -4.66
C ALA C 293 -30.26 -20.56 -4.05
N PRO C 294 -30.08 -21.71 -4.70
CA PRO C 294 -29.30 -22.79 -4.06
C PRO C 294 -27.84 -22.43 -3.81
N TYR C 295 -27.34 -21.35 -4.41
CA TYR C 295 -25.93 -21.05 -4.41
C TYR C 295 -25.60 -19.80 -3.60
N CYS C 296 -26.53 -19.33 -2.78
CA CYS C 296 -26.27 -18.16 -1.95
C CYS C 296 -27.07 -18.29 -0.67
N ASP C 297 -26.77 -17.39 0.27
CA ASP C 297 -27.49 -17.34 1.53
C ASP C 297 -28.56 -16.26 1.56
N LEU C 298 -28.36 -15.14 0.85
CA LEU C 298 -29.39 -14.13 0.70
C LEU C 298 -29.43 -13.71 -0.76
N ILE C 299 -30.60 -13.21 -1.18
CA ILE C 299 -30.81 -12.75 -2.55
C ILE C 299 -31.23 -11.29 -2.50
N TRP C 300 -30.72 -10.51 -3.46
CA TRP C 300 -30.91 -9.08 -3.53
C TRP C 300 -31.22 -8.70 -4.97
N MET C 301 -32.32 -7.97 -5.21
CA MET C 301 -32.54 -7.36 -6.52
C MET C 301 -32.46 -5.85 -6.38
N GLU C 302 -31.63 -5.22 -7.22
CA GLU C 302 -31.64 -3.77 -7.30
C GLU C 302 -32.95 -3.29 -7.91
N THR C 303 -33.46 -2.15 -7.45
CA THR C 303 -34.73 -1.63 -7.91
C THR C 303 -34.58 -0.17 -8.31
N SER C 304 -35.48 0.31 -9.17
CA SER C 304 -35.41 1.69 -9.63
C SER C 304 -36.01 2.68 -8.65
N LYS C 305 -36.94 2.24 -7.80
CA LYS C 305 -37.61 3.08 -6.82
C LYS C 305 -37.78 2.29 -5.54
N PRO C 306 -37.90 2.97 -4.39
CA PRO C 306 -38.21 2.24 -3.15
C PRO C 306 -39.68 1.88 -3.10
N ASP C 307 -40.02 0.67 -3.54
CA ASP C 307 -41.42 0.33 -3.82
C ASP C 307 -41.77 -0.93 -3.05
N LEU C 308 -42.60 -0.78 -2.01
CA LEU C 308 -42.97 -1.93 -1.21
C LEU C 308 -43.75 -2.98 -2.02
N ALA C 309 -44.54 -2.54 -2.99
CA ALA C 309 -45.32 -3.51 -3.77
C ALA C 309 -44.41 -4.40 -4.61
N GLN C 310 -43.44 -3.79 -5.30
CA GLN C 310 -42.48 -4.58 -6.06
C GLN C 310 -41.65 -5.48 -5.15
N ALA C 311 -41.27 -4.98 -3.98
CA ALA C 311 -40.54 -5.82 -3.03
C ALA C 311 -41.37 -7.02 -2.60
N ARG C 312 -42.68 -6.81 -2.42
CA ARG C 312 -43.54 -7.93 -2.04
C ARG C 312 -43.72 -8.91 -3.20
N ARG C 313 -43.88 -8.40 -4.43
CA ARG C 313 -43.99 -9.30 -5.58
C ARG C 313 -42.75 -10.17 -5.71
N PHE C 314 -41.58 -9.57 -5.54
CA PHE C 314 -40.32 -10.32 -5.65
C PHE C 314 -40.23 -11.38 -4.57
N ALA C 315 -40.53 -11.01 -3.33
CA ALA C 315 -40.42 -11.96 -2.23
C ALA C 315 -41.40 -13.11 -2.39
N GLU C 316 -42.65 -12.80 -2.75
CA GLU C 316 -43.64 -13.85 -2.91
C GLU C 316 -43.23 -14.85 -3.98
N ALA C 317 -42.62 -14.36 -5.07
CA ALA C 317 -42.27 -15.27 -6.15
C ALA C 317 -41.06 -16.13 -5.79
N VAL C 318 -40.05 -15.54 -5.15
CA VAL C 318 -38.91 -16.32 -4.69
C VAL C 318 -39.36 -17.36 -3.68
N HIS C 319 -40.28 -16.98 -2.79
CA HIS C 319 -40.73 -17.88 -1.73
C HIS C 319 -41.64 -18.99 -2.24
N LYS C 320 -42.31 -18.80 -3.37
CA LYS C 320 -43.04 -19.90 -3.97
C LYS C 320 -42.09 -21.03 -4.34
N ALA C 321 -40.91 -20.69 -4.85
CA ALA C 321 -39.94 -21.70 -5.23
C ALA C 321 -39.02 -22.10 -4.08
N HIS C 322 -38.73 -21.17 -3.17
CA HIS C 322 -37.78 -21.42 -2.07
C HIS C 322 -38.34 -20.83 -0.78
N PRO C 323 -39.25 -21.55 -0.13
CA PRO C 323 -39.89 -21.01 1.08
C PRO C 323 -38.85 -20.60 2.12
N GLY C 324 -39.09 -19.44 2.73
CA GLY C 324 -38.25 -18.97 3.81
C GLY C 324 -36.92 -18.38 3.40
N LYS C 325 -36.65 -18.25 2.11
CA LYS C 325 -35.36 -17.74 1.67
C LYS C 325 -35.14 -16.32 2.18
N LEU C 326 -33.96 -16.08 2.73
CA LEU C 326 -33.65 -14.76 3.28
C LEU C 326 -33.26 -13.80 2.16
N LEU C 327 -33.74 -12.57 2.25
CA LEU C 327 -33.56 -11.57 1.22
C LEU C 327 -32.85 -10.34 1.77
N ALA C 328 -32.24 -9.59 0.88
CA ALA C 328 -31.57 -8.34 1.24
C ALA C 328 -32.12 -7.22 0.38
N TYR C 329 -32.12 -5.98 0.93
CA TYR C 329 -32.71 -4.84 0.24
C TYR C 329 -31.85 -3.59 0.42
N ASN C 330 -31.55 -2.93 -0.70
CA ASN C 330 -30.75 -1.72 -0.72
C ASN C 330 -31.69 -0.52 -0.58
N CYS C 331 -31.61 0.15 0.57
CA CYS C 331 -32.35 1.40 0.81
C CYS C 331 -31.48 2.56 0.31
N SER C 332 -31.54 2.79 -1.00
CA SER C 332 -30.47 3.51 -1.66
C SER C 332 -30.63 5.02 -1.55
N PRO C 333 -29.55 5.75 -1.24
CA PRO C 333 -29.55 7.21 -1.40
C PRO C 333 -29.71 7.65 -2.83
N SER C 334 -29.59 6.75 -3.81
CA SER C 334 -29.86 7.11 -5.19
C SER C 334 -31.36 7.29 -5.46
N PHE C 335 -32.21 6.97 -4.50
CA PHE C 335 -33.63 7.34 -4.53
C PHE C 335 -33.83 8.71 -3.89
N ASN C 336 -34.69 9.52 -4.49
CA ASN C 336 -35.18 10.73 -3.85
C ASN C 336 -36.35 10.31 -2.98
N TRP C 337 -36.11 10.18 -1.67
CA TRP C 337 -37.06 9.45 -0.82
C TRP C 337 -38.38 10.19 -0.70
N LYS C 338 -38.35 11.48 -0.35
CA LYS C 338 -39.62 12.19 -0.20
C LYS C 338 -40.33 12.42 -1.53
N LYS C 339 -39.60 12.42 -2.66
CA LYS C 339 -40.28 12.51 -3.94
C LYS C 339 -41.05 11.23 -4.24
N ASN C 340 -40.53 10.09 -3.81
CA ASN C 340 -41.18 8.81 -4.08
C ASN C 340 -42.30 8.51 -3.07
N LEU C 341 -42.13 8.90 -1.81
CA LEU C 341 -42.91 8.32 -0.72
C LEU C 341 -43.37 9.39 0.25
N ASP C 342 -44.56 9.17 0.81
CA ASP C 342 -45.05 10.01 1.90
C ASP C 342 -44.33 9.65 3.21
N ASP C 343 -44.53 10.49 4.22
CA ASP C 343 -43.78 10.33 5.47
C ASP C 343 -44.14 9.02 6.17
N ALA C 344 -45.41 8.63 6.15
CA ALA C 344 -45.81 7.39 6.81
C ALA C 344 -45.11 6.18 6.18
N THR C 345 -45.03 6.16 4.85
CA THR C 345 -44.40 5.02 4.19
C THR C 345 -42.91 4.99 4.45
N ILE C 346 -42.26 6.15 4.45
CA ILE C 346 -40.84 6.21 4.81
C ILE C 346 -40.62 5.63 6.20
N ALA C 347 -41.50 5.99 7.14
CA ALA C 347 -41.31 5.61 8.54
C ALA C 347 -41.46 4.10 8.76
N LYS C 348 -42.35 3.45 8.01
CA LYS C 348 -42.57 2.01 8.19
CA LYS C 348 -42.59 2.02 8.18
C LYS C 348 -41.79 1.16 7.20
N PHE C 349 -41.03 1.78 6.30
CA PHE C 349 -40.46 1.07 5.15
C PHE C 349 -39.66 -0.16 5.54
N GLN C 350 -38.65 0.00 6.42
CA GLN C 350 -37.82 -1.14 6.78
C GLN C 350 -38.60 -2.19 7.55
N ARG C 351 -39.51 -1.75 8.44
CA ARG C 351 -40.35 -2.71 9.16
C ARG C 351 -41.19 -3.56 8.21
N GLU C 352 -41.81 -2.94 7.21
CA GLU C 352 -42.63 -3.69 6.27
C GLU C 352 -41.78 -4.66 5.45
N LEU C 353 -40.59 -4.23 5.01
CA LEU C 353 -39.69 -5.12 4.29
C LEU C 353 -39.25 -6.29 5.16
N GLY C 354 -39.00 -6.03 6.44
CA GLY C 354 -38.59 -7.11 7.32
C GLY C 354 -39.61 -8.23 7.37
N ALA C 355 -40.89 -7.88 7.44
CA ALA C 355 -41.94 -8.90 7.52
C ALA C 355 -42.08 -9.68 6.23
N MET C 356 -41.59 -9.15 5.11
CA MET C 356 -41.61 -9.88 3.84
C MET C 356 -40.47 -10.86 3.70
N GLY C 357 -39.49 -10.82 4.60
CA GLY C 357 -38.32 -11.65 4.47
C GLY C 357 -37.04 -10.92 4.15
N TYR C 358 -37.06 -9.58 4.08
CA TYR C 358 -35.83 -8.82 3.82
C TYR C 358 -35.13 -8.63 5.17
N LYS C 359 -34.27 -9.58 5.51
CA LYS C 359 -33.65 -9.58 6.83
C LYS C 359 -32.32 -8.85 6.89
N PHE C 360 -31.75 -8.43 5.77
CA PHE C 360 -30.61 -7.53 5.79
C PHE C 360 -30.93 -6.34 4.91
N GLN C 361 -30.99 -5.15 5.51
CA GLN C 361 -31.34 -3.93 4.80
C GLN C 361 -30.28 -2.89 5.05
N PHE C 362 -29.91 -2.13 4.02
CA PHE C 362 -28.72 -1.29 4.16
C PHE C 362 -28.81 -0.06 3.29
N ILE C 363 -28.32 1.06 3.81
CA ILE C 363 -28.21 2.31 3.05
C ILE C 363 -26.79 2.38 2.52
N THR C 364 -26.63 2.08 1.23
CA THR C 364 -25.30 1.90 0.64
C THR C 364 -24.41 3.13 0.84
N LEU C 365 -24.90 4.32 0.50
CA LEU C 365 -24.04 5.50 0.41
C LEU C 365 -24.18 6.43 1.61
N ALA C 366 -24.63 5.90 2.76
CA ALA C 366 -24.91 6.76 3.91
C ALA C 366 -23.65 7.48 4.40
N GLY C 367 -22.52 6.76 4.44
CA GLY C 367 -21.28 7.37 4.93
C GLY C 367 -20.80 8.50 4.06
N PHE C 368 -20.94 8.36 2.73
CA PHE C 368 -20.56 9.43 1.80
C PHE C 368 -21.39 10.69 2.04
N HIS C 369 -22.71 10.53 2.13
CA HIS C 369 -23.56 11.70 2.26
C HIS C 369 -23.38 12.36 3.62
N GLN C 370 -23.23 11.57 4.68
CA GLN C 370 -23.00 12.18 6.00
CA GLN C 370 -23.00 12.19 5.99
C GLN C 370 -21.67 12.93 6.01
N LEU C 371 -20.60 12.30 5.51
CA LEU C 371 -19.29 12.94 5.53
C LEU C 371 -19.29 14.23 4.71
N ASN C 372 -19.85 14.18 3.51
CA ASN C 372 -19.75 15.33 2.62
C ASN C 372 -20.68 16.45 3.07
N TYR C 373 -21.90 16.11 3.49
CA TYR C 373 -22.80 17.15 3.96
C TYR C 373 -22.26 17.81 5.22
N GLY C 374 -21.83 17.00 6.18
CA GLY C 374 -21.31 17.54 7.43
C GLY C 374 -20.13 18.48 7.24
N MET C 375 -19.18 18.10 6.38
CA MET C 375 -18.02 18.97 6.21
C MET C 375 -18.33 20.18 5.35
N PHE C 376 -19.22 20.06 4.36
CA PHE C 376 -19.61 21.27 3.64
C PHE C 376 -20.22 22.28 4.59
N GLU C 377 -21.13 21.84 5.47
CA GLU C 377 -21.81 22.80 6.34
C GLU C 377 -20.86 23.36 7.39
N LEU C 378 -19.94 22.54 7.91
CA LEU C 378 -18.92 23.07 8.82
C LEU C 378 -18.02 24.08 8.13
N ALA C 379 -17.52 23.74 6.94
CA ALA C 379 -16.62 24.65 6.23
C ALA C 379 -17.32 25.95 5.88
N ARG C 380 -18.60 25.88 5.50
CA ARG C 380 -19.32 27.11 5.18
C ARG C 380 -19.47 27.99 6.42
N GLY C 381 -19.82 27.39 7.56
CA GLY C 381 -19.94 28.19 8.77
C GLY C 381 -18.61 28.75 9.24
N TYR C 382 -17.55 27.95 9.08
CA TYR C 382 -16.20 28.41 9.45
C TYR C 382 -15.78 29.62 8.61
N LYS C 383 -16.04 29.57 7.30
CA LYS C 383 -15.74 30.70 6.45
C LYS C 383 -16.49 31.94 6.91
N ASP C 384 -17.76 31.78 7.27
CA ASP C 384 -18.61 32.91 7.62
CA ASP C 384 -18.60 32.92 7.62
C ASP C 384 -18.31 33.43 9.02
N ARG C 385 -18.07 32.52 9.98
CA ARG C 385 -18.03 32.89 11.39
C ARG C 385 -16.87 32.32 12.20
N GLN C 386 -15.93 31.62 11.56
CA GLN C 386 -14.67 31.19 12.19
C GLN C 386 -14.97 30.34 13.42
N MET C 387 -14.42 30.66 14.60
CA MET C 387 -14.49 29.74 15.73
C MET C 387 -15.91 29.56 16.26
N ALA C 388 -16.81 30.51 16.02
CA ALA C 388 -18.20 30.31 16.41
C ALA C 388 -18.78 29.04 15.77
N ALA C 389 -18.43 28.79 14.51
CA ALA C 389 -18.97 27.60 13.84
C ALA C 389 -18.44 26.33 14.47
N TYR C 390 -17.17 26.32 14.85
CA TYR C 390 -16.63 25.11 15.44
C TYR C 390 -17.17 24.90 16.86
N SER C 391 -17.25 25.98 17.64
CA SER C 391 -17.76 25.84 19.01
C SER C 391 -19.19 25.30 19.01
N GLU C 392 -19.98 25.65 17.99
CA GLU C 392 -21.31 25.07 17.87
C GLU C 392 -21.25 23.56 17.69
N LEU C 393 -20.31 23.07 16.89
CA LEU C 393 -20.14 21.63 16.74
C LEU C 393 -19.74 21.00 18.08
N GLN C 394 -18.77 21.61 18.77
CA GLN C 394 -18.31 21.06 20.04
C GLN C 394 -19.43 21.03 21.07
N GLN C 395 -20.28 22.06 21.09
CA GLN C 395 -21.42 22.06 22.01
C GLN C 395 -22.44 21.00 21.63
N ALA C 396 -22.65 20.78 20.34
CA ALA C 396 -23.51 19.68 19.90
C ALA C 396 -22.95 18.34 20.36
N GLU C 397 -21.63 18.18 20.28
CA GLU C 397 -20.98 16.98 20.77
C GLU C 397 -21.24 16.78 22.26
N PHE C 398 -20.98 17.81 23.07
CA PHE C 398 -21.28 17.72 24.50
C PHE C 398 -22.73 17.30 24.73
N ALA C 399 -23.66 17.89 23.99
CA ALA C 399 -25.07 17.61 24.20
C ALA C 399 -25.43 16.18 23.80
N ALA C 400 -24.65 15.54 22.94
CA ALA C 400 -24.92 14.18 22.52
C ALA C 400 -24.36 13.13 23.48
N GLU C 401 -23.54 13.56 24.44
CA GLU C 401 -22.98 12.60 25.39
C GLU C 401 -24.06 11.93 26.23
N ALA C 402 -25.17 12.62 26.51
CA ALA C 402 -26.25 11.98 27.24
C ALA C 402 -26.87 10.83 26.46
N ASP C 403 -26.73 10.82 25.14
CA ASP C 403 -27.22 9.73 24.31
C ASP C 403 -26.13 8.72 23.98
N GLY C 404 -24.96 8.83 24.60
CA GLY C 404 -23.90 7.84 24.47
C GLY C 404 -22.71 8.26 23.63
N TYR C 405 -22.69 9.48 23.09
CA TYR C 405 -21.54 9.94 22.33
C TYR C 405 -20.34 10.14 23.24
N THR C 406 -19.16 9.68 22.80
CA THR C 406 -17.95 9.79 23.61
C THR C 406 -16.80 10.53 22.94
N ALA C 407 -16.85 10.76 21.62
CA ALA C 407 -15.67 11.21 20.90
C ALA C 407 -15.31 12.68 21.17
N THR C 408 -16.14 13.43 21.91
CA THR C 408 -15.70 14.74 22.38
C THR C 408 -14.37 14.61 23.11
N LYS C 409 -14.20 13.54 23.87
CA LYS C 409 -12.91 13.23 24.49
C LYS C 409 -12.13 12.40 23.48
N HIS C 410 -11.54 13.10 22.50
CA HIS C 410 -10.92 12.40 21.37
C HIS C 410 -9.66 11.64 21.77
N GLN C 411 -8.96 12.06 22.82
CA GLN C 411 -7.74 11.34 23.19
C GLN C 411 -8.06 9.94 23.70
N ARG C 412 -9.05 9.83 24.59
CA ARG C 412 -9.50 8.51 25.01
C ARG C 412 -10.05 7.71 23.83
N GLU C 413 -10.81 8.39 22.95
CA GLU C 413 -11.52 7.70 21.87
C GLU C 413 -10.58 6.90 20.98
N VAL C 414 -9.38 7.45 20.68
CA VAL C 414 -8.46 6.80 19.75
C VAL C 414 -7.47 5.88 20.45
N GLY C 415 -7.55 5.75 21.76
CA GLY C 415 -6.74 4.80 22.49
C GLY C 415 -5.57 5.35 23.31
N THR C 416 -5.54 6.65 23.60
CA THR C 416 -4.40 7.20 24.35
C THR C 416 -4.30 6.58 25.74
N GLY C 417 -5.44 6.36 26.40
CA GLY C 417 -5.42 5.73 27.70
C GLY C 417 -5.02 4.28 27.64
N TYR C 418 -5.40 3.59 26.56
CA TYR C 418 -4.97 2.21 26.36
C TYR C 418 -3.45 2.12 26.23
N PHE C 419 -2.86 2.96 25.38
CA PHE C 419 -1.41 2.91 25.21
C PHE C 419 -0.68 3.44 26.44
N ASP C 420 -1.29 4.33 27.22
CA ASP C 420 -0.72 4.65 28.52
C ASP C 420 -0.62 3.40 29.38
N ALA C 421 -1.67 2.58 29.37
CA ALA C 421 -1.66 1.35 30.17
C ALA C 421 -0.63 0.37 29.66
N VAL C 422 -0.46 0.31 28.33
CA VAL C 422 0.60 -0.53 27.76
C VAL C 422 1.96 -0.05 28.24
N SER C 423 2.21 1.27 28.17
CA SER C 423 3.47 1.82 28.62
CA SER C 423 3.48 1.80 28.61
C SER C 423 3.74 1.48 30.08
N LEU C 424 2.72 1.64 30.94
CA LEU C 424 2.91 1.36 32.36
C LEU C 424 3.15 -0.12 32.62
N ALA C 425 2.53 -1.01 31.84
CA ALA C 425 2.83 -2.43 32.02
C ALA C 425 4.27 -2.75 31.63
N ILE C 426 4.75 -2.18 30.53
CA ILE C 426 6.12 -2.42 30.08
C ILE C 426 7.12 -1.93 31.13
N THR C 427 6.83 -0.81 31.77
CA THR C 427 7.80 -0.16 32.65
C THR C 427 7.52 -0.41 34.12
N GLY C 428 6.60 -1.32 34.44
CA GLY C 428 6.28 -1.57 35.85
C GLY C 428 5.78 -0.35 36.59
N GLY C 429 5.04 0.52 35.90
CA GLY C 429 4.49 1.72 36.49
C GLY C 429 5.41 2.93 36.48
N GLN C 430 6.58 2.85 35.85
CA GLN C 430 7.62 3.86 36.07
C GLN C 430 7.80 4.86 34.94
N SER C 431 7.15 4.67 33.80
CA SER C 431 7.35 5.58 32.67
C SER C 431 7.09 7.03 33.06
N SER C 432 7.99 7.91 32.65
CA SER C 432 7.88 9.36 32.87
C SER C 432 7.04 10.04 31.81
N THR C 433 6.68 9.35 30.74
CA THR C 433 6.16 10.00 29.55
C THR C 433 4.72 9.58 29.22
N THR C 434 3.92 9.20 30.22
CA THR C 434 2.55 8.90 29.89
C THR C 434 1.80 10.19 29.56
N ALA C 435 0.66 10.03 28.89
CA ALA C 435 0.06 11.13 28.15
C ALA C 435 -1.21 11.71 28.77
N MET C 436 -2.04 10.90 29.42
CA MET C 436 -3.38 11.38 29.80
C MET C 436 -3.39 12.24 31.06
N LYS C 437 -2.52 11.96 32.04
CA LYS C 437 -2.65 12.59 33.35
C LYS C 437 -2.60 14.12 33.26
N GLU C 438 -1.70 14.65 32.43
CA GLU C 438 -1.52 16.10 32.31
C GLU C 438 -2.02 16.65 30.99
N SER C 439 -2.93 15.92 30.33
CA SER C 439 -3.52 16.36 29.07
C SER C 439 -4.58 17.43 29.31
N THR C 440 -4.82 18.25 28.28
CA THR C 440 -5.92 19.20 28.39
C THR C 440 -7.27 18.49 28.41
N GLU C 441 -7.33 17.28 27.87
CA GLU C 441 -8.57 16.51 27.95
C GLU C 441 -8.95 16.26 29.40
N THR C 442 -7.99 15.79 30.21
CA THR C 442 -8.27 15.54 31.61
C THR C 442 -8.59 16.84 32.34
N ALA C 443 -7.97 17.94 31.93
CA ALA C 443 -8.13 19.20 32.67
C ALA C 443 -9.41 19.93 32.28
N GLN C 444 -9.79 19.90 30.99
CA GLN C 444 -10.84 20.78 30.48
C GLN C 444 -12.13 20.07 30.13
N PHE C 445 -12.14 18.73 30.13
CA PHE C 445 -13.31 17.94 29.77
C PHE C 445 -13.78 17.09 30.95
N LYS C 446 -13.50 17.55 32.17
CA LYS C 446 -13.97 16.85 33.35
C LYS C 446 -15.49 16.87 33.41
N PRO C 447 -16.12 15.77 33.82
CA PRO C 447 -17.58 15.67 33.97
C PRO C 447 -18.16 16.76 34.86
N THR D 23 25.87 30.75 -6.67
CA THR D 23 25.70 31.24 -5.31
C THR D 23 24.24 31.51 -5.00
N ASP D 24 23.39 31.42 -6.03
CA ASP D 24 21.99 31.80 -5.92
C ASP D 24 21.11 30.58 -5.76
N PHE D 25 20.22 30.62 -4.77
CA PHE D 25 19.23 29.57 -4.61
C PHE D 25 18.02 29.78 -5.52
N TYR D 26 17.74 31.03 -5.92
CA TYR D 26 16.62 31.27 -6.81
C TYR D 26 16.79 30.52 -8.13
N SER D 27 18.01 30.47 -8.66
CA SER D 27 18.21 29.73 -9.90
C SER D 27 18.01 28.23 -9.70
N LEU D 28 18.15 27.73 -8.47
CA LEU D 28 17.90 26.33 -8.20
C LEU D 28 16.42 26.04 -7.98
N ILE D 29 15.63 27.06 -7.71
CA ILE D 29 14.20 26.93 -7.43
C ILE D 29 13.46 27.83 -8.42
N PRO D 30 13.24 27.37 -9.65
CA PRO D 30 12.78 28.27 -10.73
C PRO D 30 11.48 28.99 -10.44
N SER D 31 10.58 28.39 -9.66
CA SER D 31 9.26 28.98 -9.44
C SER D 31 9.21 29.89 -8.23
N ALA D 32 10.29 30.04 -7.48
CA ALA D 32 10.26 30.88 -6.29
C ALA D 32 10.03 32.33 -6.70
N PRO D 33 9.09 33.04 -6.09
CA PRO D 33 8.86 34.44 -6.44
C PRO D 33 9.93 35.33 -5.83
N LYS D 34 10.00 36.56 -6.36
CA LYS D 34 10.95 37.54 -5.84
C LYS D 34 10.77 37.71 -4.33
N GLY D 35 11.89 37.67 -3.61
CA GLY D 35 11.87 37.83 -2.17
C GLY D 35 11.42 36.63 -1.37
N ARG D 36 11.18 35.48 -2.02
CA ARG D 36 10.69 34.31 -1.30
C ARG D 36 11.57 33.96 -0.10
N PHE D 37 12.88 34.13 -0.23
CA PHE D 37 13.81 33.68 0.79
C PHE D 37 14.45 34.83 1.57
N ASP D 38 13.81 36.01 1.57
CA ASP D 38 14.28 37.11 2.41
C ASP D 38 14.34 36.66 3.86
N GLY D 39 15.45 36.97 4.53
CA GLY D 39 15.59 36.63 5.93
C GLY D 39 15.75 35.16 6.23
N ILE D 40 15.91 34.31 5.22
CA ILE D 40 16.05 32.87 5.43
C ILE D 40 17.52 32.50 5.39
N GLU D 41 17.98 31.78 6.39
CA GLU D 41 19.34 31.29 6.46
C GLU D 41 19.35 29.79 6.17
N ARG D 42 20.48 29.33 5.65
CA ARG D 42 20.65 27.93 5.28
C ARG D 42 22.01 27.46 5.76
N ALA D 43 22.09 26.23 6.26
CA ALA D 43 23.39 25.71 6.66
C ALA D 43 24.22 25.26 5.47
N HIS D 44 23.58 24.93 4.35
CA HIS D 44 24.21 24.38 3.16
C HIS D 44 24.36 25.47 2.09
N THR D 45 25.14 25.15 1.07
CA THR D 45 25.40 26.07 -0.03
C THR D 45 24.59 25.68 -1.26
N ALA D 46 24.58 26.58 -2.25
CA ALA D 46 23.95 26.24 -3.52
C ALA D 46 24.71 25.11 -4.24
N GLU D 47 26.02 25.05 -4.06
CA GLU D 47 26.78 23.96 -4.65
C GLU D 47 26.43 22.62 -4.02
N ASP D 48 26.14 22.60 -2.72
CA ASP D 48 25.63 21.38 -2.09
C ASP D 48 24.36 20.89 -2.77
N VAL D 49 23.43 21.81 -3.04
CA VAL D 49 22.18 21.43 -3.71
C VAL D 49 22.48 20.80 -5.07
N LYS D 50 23.30 21.46 -5.89
CA LYS D 50 23.62 20.90 -7.19
C LYS D 50 24.26 19.54 -7.06
N ARG D 51 25.10 19.36 -6.05
CA ARG D 51 25.77 18.07 -5.86
CA ARG D 51 25.76 18.08 -5.85
C ARG D 51 24.77 16.98 -5.47
N LEU D 52 23.73 17.32 -4.71
CA LEU D 52 22.85 16.33 -4.11
C LEU D 52 21.53 16.11 -4.82
N ARG D 53 21.28 16.77 -5.96
CA ARG D 53 19.95 16.73 -6.53
C ARG D 53 19.83 15.82 -7.77
N GLY D 54 20.87 15.07 -8.10
CA GLY D 54 20.82 14.24 -9.29
C GLY D 54 21.11 15.05 -10.55
N SER D 55 21.09 14.35 -11.69
CA SER D 55 21.52 14.96 -12.93
C SER D 55 20.39 15.38 -13.86
N VAL D 56 19.14 15.06 -13.52
CA VAL D 56 18.00 15.39 -14.38
C VAL D 56 17.00 16.21 -13.59
N GLU D 57 16.27 17.08 -14.29
CA GLU D 57 15.24 17.90 -13.66
C GLU D 57 13.91 17.16 -13.67
N ILE D 58 13.36 16.94 -12.49
CA ILE D 58 12.02 16.37 -12.33
C ILE D 58 11.14 17.46 -11.76
N LYS D 59 9.99 17.70 -12.40
CA LYS D 59 9.08 18.74 -11.97
C LYS D 59 8.07 18.19 -10.96
N TYR D 60 7.71 19.03 -9.98
CA TYR D 60 6.71 18.72 -8.95
C TYR D 60 5.67 19.84 -9.02
N SER D 61 4.76 19.74 -10.00
CA SER D 61 3.93 20.88 -10.40
C SER D 61 2.98 21.29 -9.28
N LEU D 62 2.29 20.34 -8.65
CA LEU D 62 1.35 20.70 -7.59
C LEU D 62 2.05 21.28 -6.38
N ALA D 63 3.28 20.81 -6.06
CA ALA D 63 4.04 21.43 -4.99
C ALA D 63 4.43 22.86 -5.33
N GLU D 64 4.85 23.12 -6.57
CA GLU D 64 5.15 24.48 -6.98
C GLU D 64 3.93 25.37 -6.86
N MET D 65 2.83 24.96 -7.51
CA MET D 65 1.62 25.78 -7.52
C MET D 65 1.12 26.05 -6.11
N GLY D 66 1.05 25.00 -5.29
CA GLY D 66 0.53 25.18 -3.94
C GLY D 66 1.39 26.07 -3.07
N ALA D 67 2.71 25.88 -3.10
CA ALA D 67 3.60 26.72 -2.30
C ALA D 67 3.49 28.18 -2.71
N ASN D 68 3.41 28.45 -4.01
CA ASN D 68 3.36 29.83 -4.45
C ASN D 68 1.99 30.46 -4.15
N ARG D 69 0.93 29.68 -4.25
CA ARG D 69 -0.39 30.20 -3.90
C ARG D 69 -0.49 30.46 -2.40
N LEU D 70 0.05 29.55 -1.58
CA LEU D 70 0.05 29.76 -0.14
C LEU D 70 0.88 30.99 0.23
N TRP D 71 2.02 31.19 -0.42
CA TRP D 71 2.84 32.37 -0.14
C TRP D 71 2.08 33.65 -0.46
N LYS D 72 1.39 33.67 -1.61
CA LYS D 72 0.58 34.85 -1.93
C LYS D 72 -0.52 35.05 -0.91
N LEU D 73 -1.20 33.98 -0.51
CA LEU D 73 -2.37 34.11 0.38
C LEU D 73 -1.98 34.68 1.73
N ILE D 74 -0.93 34.15 2.35
CA ILE D 74 -0.59 34.60 3.69
C ILE D 74 0.00 36.00 3.72
N HIS D 75 0.36 36.56 2.56
CA HIS D 75 0.78 37.95 2.48
C HIS D 75 -0.32 38.89 2.03
N GLU D 76 -1.43 38.38 1.48
CA GLU D 76 -2.47 39.23 0.95
C GLU D 76 -3.77 39.18 1.73
N GLU D 77 -4.12 38.04 2.32
CA GLU D 77 -5.34 37.96 3.11
C GLU D 77 -5.07 38.48 4.53
N ASP D 78 -6.13 38.93 5.19
CA ASP D 78 -6.02 39.30 6.60
CA ASP D 78 -5.99 39.32 6.60
C ASP D 78 -5.48 38.13 7.42
N PHE D 79 -5.91 36.92 7.07
CA PHE D 79 -5.42 35.67 7.61
C PHE D 79 -6.01 34.55 6.76
N VAL D 80 -5.34 33.41 6.76
CA VAL D 80 -5.80 32.21 6.06
C VAL D 80 -6.19 31.20 7.13
N ASN D 81 -7.46 30.79 7.14
CA ASN D 81 -7.89 29.78 8.10
C ASN D 81 -8.21 28.48 7.38
N ALA D 82 -8.10 27.38 8.12
CA ALA D 82 -8.19 26.05 7.52
C ALA D 82 -8.71 25.07 8.56
N LEU D 83 -9.17 23.92 8.07
CA LEU D 83 -9.68 22.81 8.86
C LEU D 83 -8.91 21.55 8.50
N GLY D 84 -8.70 20.68 9.49
CA GLY D 84 -8.00 19.43 9.26
C GLY D 84 -8.87 18.44 8.49
N ALA D 85 -8.42 18.02 7.31
CA ALA D 85 -9.17 17.09 6.48
C ALA D 85 -8.58 15.69 6.62
N LEU D 86 -9.43 14.70 6.86
CA LEU D 86 -8.96 13.33 6.94
C LEU D 86 -9.29 12.51 5.70
N SER D 87 -9.88 13.12 4.66
CA SER D 87 -10.14 12.41 3.43
C SER D 87 -10.22 13.41 2.30
N GLY D 88 -10.04 12.92 1.07
CA GLY D 88 -10.14 13.80 -0.07
C GLY D 88 -11.51 14.44 -0.19
N ASN D 89 -12.57 13.67 0.08
CA ASN D 89 -13.91 14.23 0.02
C ASN D 89 -14.07 15.38 1.02
N GLN D 90 -13.53 15.25 2.23
CA GLN D 90 -13.61 16.37 3.17
C GLN D 90 -12.93 17.60 2.60
N ALA D 91 -11.72 17.42 2.06
CA ALA D 91 -11.00 18.54 1.48
C ALA D 91 -11.78 19.18 0.34
N MET D 92 -12.38 18.35 -0.53
CA MET D 92 -13.19 18.88 -1.64
C MET D 92 -14.30 19.78 -1.12
N GLN D 93 -15.01 19.36 -0.07
CA GLN D 93 -16.11 20.20 0.39
C GLN D 93 -15.61 21.47 1.06
N MET D 94 -14.44 21.41 1.72
CA MET D 94 -13.83 22.63 2.26
C MET D 94 -13.59 23.65 1.16
N VAL D 95 -12.99 23.21 0.05
CA VAL D 95 -12.70 24.10 -1.07
C VAL D 95 -14.00 24.58 -1.68
N ARG D 96 -14.97 23.68 -1.87
CA ARG D 96 -16.24 24.07 -2.46
C ARG D 96 -16.94 25.15 -1.63
N ALA D 97 -16.83 25.06 -0.31
CA ALA D 97 -17.46 26.03 0.57
C ALA D 97 -16.72 27.36 0.60
N GLY D 98 -15.52 27.43 0.04
CA GLY D 98 -14.84 28.71 -0.08
C GLY D 98 -13.60 28.86 0.77
N LEU D 99 -13.18 27.82 1.50
CA LEU D 99 -11.92 27.90 2.21
C LEU D 99 -10.77 27.91 1.23
N LYS D 100 -9.70 28.62 1.60
CA LYS D 100 -8.62 28.86 0.66
C LYS D 100 -7.41 27.97 0.90
N ALA D 101 -7.42 27.16 1.97
CA ALA D 101 -6.33 26.25 2.26
C ALA D 101 -6.89 25.04 2.99
N ILE D 102 -6.08 24.00 3.01
CA ILE D 102 -6.42 22.73 3.63
C ILE D 102 -5.32 22.40 4.64
N TYR D 103 -5.73 21.94 5.82
CA TYR D 103 -4.76 21.48 6.82
C TYR D 103 -4.79 19.97 6.88
N LEU D 104 -3.61 19.35 6.98
CA LEU D 104 -3.50 17.90 7.06
C LEU D 104 -2.89 17.58 8.42
N SER D 105 -3.69 16.92 9.27
CA SER D 105 -3.36 16.67 10.67
C SER D 105 -2.80 15.27 10.85
N GLY D 106 -1.61 15.19 11.47
CA GLY D 106 -1.06 13.88 11.82
C GLY D 106 -1.87 13.16 12.88
N TRP D 107 -2.51 13.90 13.77
CA TRP D 107 -3.41 13.28 14.75
C TRP D 107 -4.53 12.53 14.03
N GLN D 108 -5.12 13.16 13.01
CA GLN D 108 -6.19 12.49 12.27
C GLN D 108 -5.66 11.35 11.42
N VAL D 109 -4.44 11.47 10.90
CA VAL D 109 -3.81 10.35 10.22
C VAL D 109 -3.74 9.16 11.16
N ALA D 110 -3.27 9.42 12.39
CA ALA D 110 -3.14 8.35 13.37
C ALA D 110 -4.49 7.75 13.73
N ALA D 111 -5.53 8.60 13.83
CA ALA D 111 -6.85 8.15 14.27
C ALA D 111 -7.53 7.26 13.23
N ASP D 112 -7.45 7.61 11.95
CA ASP D 112 -8.40 7.04 10.99
C ASP D 112 -7.91 7.05 9.54
N ALA D 113 -6.64 7.37 9.30
CA ALA D 113 -6.19 7.47 7.91
C ALA D 113 -4.71 7.21 7.74
N ASN D 114 -4.20 6.06 8.18
CA ASN D 114 -2.77 5.81 8.08
C ASN D 114 -2.49 4.48 7.38
N THR D 115 -1.22 4.28 7.01
CA THR D 115 -0.80 3.14 6.20
C THR D 115 -0.55 1.87 7.00
N ALA D 116 -0.84 1.88 8.30
CA ALA D 116 -0.92 0.66 9.09
C ALA D 116 -2.35 0.17 9.26
N SER D 117 -3.34 0.89 8.71
CA SER D 117 -4.75 0.52 8.81
C SER D 117 -5.13 0.21 10.26
N ALA D 118 -4.73 1.11 11.15
CA ALA D 118 -5.00 0.98 12.57
C ALA D 118 -5.48 2.31 13.12
N MET D 119 -6.17 2.26 14.26
CA MET D 119 -6.50 3.46 15.01
C MET D 119 -5.43 3.66 16.08
N TYR D 120 -4.79 4.81 16.07
CA TYR D 120 -3.69 5.11 16.98
C TYR D 120 -3.92 6.42 17.69
N PRO D 121 -3.49 6.53 18.93
CA PRO D 121 -3.30 7.87 19.53
C PRO D 121 -2.14 8.57 18.83
N ASP D 122 -1.99 9.86 19.15
CA ASP D 122 -1.13 10.76 18.38
C ASP D 122 0.28 10.72 18.97
N GLN D 123 1.01 9.66 18.61
CA GLN D 123 2.32 9.41 19.21
C GLN D 123 3.32 8.92 18.18
N SER D 124 3.14 9.31 16.92
CA SER D 124 4.02 8.93 15.82
CA SER D 124 4.02 8.91 15.81
C SER D 124 4.16 7.40 15.72
N LEU D 125 3.05 6.70 15.92
CA LEU D 125 3.08 5.23 15.92
C LEU D 125 2.91 4.65 14.54
N TYR D 126 2.29 5.39 13.62
CA TYR D 126 2.02 4.89 12.28
C TYR D 126 3.24 5.05 11.39
N PRO D 127 3.26 4.39 10.23
CA PRO D 127 4.45 4.46 9.36
C PRO D 127 4.61 5.83 8.72
N ALA D 128 5.88 6.22 8.53
CA ALA D 128 6.25 7.57 8.16
C ALA D 128 5.70 8.03 6.81
N ASN D 129 5.22 7.11 5.97
CA ASN D 129 4.67 7.50 4.67
C ASN D 129 3.20 7.92 4.72
N ALA D 130 2.55 7.82 5.87
CA ALA D 130 1.09 7.94 5.91
C ALA D 130 0.62 9.35 5.62
N GLY D 131 1.31 10.36 6.16
CA GLY D 131 0.94 11.75 5.91
C GLY D 131 1.02 12.12 4.44
N PRO D 132 2.17 11.89 3.81
CA PRO D 132 2.27 12.14 2.36
C PRO D 132 1.25 11.37 1.55
N GLU D 133 0.94 10.12 1.91
CA GLU D 133 -0.06 9.36 1.16
C GLU D 133 -1.43 10.03 1.27
N LEU D 134 -1.75 10.59 2.44
CA LEU D 134 -3.02 11.31 2.55
C LEU D 134 -2.99 12.60 1.73
N ALA D 135 -1.85 13.29 1.69
CA ALA D 135 -1.77 14.49 0.88
C ALA D 135 -1.99 14.18 -0.59
N LYS D 136 -1.44 13.05 -1.05
CA LYS D 136 -1.70 12.61 -2.42
C LYS D 136 -3.18 12.33 -2.64
N ARG D 137 -3.85 11.67 -1.69
CA ARG D 137 -5.29 11.43 -1.82
C ARG D 137 -6.05 12.74 -1.97
N ILE D 138 -5.72 13.72 -1.15
CA ILE D 138 -6.42 14.99 -1.19
C ILE D 138 -6.22 15.67 -2.53
N ASN D 139 -4.98 15.73 -3.01
CA ASN D 139 -4.76 16.39 -4.29
C ASN D 139 -5.43 15.63 -5.43
N ARG D 140 -5.52 14.30 -5.34
CA ARG D 140 -6.20 13.55 -6.39
C ARG D 140 -7.70 13.85 -6.41
N THR D 141 -8.34 13.98 -5.24
CA THR D 141 -9.75 14.34 -5.21
C THR D 141 -9.98 15.71 -5.82
N LEU D 142 -9.15 16.68 -5.41
CA LEU D 142 -9.26 18.02 -5.96
C LEU D 142 -9.02 18.01 -7.47
N GLN D 143 -8.10 17.16 -7.92
CA GLN D 143 -7.86 17.02 -9.35
C GLN D 143 -9.09 16.52 -10.09
N ARG D 144 -9.79 15.53 -9.52
CA ARG D 144 -10.99 15.04 -10.18
C ARG D 144 -12.08 16.11 -10.19
N ALA D 145 -12.23 16.83 -9.07
CA ALA D 145 -13.22 17.91 -9.03
C ALA D 145 -12.97 18.94 -10.12
N ASP D 146 -11.70 19.29 -10.34
CA ASP D 146 -11.35 20.23 -11.39
C ASP D 146 -11.62 19.64 -12.77
N GLN D 147 -11.32 18.34 -12.96
CA GLN D 147 -11.60 17.72 -14.25
C GLN D 147 -13.09 17.74 -14.55
N ILE D 148 -13.93 17.46 -13.54
CA ILE D 148 -15.38 17.45 -13.74
C ILE D 148 -15.85 18.80 -14.25
N GLU D 149 -15.48 19.88 -13.54
CA GLU D 149 -15.98 21.19 -13.93
C GLU D 149 -15.37 21.65 -15.25
N THR D 150 -14.09 21.33 -15.50
CA THR D 150 -13.49 21.72 -16.77
C THR D 150 -14.20 21.05 -17.94
N ALA D 151 -14.55 19.77 -17.80
CA ALA D 151 -15.23 19.07 -18.88
C ALA D 151 -16.63 19.61 -19.11
N GLU D 152 -17.29 20.09 -18.05
CA GLU D 152 -18.63 20.66 -18.21
C GLU D 152 -18.60 22.02 -18.89
N GLY D 153 -17.45 22.68 -18.95
CA GLY D 153 -17.28 23.81 -19.86
C GLY D 153 -17.92 25.11 -19.42
N LYS D 154 -18.28 25.25 -18.15
CA LYS D 154 -18.96 26.45 -17.68
C LYS D 154 -18.14 27.21 -16.65
N GLY D 155 -16.84 26.98 -16.60
CA GLY D 155 -15.98 27.60 -15.63
C GLY D 155 -15.99 26.84 -14.31
N LEU D 156 -15.09 27.25 -13.43
CA LEU D 156 -14.99 26.67 -12.10
C LEU D 156 -15.94 27.37 -11.14
N SER D 157 -16.37 26.63 -10.11
CA SER D 157 -17.22 27.19 -9.06
C SER D 157 -16.42 27.64 -7.86
N VAL D 158 -15.09 27.63 -7.97
CA VAL D 158 -14.18 28.06 -6.92
C VAL D 158 -13.05 28.84 -7.59
N ASP D 159 -12.24 29.52 -6.78
CA ASP D 159 -11.10 30.24 -7.33
C ASP D 159 -10.10 29.27 -7.95
N THR D 160 -9.83 28.18 -7.24
CA THR D 160 -9.06 27.06 -7.76
C THR D 160 -9.44 25.85 -6.94
N TRP D 161 -9.44 24.68 -7.58
CA TRP D 161 -9.62 23.48 -6.78
C TRP D 161 -8.37 23.13 -6.00
N PHE D 162 -7.20 23.61 -6.43
CA PHE D 162 -5.95 23.19 -5.82
C PHE D 162 -5.57 24.18 -4.71
N ALA D 163 -6.40 24.17 -3.68
CA ALA D 163 -6.09 24.94 -2.49
C ALA D 163 -4.81 24.40 -1.85
N PRO D 164 -3.93 25.25 -1.36
CA PRO D 164 -2.67 24.76 -0.77
C PRO D 164 -2.93 23.91 0.47
N ILE D 165 -2.15 22.84 0.60
CA ILE D 165 -2.22 21.92 1.73
C ILE D 165 -1.04 22.21 2.63
N VAL D 166 -1.31 22.50 3.90
CA VAL D 166 -0.30 22.57 4.95
C VAL D 166 -0.36 21.28 5.74
N ALA D 167 0.75 20.54 5.78
CA ALA D 167 0.73 19.17 6.28
C ALA D 167 1.72 18.94 7.42
N ASP D 168 1.39 17.94 8.21
CA ASP D 168 2.02 17.62 9.48
C ASP D 168 3.13 16.58 9.26
N ALA D 169 4.39 16.96 9.52
CA ALA D 169 5.49 16.01 9.52
C ALA D 169 5.93 15.63 10.93
N GLU D 170 5.10 15.94 11.93
CA GLU D 170 5.28 15.55 13.34
C GLU D 170 6.71 15.93 13.75
N ALA D 171 7.50 15.00 14.28
CA ALA D 171 8.87 15.31 14.70
C ALA D 171 9.89 14.79 13.71
N GLY D 172 9.50 14.60 12.45
CA GLY D 172 10.40 14.12 11.44
C GLY D 172 10.59 12.62 11.39
N PHE D 173 9.98 11.86 12.32
CA PHE D 173 10.07 10.40 12.37
C PHE D 173 11.50 9.91 12.55
N GLY D 174 12.32 10.70 13.23
CA GLY D 174 13.68 10.26 13.53
C GLY D 174 14.64 11.41 13.59
N GLY D 175 15.74 11.31 12.85
CA GLY D 175 16.72 12.37 12.85
C GLY D 175 16.60 13.25 11.63
N PRO D 176 17.59 14.11 11.40
CA PRO D 176 17.53 15.02 10.23
C PRO D 176 17.31 14.31 8.90
N LEU D 177 17.89 13.11 8.70
CA LEU D 177 17.68 12.41 7.44
C LEU D 177 16.24 11.95 7.29
N ASP D 178 15.60 11.60 8.40
CA ASP D 178 14.18 11.25 8.33
C ASP D 178 13.34 12.47 8.02
N ALA D 179 13.70 13.64 8.57
CA ALA D 179 12.98 14.87 8.25
C ALA D 179 13.16 15.22 6.78
N PHE D 180 14.38 15.07 6.28
CA PHE D 180 14.69 15.24 4.86
C PHE D 180 13.77 14.37 4.00
N GLU D 181 13.61 13.10 4.39
CA GLU D 181 12.83 12.18 3.55
C GLU D 181 11.33 12.50 3.59
N ILE D 182 10.78 12.81 4.76
CA ILE D 182 9.34 13.09 4.79
C ILE D 182 9.04 14.41 4.09
N MET D 183 9.98 15.36 4.13
CA MET D 183 9.80 16.60 3.36
C MET D 183 9.71 16.30 1.87
N LYS D 184 10.66 15.52 1.34
CA LYS D 184 10.60 15.16 -0.08
C LYS D 184 9.29 14.44 -0.40
N ALA D 185 8.85 13.54 0.47
CA ALA D 185 7.62 12.80 0.20
C ALA D 185 6.43 13.73 0.12
N TYR D 186 6.36 14.73 1.03
CA TYR D 186 5.26 15.69 0.95
C TYR D 186 5.33 16.54 -0.31
N ILE D 187 6.53 16.85 -0.79
CA ILE D 187 6.65 17.64 -2.02
C ILE D 187 6.17 16.83 -3.21
N GLU D 188 6.58 15.56 -3.30
CA GLU D 188 6.08 14.70 -4.37
C GLU D 188 4.56 14.58 -4.32
N ALA D 189 3.99 14.56 -3.12
CA ALA D 189 2.54 14.44 -2.96
C ALA D 189 1.80 15.76 -3.22
N GLY D 190 2.54 16.85 -3.37
CA GLY D 190 1.93 18.12 -3.73
C GLY D 190 1.58 19.01 -2.56
N ALA D 191 2.15 18.78 -1.39
CA ALA D 191 1.90 19.69 -0.27
C ALA D 191 2.56 21.05 -0.51
N ALA D 192 1.93 22.09 0.03
CA ALA D 192 2.43 23.46 -0.11
C ALA D 192 3.32 23.89 1.05
N GLY D 193 3.06 23.36 2.23
CA GLY D 193 3.84 23.69 3.42
C GLY D 193 3.84 22.49 4.34
N VAL D 194 4.87 22.40 5.17
CA VAL D 194 5.08 21.24 6.05
C VAL D 194 5.58 21.75 7.40
N HIS D 195 5.07 21.19 8.50
CA HIS D 195 5.49 21.67 9.81
C HIS D 195 6.22 20.58 10.58
N PHE D 196 7.25 21.00 11.33
CA PHE D 196 8.13 20.13 12.10
C PHE D 196 8.23 20.67 13.52
N GLU D 197 8.22 19.78 14.51
CA GLU D 197 8.20 20.19 15.91
C GLU D 197 9.41 19.68 16.67
N ASP D 198 9.75 20.38 17.75
CA ASP D 198 10.94 20.08 18.53
C ASP D 198 10.69 19.06 19.63
N GLN D 199 9.98 17.99 19.29
CA GLN D 199 9.79 16.86 20.17
C GLN D 199 10.72 15.71 19.78
N LEU D 200 10.94 14.83 20.75
CA LEU D 200 11.66 13.58 20.52
C LEU D 200 10.70 12.62 19.83
N ALA D 201 11.04 12.19 18.60
CA ALA D 201 10.09 11.40 17.83
C ALA D 201 9.74 10.08 18.53
N SER D 202 10.69 9.49 19.26
CA SER D 202 10.40 8.23 19.94
C SER D 202 9.42 8.39 21.11
N GLU D 203 9.15 9.62 21.55
CA GLU D 203 8.18 9.90 22.60
C GLU D 203 7.17 10.95 22.17
N LYS D 204 6.96 11.11 20.86
CA LYS D 204 6.11 12.17 20.33
C LYS D 204 4.69 12.11 20.89
N LYS D 205 4.09 13.28 21.13
CA LYS D 205 2.71 13.40 21.59
C LYS D 205 2.00 14.49 20.83
N CYS D 206 0.68 14.38 20.78
CA CYS D 206 -0.18 15.54 20.52
C CYS D 206 0.25 16.72 21.39
N GLY D 207 0.14 17.94 20.83
CA GLY D 207 0.55 19.11 21.58
C GLY D 207 -0.15 19.27 22.92
N HIS D 208 -1.35 18.71 23.06
CA HIS D 208 -2.15 18.89 24.26
C HIS D 208 -2.25 17.63 25.12
N LEU D 209 -1.31 16.72 24.95
CA LEU D 209 -1.11 15.60 25.85
C LEU D 209 0.04 15.89 26.79
N GLY D 210 0.04 15.19 27.92
CA GLY D 210 1.19 15.20 28.80
C GLY D 210 2.32 14.36 28.24
N GLY D 211 3.45 14.42 28.95
CA GLY D 211 4.58 13.56 28.67
C GLY D 211 5.37 13.89 27.42
N LYS D 212 5.37 15.15 27.00
CA LYS D 212 6.18 15.53 25.84
C LYS D 212 7.63 15.70 26.26
N VAL D 213 8.54 15.32 25.36
CA VAL D 213 9.98 15.42 25.56
C VAL D 213 10.54 16.32 24.47
N LEU D 214 11.15 17.43 24.86
CA LEU D 214 11.80 18.30 23.89
C LEU D 214 13.16 17.74 23.48
N ILE D 215 13.59 18.12 22.28
CA ILE D 215 14.97 17.94 21.84
C ILE D 215 15.70 19.27 21.99
N PRO D 216 17.03 19.30 21.94
CA PRO D 216 17.74 20.57 22.08
C PRO D 216 17.43 21.52 20.94
N THR D 217 17.48 22.83 21.26
CA THR D 217 17.26 23.86 20.24
C THR D 217 18.08 23.58 18.99
N ALA D 218 19.36 23.26 19.16
CA ALA D 218 20.23 22.98 18.02
C ALA D 218 19.72 21.78 17.22
N ALA D 219 19.14 20.79 17.89
CA ALA D 219 18.72 19.60 17.17
C ALA D 219 17.53 19.90 16.29
N HIS D 220 16.63 20.76 16.77
CA HIS D 220 15.49 21.10 15.92
C HIS D 220 15.91 21.99 14.76
N ILE D 221 16.87 22.88 14.99
CA ILE D 221 17.42 23.66 13.87
C ILE D 221 17.97 22.74 12.79
N ARG D 222 18.60 21.63 13.19
CA ARG D 222 19.08 20.67 12.18
CA ARG D 222 19.08 20.68 12.19
C ARG D 222 17.91 20.07 11.41
N ASN D 223 16.80 19.78 12.10
CA ASN D 223 15.63 19.27 11.40
C ASN D 223 15.10 20.27 10.38
N LEU D 224 15.01 21.54 10.78
CA LEU D 224 14.49 22.57 9.88
C LEU D 224 15.41 22.74 8.67
N ASN D 225 16.72 22.74 8.90
CA ASN D 225 17.66 22.86 7.80
C ASN D 225 17.58 21.65 6.87
N ALA D 226 17.34 20.46 7.43
CA ALA D 226 17.17 19.28 6.59
C ALA D 226 15.96 19.43 5.68
N ALA D 227 14.87 19.98 6.21
CA ALA D 227 13.67 20.20 5.41
C ALA D 227 13.94 21.21 4.30
N ARG D 228 14.69 22.28 4.60
CA ARG D 228 15.01 23.26 3.57
C ARG D 228 15.91 22.65 2.50
N LEU D 229 16.89 21.84 2.92
CA LEU D 229 17.73 21.15 1.93
C LEU D 229 16.89 20.24 1.04
N ALA D 230 15.89 19.56 1.62
CA ALA D 230 15.01 18.72 0.81
C ALA D 230 14.25 19.55 -0.23
N ALA D 231 13.63 20.65 0.19
CA ALA D 231 12.93 21.49 -0.77
C ALA D 231 13.88 22.00 -1.85
N ASP D 232 15.10 22.37 -1.46
CA ASP D 232 16.08 22.89 -2.41
C ASP D 232 16.45 21.84 -3.44
N VAL D 233 16.73 20.61 -3.00
CA VAL D 233 17.11 19.59 -3.96
C VAL D 233 15.92 19.18 -4.82
N MET D 234 14.69 19.32 -4.29
CA MET D 234 13.53 19.06 -5.13
C MET D 234 13.23 20.23 -6.06
N GLY D 235 13.82 21.40 -5.82
CA GLY D 235 13.59 22.55 -6.66
C GLY D 235 12.30 23.29 -6.40
N THR D 236 11.72 23.16 -5.20
CA THR D 236 10.40 23.74 -4.94
C THR D 236 10.48 24.73 -3.78
N PRO D 237 9.69 25.81 -3.82
CA PRO D 237 9.74 26.81 -2.74
C PRO D 237 8.79 26.48 -1.61
N THR D 238 8.70 25.19 -1.28
CA THR D 238 7.81 24.70 -0.24
C THR D 238 8.02 25.43 1.07
N LEU D 239 6.92 25.76 1.74
CA LEU D 239 7.01 26.48 3.00
C LEU D 239 7.30 25.53 4.16
N ILE D 240 8.06 26.03 5.15
CA ILE D 240 8.43 25.29 6.35
C ILE D 240 7.85 26.03 7.55
N VAL D 241 7.12 25.30 8.39
CA VAL D 241 6.57 25.84 9.63
C VAL D 241 7.32 25.20 10.79
N ALA D 242 7.92 26.02 11.66
CA ALA D 242 8.58 25.50 12.85
C ALA D 242 7.64 25.60 14.04
N ARG D 243 7.45 24.49 14.73
CA ARG D 243 6.59 24.40 15.89
C ARG D 243 7.42 24.11 17.13
N THR D 244 7.14 24.82 18.23
CA THR D 244 7.73 24.49 19.51
C THR D 244 6.65 23.99 20.48
N ASP D 245 7.00 22.94 21.21
CA ASP D 245 6.14 22.33 22.21
C ASP D 245 6.57 22.69 23.63
N ALA D 246 7.32 23.77 23.79
CA ALA D 246 7.91 24.09 25.08
C ALA D 246 6.92 24.70 26.07
N GLU D 247 5.69 25.02 25.66
CA GLU D 247 4.75 25.60 26.62
C GLU D 247 4.37 24.61 27.69
N ALA D 248 4.25 23.33 27.34
CA ALA D 248 3.79 22.29 28.25
C ALA D 248 4.80 21.19 28.51
N ALA D 249 5.79 21.00 27.63
CA ALA D 249 6.73 19.90 27.81
C ALA D 249 7.60 20.14 29.04
N LYS D 250 7.68 19.14 29.91
CA LYS D 250 8.46 19.22 31.14
C LYS D 250 9.73 18.38 31.09
N LEU D 251 10.03 17.80 29.93
CA LEU D 251 11.17 16.91 29.75
C LEU D 251 11.97 17.35 28.53
N LEU D 252 13.27 17.02 28.55
CA LEU D 252 14.22 17.42 27.53
C LEU D 252 15.28 16.34 27.44
N THR D 253 15.66 15.96 26.21
CA THR D 253 16.57 14.82 26.06
C THR D 253 17.95 15.12 26.63
N SER D 254 18.45 16.33 26.41
CA SER D 254 19.83 16.69 26.75
C SER D 254 19.92 18.17 27.01
N ASP D 255 20.78 18.56 27.95
CA ASP D 255 21.03 19.96 28.26
C ASP D 255 22.26 20.50 27.53
N ILE D 256 22.70 19.81 26.47
CA ILE D 256 23.96 20.12 25.82
C ILE D 256 23.96 21.53 25.23
N ASP D 257 22.80 22.04 24.83
CA ASP D 257 22.70 23.34 24.18
C ASP D 257 22.56 24.43 25.25
N GLU D 258 23.53 25.36 25.31
CA GLU D 258 23.47 26.42 26.31
C GLU D 258 22.19 27.23 26.22
N ARG D 259 21.54 27.28 25.06
CA ARG D 259 20.29 28.03 24.95
C ARG D 259 19.17 27.39 25.76
N ASP D 260 19.27 26.10 26.07
CA ASP D 260 18.24 25.42 26.85
C ASP D 260 18.54 25.37 28.34
N GLN D 261 19.80 25.58 28.72
CA GLN D 261 20.16 25.47 30.13
C GLN D 261 19.43 26.44 31.05
N PRO D 262 19.02 27.64 30.65
CA PRO D 262 18.28 28.50 31.58
C PRO D 262 16.95 27.92 32.04
N PHE D 263 16.45 26.88 31.38
CA PHE D 263 15.15 26.32 31.70
C PHE D 263 15.22 24.94 32.31
N VAL D 264 16.43 24.41 32.50
CA VAL D 264 16.61 23.08 33.07
C VAL D 264 16.49 23.16 34.58
N ASP D 265 15.69 22.27 35.15
CA ASP D 265 15.53 22.16 36.60
C ASP D 265 16.59 21.18 37.09
N TYR D 266 17.77 21.72 37.45
CA TYR D 266 18.87 20.88 37.88
C TYR D 266 18.68 20.31 39.28
N GLU D 267 17.89 20.97 40.13
CA GLU D 267 17.58 20.40 41.43
C GLU D 267 16.76 19.12 41.30
N ALA D 268 15.87 19.05 40.31
CA ALA D 268 15.02 17.87 40.16
C ALA D 268 15.79 16.65 39.69
N GLY D 269 16.90 16.86 38.97
CA GLY D 269 17.67 15.76 38.45
C GLY D 269 17.00 15.12 37.24
N ARG D 270 17.68 14.15 36.67
CA ARG D 270 17.18 13.43 35.50
C ARG D 270 16.18 12.35 35.90
N THR D 271 15.31 12.01 34.96
CA THR D 271 14.41 10.89 35.14
C THR D 271 15.15 9.57 34.95
N ALA D 272 14.47 8.47 35.24
CA ALA D 272 15.09 7.14 35.11
C ALA D 272 15.50 6.86 33.67
N GLU D 273 14.81 7.44 32.70
CA GLU D 273 15.21 7.32 31.30
C GLU D 273 16.40 8.18 30.94
N GLY D 274 16.83 9.06 31.85
CA GLY D 274 17.88 10.00 31.57
C GLY D 274 17.44 11.35 31.02
N PHE D 275 16.14 11.64 31.03
CA PHE D 275 15.65 12.91 30.52
C PHE D 275 15.90 14.00 31.54
N TYR D 276 16.22 15.19 31.05
CA TYR D 276 16.27 16.35 31.91
C TYR D 276 14.86 16.90 32.13
N GLN D 277 14.65 17.50 33.30
CA GLN D 277 13.37 18.12 33.61
C GLN D 277 13.52 19.62 33.42
N VAL D 278 12.51 20.23 32.78
CA VAL D 278 12.59 21.65 32.41
C VAL D 278 11.38 22.39 32.93
N LYS D 279 11.53 23.71 33.05
CA LYS D 279 10.47 24.62 33.46
C LYS D 279 9.75 25.09 32.20
N ASN D 280 8.55 24.60 31.98
CA ASN D 280 7.78 24.85 30.77
C ASN D 280 7.08 26.21 30.83
N GLY D 281 6.80 26.77 29.66
CA GLY D 281 5.95 27.95 29.61
C GLY D 281 6.32 28.84 28.46
N ILE D 282 5.83 30.09 28.56
CA ILE D 282 5.98 31.06 27.48
C ILE D 282 7.44 31.44 27.26
N GLU D 283 8.26 31.47 28.31
CA GLU D 283 9.62 31.96 28.13
C GLU D 283 10.46 31.04 27.25
N PRO D 284 10.51 29.72 27.47
CA PRO D 284 11.27 28.88 26.52
C PRO D 284 10.65 28.82 25.13
N CYS D 285 9.33 29.02 25.01
CA CYS D 285 8.73 29.10 23.68
C CYS D 285 9.25 30.31 22.92
N ILE D 286 9.33 31.46 23.58
CA ILE D 286 9.83 32.66 22.93
C ILE D 286 11.28 32.46 22.51
N ALA D 287 12.10 31.91 23.41
CA ALA D 287 13.52 31.71 23.10
C ALA D 287 13.70 30.78 21.91
N ARG D 288 13.01 29.63 21.94
CA ARG D 288 13.13 28.68 20.84
C ARG D 288 12.59 29.27 19.54
N ALA D 289 11.47 29.97 19.61
CA ALA D 289 10.89 30.58 18.41
C ALA D 289 11.89 31.54 17.77
N ILE D 290 12.55 32.37 18.58
CA ILE D 290 13.50 33.33 18.02
C ILE D 290 14.71 32.60 17.44
N ALA D 291 15.13 31.49 18.07
CA ALA D 291 16.23 30.70 17.53
C ALA D 291 15.86 30.04 16.21
N TYR D 292 14.61 29.55 16.10
CA TYR D 292 14.16 28.86 14.90
C TYR D 292 13.88 29.79 13.73
N ALA D 293 13.60 31.06 14.02
CA ALA D 293 13.03 31.96 13.01
C ALA D 293 13.82 32.06 11.71
N PRO D 294 15.15 32.10 11.69
CA PRO D 294 15.85 32.20 10.40
C PRO D 294 15.73 30.96 9.54
N TYR D 295 15.23 29.86 10.09
CA TYR D 295 15.24 28.55 9.44
C TYR D 295 13.84 28.06 9.07
N CYS D 296 12.86 28.95 9.08
CA CYS D 296 11.49 28.56 8.73
C CYS D 296 10.78 29.77 8.13
N ASP D 297 9.57 29.54 7.65
CA ASP D 297 8.75 30.58 7.07
C ASP D 297 7.63 31.04 7.98
N LEU D 298 7.12 30.16 8.85
CA LEU D 298 6.14 30.52 9.86
C LEU D 298 6.55 29.85 11.17
N ILE D 299 6.20 30.49 12.28
CA ILE D 299 6.50 29.98 13.61
C ILE D 299 5.19 29.72 14.35
N TRP D 300 5.15 28.65 15.13
CA TRP D 300 3.96 28.17 15.82
C TRP D 300 4.36 27.69 17.20
N MET D 301 3.69 28.16 18.25
CA MET D 301 3.85 27.55 19.57
C MET D 301 2.53 26.93 19.99
N GLU D 302 2.59 25.69 20.45
CA GLU D 302 1.41 25.05 21.02
C GLU D 302 1.10 25.70 22.36
N THR D 303 -0.19 25.84 22.68
CA THR D 303 -0.60 26.47 23.92
C THR D 303 -1.63 25.59 24.63
N SER D 304 -1.81 25.84 25.93
CA SER D 304 -2.73 25.04 26.73
C SER D 304 -4.16 25.55 26.70
N LYS D 305 -4.37 26.82 26.35
CA LYS D 305 -5.70 27.41 26.32
C LYS D 305 -5.76 28.41 25.16
N PRO D 306 -6.93 28.63 24.60
CA PRO D 306 -7.06 29.69 23.61
C PRO D 306 -7.02 31.06 24.28
N ASP D 307 -5.86 31.72 24.27
CA ASP D 307 -5.63 32.92 25.08
C ASP D 307 -5.09 34.03 24.17
N LEU D 308 -5.92 35.03 23.89
CA LEU D 308 -5.51 36.11 23.00
C LEU D 308 -4.36 36.93 23.60
N ALA D 309 -4.36 37.11 24.92
CA ALA D 309 -3.31 37.90 25.56
C ALA D 309 -1.95 37.21 25.42
N GLN D 310 -1.91 35.89 25.66
CA GLN D 310 -0.67 35.15 25.47
C GLN D 310 -0.26 35.16 24.01
N ALA D 311 -1.22 35.05 23.09
CA ALA D 311 -0.87 35.08 21.68
C ALA D 311 -0.23 36.40 21.30
N ARG D 312 -0.73 37.51 21.86
CA ARG D 312 -0.11 38.80 21.58
CA ARG D 312 -0.13 38.82 21.63
C ARG D 312 1.28 38.89 22.18
N ARG D 313 1.48 38.38 23.40
CA ARG D 313 2.81 38.44 24.02
C ARG D 313 3.83 37.65 23.23
N PHE D 314 3.46 36.46 22.78
CA PHE D 314 4.37 35.67 21.95
C PHE D 314 4.68 36.40 20.66
N ALA D 315 3.64 36.91 19.97
CA ALA D 315 3.86 37.60 18.71
C ALA D 315 4.75 38.83 18.90
N GLU D 316 4.49 39.63 19.94
CA GLU D 316 5.29 40.83 20.18
C GLU D 316 6.75 40.48 20.46
N ALA D 317 6.98 39.40 21.22
CA ALA D 317 8.35 39.03 21.57
C ALA D 317 9.12 38.51 20.36
N VAL D 318 8.45 37.71 19.52
CA VAL D 318 9.09 37.25 18.29
C VAL D 318 9.40 38.42 17.37
N HIS D 319 8.42 39.33 17.22
CA HIS D 319 8.60 40.46 16.31
C HIS D 319 9.62 41.46 16.81
N LYS D 320 9.90 41.50 18.12
CA LYS D 320 10.98 42.34 18.61
C LYS D 320 12.31 41.90 18.02
N ALA D 321 12.49 40.59 17.82
CA ALA D 321 13.70 40.05 17.21
C ALA D 321 13.60 39.92 15.71
N HIS D 322 12.41 39.66 15.19
CA HIS D 322 12.21 39.38 13.76
C HIS D 322 10.95 40.09 13.31
N PRO D 323 11.05 41.38 13.00
CA PRO D 323 9.86 42.15 12.64
C PRO D 323 9.15 41.55 11.43
N GLY D 324 7.81 41.55 11.49
CA GLY D 324 6.99 41.01 10.44
C GLY D 324 7.03 39.51 10.22
N LYS D 325 7.59 38.74 11.15
CA LYS D 325 7.64 37.29 10.98
C LYS D 325 6.23 36.71 10.93
N LEU D 326 5.98 35.85 9.95
CA LEU D 326 4.67 35.20 9.85
C LEU D 326 4.51 34.15 10.94
N LEU D 327 3.33 34.09 11.53
CA LEU D 327 3.05 33.16 12.61
C LEU D 327 1.86 32.27 12.26
N ALA D 328 1.79 31.11 12.91
CA ALA D 328 0.68 30.18 12.75
C ALA D 328 0.08 29.86 14.12
N TYR D 329 -1.21 29.53 14.14
CA TYR D 329 -1.90 29.28 15.40
C TYR D 329 -2.85 28.11 15.26
N ASN D 330 -2.77 27.17 16.20
CA ASN D 330 -3.64 25.99 16.26
C ASN D 330 -4.87 26.32 17.10
N CYS D 331 -6.04 26.41 16.45
CA CYS D 331 -7.31 26.60 17.16
C CYS D 331 -7.84 25.22 17.52
N SER D 332 -7.37 24.70 18.63
CA SER D 332 -7.40 23.25 18.84
C SER D 332 -8.75 22.78 19.39
N PRO D 333 -9.32 21.71 18.84
CA PRO D 333 -10.47 21.05 19.50
C PRO D 333 -10.11 20.46 20.84
N SER D 334 -8.83 20.40 21.19
CA SER D 334 -8.45 19.92 22.51
C SER D 334 -8.73 20.94 23.60
N PHE D 335 -9.19 22.14 23.22
CA PHE D 335 -9.69 23.14 24.17
C PHE D 335 -11.19 22.96 24.29
N ASN D 336 -11.69 23.13 25.51
CA ASN D 336 -13.13 23.29 25.75
C ASN D 336 -13.42 24.78 25.56
N TRP D 337 -13.99 25.13 24.40
CA TRP D 337 -13.97 26.53 23.97
C TRP D 337 -14.88 27.39 24.84
N LYS D 338 -16.13 26.98 25.03
CA LYS D 338 -17.01 27.79 25.87
C LYS D 338 -16.66 27.72 27.34
N LYS D 339 -15.91 26.71 27.77
CA LYS D 339 -15.40 26.73 29.14
C LYS D 339 -14.39 27.86 29.31
N ASN D 340 -13.56 28.10 28.31
CA ASN D 340 -12.50 29.11 28.38
C ASN D 340 -12.99 30.51 28.04
N LEU D 341 -13.93 30.67 27.10
CA LEU D 341 -14.20 31.97 26.49
C LEU D 341 -15.70 32.22 26.38
N ASP D 342 -16.09 33.49 26.43
CA ASP D 342 -17.47 33.83 26.13
C ASP D 342 -17.68 33.94 24.61
N ASP D 343 -18.95 34.04 24.21
CA ASP D 343 -19.29 33.98 22.79
C ASP D 343 -18.66 35.12 22.01
N ALA D 344 -18.58 36.31 22.60
CA ALA D 344 -18.02 37.46 21.90
C ALA D 344 -16.54 37.26 21.59
N THR D 345 -15.80 36.65 22.52
CA THR D 345 -14.38 36.41 22.29
C THR D 345 -14.17 35.27 21.31
N ILE D 346 -15.01 34.24 21.37
CA ILE D 346 -14.97 33.19 20.36
C ILE D 346 -15.19 33.78 18.97
N ALA D 347 -16.16 34.68 18.84
CA ALA D 347 -16.51 35.21 17.52
C ALA D 347 -15.38 36.02 16.91
N LYS D 348 -14.61 36.75 17.72
CA LYS D 348 -13.56 37.62 17.22
C LYS D 348 -12.18 36.96 17.24
N PHE D 349 -12.08 35.74 17.74
CA PHE D 349 -10.79 35.12 18.06
C PHE D 349 -9.85 35.10 16.86
N GLN D 350 -10.27 34.49 15.75
CA GLN D 350 -9.39 34.40 14.59
C GLN D 350 -9.07 35.77 13.99
N ARG D 351 -10.04 36.69 13.97
CA ARG D 351 -9.78 38.02 13.43
CA ARG D 351 -9.76 38.01 13.42
C ARG D 351 -8.70 38.74 14.24
N GLU D 352 -8.79 38.67 15.57
CA GLU D 352 -7.80 39.32 16.41
C GLU D 352 -6.42 38.71 16.21
N LEU D 353 -6.35 37.37 16.13
CA LEU D 353 -5.08 36.71 15.89
C LEU D 353 -4.45 37.17 14.59
N GLY D 354 -5.27 37.29 13.53
CA GLY D 354 -4.73 37.70 12.25
C GLY D 354 -4.04 39.05 12.33
N ALA D 355 -4.61 39.97 13.10
CA ALA D 355 -4.03 41.30 13.22
C ALA D 355 -2.71 41.29 13.98
N MET D 356 -2.45 40.25 14.78
CA MET D 356 -1.18 40.14 15.49
C MET D 356 -0.06 39.54 14.64
N GLY D 357 -0.40 38.99 13.47
CA GLY D 357 0.57 38.32 12.63
C GLY D 357 0.34 36.84 12.45
N TYR D 358 -0.69 36.24 13.05
CA TYR D 358 -1.01 34.82 12.83
C TYR D 358 -1.74 34.68 11.51
N LYS D 359 -0.98 34.49 10.45
CA LYS D 359 -1.55 34.50 9.11
C LYS D 359 -1.99 33.13 8.64
N PHE D 360 -1.64 32.06 9.35
CA PHE D 360 -2.20 30.75 9.06
C PHE D 360 -2.78 30.18 10.35
N GLN D 361 -4.09 29.96 10.36
CA GLN D 361 -4.79 29.48 11.54
C GLN D 361 -5.58 28.24 11.15
N PHE D 362 -5.60 27.24 12.02
CA PHE D 362 -6.15 25.96 11.59
C PHE D 362 -6.77 25.23 12.77
N ILE D 363 -7.90 24.55 12.53
CA ILE D 363 -8.49 23.67 13.52
C ILE D 363 -8.03 22.25 13.20
N THR D 364 -7.09 21.75 14.01
CA THR D 364 -6.40 20.51 13.69
C THR D 364 -7.36 19.34 13.52
N LEU D 365 -8.25 19.11 14.49
CA LEU D 365 -9.02 17.87 14.54
C LEU D 365 -10.45 18.05 14.05
N ALA D 366 -10.72 19.06 13.23
CA ALA D 366 -12.09 19.35 12.82
C ALA D 366 -12.70 18.19 12.05
N GLY D 367 -11.91 17.56 11.16
CA GLY D 367 -12.45 16.48 10.35
C GLY D 367 -12.86 15.28 11.17
N PHE D 368 -12.07 14.96 12.21
CA PHE D 368 -12.39 13.86 13.11
C PHE D 368 -13.70 14.13 13.85
N HIS D 369 -13.83 15.33 14.40
CA HIS D 369 -15.02 15.59 15.19
C HIS D 369 -16.27 15.66 14.32
N GLN D 370 -16.17 16.28 13.14
CA GLN D 370 -17.34 16.31 12.26
CA GLN D 370 -17.32 16.31 12.23
C GLN D 370 -17.71 14.90 11.80
N LEU D 371 -16.73 14.10 11.39
CA LEU D 371 -17.03 12.75 10.92
C LEU D 371 -17.68 11.91 12.02
N ASN D 372 -17.10 11.93 13.21
CA ASN D 372 -17.58 11.02 14.26
C ASN D 372 -18.90 11.49 14.84
N TYR D 373 -19.05 12.80 15.06
CA TYR D 373 -20.33 13.31 15.53
C TYR D 373 -21.43 13.04 14.52
N GLY D 374 -21.18 13.39 13.25
CA GLY D 374 -22.22 13.23 12.24
C GLY D 374 -22.70 11.79 12.10
N MET D 375 -21.76 10.83 12.10
CA MET D 375 -22.18 9.44 11.94
C MET D 375 -22.78 8.87 13.22
N PHE D 376 -22.31 9.26 14.40
CA PHE D 376 -23.00 8.81 15.60
C PHE D 376 -24.45 9.24 15.60
N GLU D 377 -24.71 10.49 15.22
CA GLU D 377 -26.09 10.98 15.27
C GLU D 377 -26.94 10.37 14.18
N LEU D 378 -26.38 10.17 12.98
CA LEU D 378 -27.14 9.49 11.94
C LEU D 378 -27.43 8.05 12.35
N ALA D 379 -26.43 7.35 12.88
CA ALA D 379 -26.63 5.95 13.28
C ALA D 379 -27.67 5.85 14.39
N ARG D 380 -27.63 6.77 15.36
CA ARG D 380 -28.61 6.76 16.44
C ARG D 380 -30.02 6.99 15.92
N GLY D 381 -30.18 7.96 15.01
CA GLY D 381 -31.50 8.20 14.42
C GLY D 381 -31.97 7.02 13.58
N TYR D 382 -31.05 6.41 12.84
CA TYR D 382 -31.39 5.25 12.01
C TYR D 382 -31.84 4.08 12.87
N LYS D 383 -31.14 3.83 13.98
CA LYS D 383 -31.61 2.78 14.89
C LYS D 383 -33.01 3.09 15.42
N ASP D 384 -33.28 4.36 15.74
CA ASP D 384 -34.56 4.72 16.32
C ASP D 384 -35.67 4.75 15.27
N ARG D 385 -35.39 5.38 14.11
CA ARG D 385 -36.45 5.72 13.16
C ARG D 385 -36.20 5.23 11.75
N GLN D 386 -35.12 4.48 11.50
CA GLN D 386 -34.79 3.91 10.21
C GLN D 386 -34.79 4.93 9.07
N MET D 387 -35.59 4.72 8.02
CA MET D 387 -35.44 5.57 6.86
C MET D 387 -35.85 7.02 7.13
N ALA D 388 -36.69 7.27 8.14
CA ALA D 388 -37.01 8.64 8.50
C ALA D 388 -35.76 9.45 8.81
N ALA D 389 -34.80 8.85 9.51
CA ALA D 389 -33.56 9.55 9.84
C ALA D 389 -32.74 9.84 8.59
N TYR D 390 -32.70 8.90 7.65
CA TYR D 390 -31.89 9.16 6.46
C TYR D 390 -32.57 10.21 5.58
N SER D 391 -33.89 10.13 5.44
CA SER D 391 -34.58 11.13 4.63
C SER D 391 -34.38 12.52 5.19
N GLU D 392 -34.24 12.65 6.51
CA GLU D 392 -33.93 13.95 7.11
C GLU D 392 -32.57 14.48 6.63
N LEU D 393 -31.57 13.60 6.54
CA LEU D 393 -30.28 13.99 6.00
C LEU D 393 -30.41 14.41 4.54
N GLN D 394 -31.10 13.60 3.73
CA GLN D 394 -31.24 13.91 2.32
C GLN D 394 -31.94 15.26 2.12
N GLN D 395 -32.96 15.54 2.94
CA GLN D 395 -33.66 16.82 2.80
C GLN D 395 -32.77 17.98 3.22
N ALA D 396 -31.92 17.77 4.24
CA ALA D 396 -30.95 18.79 4.62
C ALA D 396 -29.95 19.04 3.51
N GLU D 397 -29.52 17.98 2.83
CA GLU D 397 -28.69 18.14 1.64
C GLU D 397 -29.38 18.98 0.58
N PHE D 398 -30.63 18.64 0.23
CA PHE D 398 -31.39 19.45 -0.71
C PHE D 398 -31.44 20.91 -0.27
N ALA D 399 -31.66 21.14 1.02
CA ALA D 399 -31.77 22.50 1.52
C ALA D 399 -30.47 23.28 1.43
N ALA D 400 -29.33 22.59 1.42
CA ALA D 400 -28.03 23.26 1.34
C ALA D 400 -27.60 23.58 -0.07
N GLU D 401 -28.33 23.09 -1.09
CA GLU D 401 -27.91 23.34 -2.46
C GLU D 401 -27.95 24.82 -2.81
N ALA D 402 -28.88 25.57 -2.22
CA ALA D 402 -28.95 27.00 -2.47
C ALA D 402 -27.69 27.73 -1.99
N ASP D 403 -26.94 27.11 -1.08
CA ASP D 403 -25.68 27.65 -0.58
C ASP D 403 -24.47 27.05 -1.29
N GLY D 404 -24.67 26.27 -2.34
CA GLY D 404 -23.58 25.73 -3.12
C GLY D 404 -23.28 24.26 -2.92
N TYR D 405 -24.02 23.56 -2.06
CA TYR D 405 -23.80 22.13 -1.87
C TYR D 405 -24.24 21.38 -3.12
N THR D 406 -23.43 20.40 -3.55
CA THR D 406 -23.76 19.65 -4.75
C THR D 406 -23.79 18.13 -4.59
N ALA D 407 -23.29 17.59 -3.47
CA ALA D 407 -23.08 16.15 -3.37
C ALA D 407 -24.37 15.35 -3.22
N THR D 408 -25.53 16.01 -3.08
CA THR D 408 -26.78 15.26 -3.12
C THR D 408 -26.85 14.43 -4.41
N LYS D 409 -26.39 15.02 -5.50
CA LYS D 409 -26.22 14.31 -6.77
C LYS D 409 -24.85 13.65 -6.74
N HIS D 410 -24.79 12.51 -6.04
CA HIS D 410 -23.50 11.89 -5.77
C HIS D 410 -22.86 11.29 -7.01
N GLN D 411 -23.65 10.94 -8.04
CA GLN D 411 -23.03 10.37 -9.24
C GLN D 411 -22.21 11.42 -9.96
N ARG D 412 -22.77 12.61 -10.15
CA ARG D 412 -21.99 13.70 -10.74
C ARG D 412 -20.79 14.03 -9.87
N GLU D 413 -20.97 14.01 -8.55
CA GLU D 413 -19.96 14.51 -7.62
C GLU D 413 -18.65 13.75 -7.74
N VAL D 414 -18.72 12.42 -7.95
CA VAL D 414 -17.52 11.58 -8.00
C VAL D 414 -16.99 11.41 -9.40
N GLY D 415 -17.60 12.03 -10.40
CA GLY D 415 -17.07 12.02 -11.75
C GLY D 415 -17.75 11.11 -12.76
N THR D 416 -18.99 10.67 -12.50
CA THR D 416 -19.65 9.78 -13.45
C THR D 416 -19.87 10.48 -14.78
N GLY D 417 -20.20 11.78 -14.74
CA GLY D 417 -20.35 12.53 -15.98
C GLY D 417 -19.04 12.75 -16.70
N TYR D 418 -17.97 13.00 -15.94
CA TYR D 418 -16.64 13.13 -16.53
C TYR D 418 -16.24 11.85 -17.27
N PHE D 419 -16.40 10.70 -16.63
CA PHE D 419 -16.01 9.45 -17.29
C PHE D 419 -16.96 9.07 -18.41
N ASP D 420 -18.22 9.52 -18.36
CA ASP D 420 -19.07 9.41 -19.54
C ASP D 420 -18.46 10.15 -20.73
N ALA D 421 -17.95 11.36 -20.47
CA ALA D 421 -17.36 12.16 -21.55
C ALA D 421 -16.07 11.51 -22.07
N VAL D 422 -15.27 10.94 -21.17
CA VAL D 422 -14.13 10.14 -21.60
C VAL D 422 -14.59 9.01 -22.51
N SER D 423 -15.60 8.25 -22.06
CA SER D 423 -16.09 7.11 -22.85
CA SER D 423 -16.07 7.10 -22.85
C SER D 423 -16.56 7.54 -24.23
N LEU D 424 -17.29 8.65 -24.30
CA LEU D 424 -17.80 9.12 -25.59
C LEU D 424 -16.68 9.57 -26.52
N ALA D 425 -15.61 10.14 -25.97
CA ALA D 425 -14.48 10.53 -26.81
C ALA D 425 -13.78 9.30 -27.37
N ILE D 426 -13.69 8.23 -26.57
CA ILE D 426 -13.07 6.99 -27.02
C ILE D 426 -13.91 6.35 -28.13
N THR D 427 -15.23 6.36 -27.99
CA THR D 427 -16.12 5.58 -28.85
C THR D 427 -16.72 6.38 -29.99
N GLY D 428 -16.25 7.60 -30.23
CA GLY D 428 -16.85 8.41 -31.26
C GLY D 428 -18.29 8.81 -30.99
N GLY D 429 -18.71 8.78 -29.73
CA GLY D 429 -20.03 9.23 -29.35
C GLY D 429 -21.11 8.17 -29.33
N GLN D 430 -20.76 6.88 -29.47
CA GLN D 430 -21.76 5.87 -29.81
C GLN D 430 -21.72 4.67 -28.86
N SER D 431 -21.50 4.91 -27.57
CA SER D 431 -21.44 3.80 -26.62
C SER D 431 -22.84 3.42 -26.14
N SER D 432 -23.09 2.10 -26.06
CA SER D 432 -24.32 1.57 -25.50
C SER D 432 -24.33 1.57 -23.97
N THR D 433 -23.20 1.86 -23.33
CA THR D 433 -23.04 1.60 -21.90
C THR D 433 -22.66 2.85 -21.11
N THR D 434 -23.10 4.03 -21.54
CA THR D 434 -22.89 5.21 -20.71
C THR D 434 -23.86 5.17 -19.53
N ALA D 435 -23.48 5.89 -18.46
CA ALA D 435 -24.07 5.70 -17.14
C ALA D 435 -25.14 6.72 -16.76
N MET D 436 -24.97 8.00 -17.12
CA MET D 436 -25.82 9.04 -16.53
C MET D 436 -27.20 9.13 -17.17
N LYS D 437 -27.31 8.90 -18.48
CA LYS D 437 -28.56 9.23 -19.18
C LYS D 437 -29.75 8.50 -18.59
N GLU D 438 -29.60 7.22 -18.26
CA GLU D 438 -30.69 6.42 -17.69
CA GLU D 438 -30.69 6.42 -17.69
C GLU D 438 -30.51 6.18 -16.19
N SER D 439 -29.76 7.03 -15.50
CA SER D 439 -29.54 6.90 -14.08
C SER D 439 -30.77 7.38 -13.30
N THR D 440 -30.91 6.89 -12.06
CA THR D 440 -31.96 7.45 -11.21
C THR D 440 -31.63 8.87 -10.78
N GLU D 441 -30.35 9.25 -10.82
CA GLU D 441 -29.99 10.63 -10.52
C GLU D 441 -30.60 11.58 -11.54
N THR D 442 -30.44 11.27 -12.82
CA THR D 442 -31.03 12.12 -13.86
C THR D 442 -32.55 12.11 -13.77
N ALA D 443 -33.15 11.01 -13.33
CA ALA D 443 -34.60 10.87 -13.32
C ALA D 443 -35.26 11.47 -12.08
N GLN D 444 -34.62 11.37 -10.91
CA GLN D 444 -35.29 11.69 -9.66
C GLN D 444 -34.74 12.93 -8.95
N PHE D 445 -33.67 13.53 -9.46
CA PHE D 445 -33.05 14.67 -8.81
C PHE D 445 -33.10 15.92 -9.68
N LYS D 446 -34.09 16.03 -10.54
CA LYS D 446 -34.27 17.23 -11.33
C LYS D 446 -34.89 18.33 -10.46
N PRO D 447 -34.53 19.61 -10.68
CA PRO D 447 -35.13 20.72 -9.94
C PRO D 447 -36.49 21.12 -10.51
C1 EDO E . 7.60 -5.99 -4.13
O1 EDO E . 7.59 -5.35 -5.42
C2 EDO E . 8.51 -5.22 -3.16
O2 EDO E . 8.70 -5.99 -1.96
C1 ITN F . 22.26 -5.63 10.06
C2 ITN F . 23.23 -6.34 9.07
C3 ITN F . 24.46 -5.53 8.68
C5 ITN F . 25.52 -6.38 7.90
O3 ITN F . 26.44 -5.72 7.36
O4 ITN F . 25.35 -7.63 7.87
C4 ITN F . 24.10 -4.26 7.88
O1 ITN F . 21.06 -6.06 10.09
O2 ITN F . 22.76 -4.70 10.76
MG MG G . 19.13 -4.68 10.21
S SO4 H . 30.49 18.17 28.74
O1 SO4 H . 30.33 16.79 29.20
O2 SO4 H . 31.13 18.20 27.44
O3 SO4 H . 31.32 18.91 29.69
O4 SO4 H . 29.17 18.81 28.64
C1 EDO I . -0.19 -14.92 5.47
O1 EDO I . 0.37 -13.96 6.38
C2 EDO I . -1.59 -14.49 5.00
O2 EDO I . -2.09 -15.40 3.98
C1 EDO J . 1.27 -1.49 35.69
O1 EDO J . 0.20 -2.29 35.14
C2 EDO J . 2.19 -2.32 36.58
O2 EDO J . 2.47 -3.61 35.99
C1 EDO K . -6.46 -7.79 11.24
O1 EDO K . -5.95 -7.54 12.56
C2 EDO K . -7.95 -7.46 11.17
O2 EDO K . -8.46 -7.69 9.84
C1 ITN L . 3.31 -12.35 -21.61
C2 ITN L . 4.60 -13.22 -21.57
C3 ITN L . 4.33 -14.73 -21.62
C5 ITN L . 5.64 -15.54 -21.93
O3 ITN L . 6.66 -14.88 -22.27
O4 ITN L . 5.55 -16.79 -21.81
C4 ITN L . 3.60 -15.21 -20.36
O1 ITN L . 2.27 -12.93 -22.03
O2 ITN L . 3.42 -11.16 -21.20
MG MG M . 1.85 -10.08 -19.62
C1 EDO N . -8.44 5.60 3.00
O1 EDO N . -9.20 4.39 3.19
C2 EDO N . -7.61 5.90 4.25
O2 EDO N . -6.92 7.16 4.13
C1 ITN O . -24.36 -0.46 -5.40
C2 ITN O . -25.15 0.74 -4.80
C3 ITN O . -25.71 1.73 -5.81
C5 ITN O . -26.75 2.70 -5.15
O3 ITN O . -27.19 2.36 -4.02
O4 ITN O . -27.06 3.71 -5.82
C4 ITN O . -24.61 2.52 -6.54
O1 ITN O . -24.59 -0.71 -6.62
O2 ITN O . -23.57 -1.06 -4.64
MG MG P . -21.31 -1.73 -5.39
MG MG Q . 0.42 16.49 14.84
C1 ITN R . -1.07 18.38 16.99
C2 ITN R . -2.54 18.76 17.34
C3 ITN R . -2.94 18.45 18.78
C5 ITN R . -4.28 19.15 19.19
O3 ITN R . -4.76 18.78 20.29
O4 ITN R . -4.74 20.01 18.40
C4 ITN R . -3.03 16.95 19.04
O1 ITN R . -0.81 18.22 15.77
O2 ITN R . -0.26 18.28 17.96
S SO4 S . 20.93 12.87 38.16
O1 SO4 S . 19.51 12.76 38.48
O2 SO4 S . 21.35 11.67 37.44
O3 SO4 S . 21.70 13.00 39.39
O4 SO4 S . 21.17 14.05 37.33
C1 EDO T . -1.19 13.92 -7.05
O1 EDO T . -0.15 13.95 -6.04
C2 EDO T . -0.84 12.91 -8.15
O2 EDO T . -1.80 12.95 -9.22
#